data_1RAS
# 
_entry.id   1RAS 
# 
_audit_conform.dict_name       mmcif_pdbx.dic 
_audit_conform.dict_version    5.399 
_audit_conform.dict_location   http://mmcif.pdb.org/dictionaries/ascii/mmcif_pdbx.dic 
# 
loop_
_database_2.database_id 
_database_2.database_code 
_database_2.pdbx_database_accession 
_database_2.pdbx_DOI 
PDB   1RAS         pdb_00001ras 10.2210/pdb1ras/pdb 
WWPDB D_1000175977 ?            ?                   
# 
loop_
_pdbx_audit_revision_history.ordinal 
_pdbx_audit_revision_history.data_content_type 
_pdbx_audit_revision_history.major_revision 
_pdbx_audit_revision_history.minor_revision 
_pdbx_audit_revision_history.revision_date 
1 'Structure model' 1 0 1993-10-31 
2 'Structure model' 1 1 2008-03-24 
3 'Structure model' 1 2 2011-07-13 
4 'Structure model' 1 3 2024-06-05 
5 'Structure model' 1 4 2024-11-20 
# 
_pdbx_audit_revision_details.ordinal             1 
_pdbx_audit_revision_details.revision_ordinal    1 
_pdbx_audit_revision_details.data_content_type   'Structure model' 
_pdbx_audit_revision_details.provider            repository 
_pdbx_audit_revision_details.type                'Initial release' 
_pdbx_audit_revision_details.description         ? 
_pdbx_audit_revision_details.details             ? 
# 
loop_
_pdbx_audit_revision_group.ordinal 
_pdbx_audit_revision_group.revision_ordinal 
_pdbx_audit_revision_group.data_content_type 
_pdbx_audit_revision_group.group 
1 2 'Structure model' 'Version format compliance' 
2 3 'Structure model' 'Version format compliance' 
3 4 'Structure model' 'Data collection'           
4 4 'Structure model' 'Database references'       
5 4 'Structure model' 'Derived calculations'      
6 4 'Structure model' Other                       
7 5 'Structure model' 'Structure summary'         
# 
loop_
_pdbx_audit_revision_category.ordinal 
_pdbx_audit_revision_category.revision_ordinal 
_pdbx_audit_revision_category.data_content_type 
_pdbx_audit_revision_category.category 
1 4 'Structure model' chem_comp_atom            
2 4 'Structure model' chem_comp_bond            
3 4 'Structure model' database_2                
4 4 'Structure model' pdbx_database_status      
5 4 'Structure model' struct_conn               
6 4 'Structure model' struct_site               
7 5 'Structure model' pdbx_entry_details        
8 5 'Structure model' pdbx_modification_feature 
# 
loop_
_pdbx_audit_revision_item.ordinal 
_pdbx_audit_revision_item.revision_ordinal 
_pdbx_audit_revision_item.data_content_type 
_pdbx_audit_revision_item.item 
1 4 'Structure model' '_database_2.pdbx_DOI'                         
2 4 'Structure model' '_database_2.pdbx_database_accession'          
3 4 'Structure model' '_pdbx_database_status.process_site'           
4 4 'Structure model' '_struct_conn.pdbx_leaving_atom_flag'          
5 4 'Structure model' '_struct_site.pdbx_auth_asym_id'               
6 4 'Structure model' '_struct_site.pdbx_auth_comp_id'               
7 4 'Structure model' '_struct_site.pdbx_auth_seq_id'                
8 5 'Structure model' '_pdbx_entry_details.has_protein_modification' 
# 
_pdbx_database_status.status_code                     REL 
_pdbx_database_status.entry_id                        1RAS 
_pdbx_database_status.recvd_initial_deposition_date   1993-03-02 
_pdbx_database_status.deposit_site                    ? 
_pdbx_database_status.process_site                    BNL 
_pdbx_database_status.SG_entry                        . 
_pdbx_database_status.status_code_sf                  ? 
_pdbx_database_status.status_code_mr                  ? 
_pdbx_database_status.pdb_format_compatible           Y 
_pdbx_database_status.status_code_cs                  ? 
_pdbx_database_status.status_code_nmr_data            ? 
_pdbx_database_status.methods_development_category    ? 
# 
_pdbx_database_related.db_name        PDB 
_pdbx_database_related.db_id          4SRN 
_pdbx_database_related.details        . 
_pdbx_database_related.content_type   unspecified 
# 
loop_
_audit_author.name 
_audit_author.pdbx_ordinal 
'Baudet-Nessler, S.' 1 
'Jullien, M.'        2 
'Crosio, M.-P.'      3 
'Janin, J.'          4 
# 
loop_
_citation.id 
_citation.title 
_citation.journal_abbrev 
_citation.journal_volume 
_citation.page_first 
_citation.page_last 
_citation.year 
_citation.journal_id_ASTM 
_citation.country 
_citation.journal_id_ISSN 
_citation.journal_id_CSD 
_citation.book_publisher 
_citation.pdbx_database_id_PubMed 
_citation.pdbx_database_id_DOI 
primary 'Crystal structure of a fluorescent derivative of RNase A.' Biochemistry 32 8457 8464 1993 BICHAW US 0006-2960 0033 ? 
8357795 10.1021/bi00084a010 
1       'Fluorescent Probe of Ribonuclease A Conformation'          Biochemistry 20 7021 ?    1981 BICHAW US 0006-2960 0033 ? ? ? 
# 
loop_
_citation_author.citation_id 
_citation_author.name 
_citation_author.ordinal 
_citation_author.identifier_ORCID 
primary 'Baudet-Nessler, S.' 1 ? 
primary 'Jullien, M.'        2 ? 
primary 'Crosio, M.P.'       3 ? 
primary 'Janin, J.'          4 ? 
1       'Jullien, M.'        5 ? 
1       'Garel, J.-R.'       6 ? 
# 
loop_
_entity.id 
_entity.type 
_entity.src_method 
_entity.pdbx_description 
_entity.formula_weight 
_entity.pdbx_number_of_molecules 
_entity.pdbx_ec 
_entity.pdbx_mutation 
_entity.pdbx_fragment 
_entity.details 
1 polymer     man 'RIBONUCLEASE A'                             13579.146 1   3.1.27.5 ? ? ? 
2 non-polymer syn '5-(1-SULFONAPHTHYL)-ACETYLAMINO-ETHYLAMINE' 308.353   1   ?        ? ? ? 
3 water       nat water                                        18.015    100 ?        ? ? ? 
# 
_entity_poly.entity_id                      1 
_entity_poly.type                           'polypeptide(L)' 
_entity_poly.nstd_linkage                   no 
_entity_poly.nstd_monomer                   no 
_entity_poly.pdbx_seq_one_letter_code       
;ETAAAKFERQHMDSSTSAASSSNYCNQMMKSRNLTKDRCKPVNTFVHESLADVQAVCSQKNVACKNGQTNCYQSYSTMSI
TDCRETGSSKYPNCAYKTTQANKHIIVACEGNPYVPVHFDASV
;
_entity_poly.pdbx_seq_one_letter_code_can   
;ETAAAKFERQHMDSSTSAASSSNYCNQMMKSRNLTKDRCKPVNTFVHESLADVQAVCSQKNVACKNGQTNCYQSYSTMSI
TDCRETGSSKYPNCAYKTTQANKHIIVACEGNPYVPVHFDASV
;
_entity_poly.pdbx_strand_id                 A 
_entity_poly.pdbx_target_identifier         ? 
# 
loop_
_pdbx_entity_nonpoly.entity_id 
_pdbx_entity_nonpoly.name 
_pdbx_entity_nonpoly.comp_id 
2 '5-(1-SULFONAPHTHYL)-ACETYLAMINO-ETHYLAMINE' AEN 
3 water                                        HOH 
# 
loop_
_entity_poly_seq.entity_id 
_entity_poly_seq.num 
_entity_poly_seq.mon_id 
_entity_poly_seq.hetero 
1 1   GLU n 
1 2   THR n 
1 3   ALA n 
1 4   ALA n 
1 5   ALA n 
1 6   LYS n 
1 7   PHE n 
1 8   GLU n 
1 9   ARG n 
1 10  GLN n 
1 11  HIS n 
1 12  MET n 
1 13  ASP n 
1 14  SER n 
1 15  SER n 
1 16  THR n 
1 17  SER n 
1 18  ALA n 
1 19  ALA n 
1 20  SER n 
1 21  SER n 
1 22  SER n 
1 23  ASN n 
1 24  TYR n 
1 25  CYS n 
1 26  ASN n 
1 27  GLN n 
1 28  MET n 
1 29  MET n 
1 30  LYS n 
1 31  SER n 
1 32  ARG n 
1 33  ASN n 
1 34  LEU n 
1 35  THR n 
1 36  LYS n 
1 37  ASP n 
1 38  ARG n 
1 39  CYS n 
1 40  LYS n 
1 41  PRO n 
1 42  VAL n 
1 43  ASN n 
1 44  THR n 
1 45  PHE n 
1 46  VAL n 
1 47  HIS n 
1 48  GLU n 
1 49  SER n 
1 50  LEU n 
1 51  ALA n 
1 52  ASP n 
1 53  VAL n 
1 54  GLN n 
1 55  ALA n 
1 56  VAL n 
1 57  CYS n 
1 58  SER n 
1 59  GLN n 
1 60  LYS n 
1 61  ASN n 
1 62  VAL n 
1 63  ALA n 
1 64  CYS n 
1 65  LYS n 
1 66  ASN n 
1 67  GLY n 
1 68  GLN n 
1 69  THR n 
1 70  ASN n 
1 71  CYS n 
1 72  TYR n 
1 73  GLN n 
1 74  SER n 
1 75  TYR n 
1 76  SER n 
1 77  THR n 
1 78  MET n 
1 79  SER n 
1 80  ILE n 
1 81  THR n 
1 82  ASP n 
1 83  CYS n 
1 84  ARG n 
1 85  GLU n 
1 86  THR n 
1 87  GLY n 
1 88  SER n 
1 89  SER n 
1 90  LYS n 
1 91  TYR n 
1 92  PRO n 
1 93  ASN n 
1 94  CYS n 
1 95  ALA n 
1 96  TYR n 
1 97  LYS n 
1 98  THR n 
1 99  THR n 
1 100 GLN n 
1 101 ALA n 
1 102 ASN n 
1 103 LYS n 
1 104 HIS n 
1 105 ILE n 
1 106 ILE n 
1 107 VAL n 
1 108 ALA n 
1 109 CYS n 
1 110 GLU n 
1 111 GLY n 
1 112 ASN n 
1 113 PRO n 
1 114 TYR n 
1 115 VAL n 
1 116 PRO n 
1 117 VAL n 
1 118 HIS n 
1 119 PHE n 
1 120 ASP n 
1 121 ALA n 
1 122 SER n 
1 123 VAL n 
# 
_entity_src_gen.entity_id                          1 
_entity_src_gen.pdbx_src_id                        1 
_entity_src_gen.pdbx_alt_source_flag               sample 
_entity_src_gen.pdbx_seq_type                      ? 
_entity_src_gen.pdbx_beg_seq_num                   ? 
_entity_src_gen.pdbx_end_seq_num                   ? 
_entity_src_gen.gene_src_common_name               cattle 
_entity_src_gen.gene_src_genus                     Bos 
_entity_src_gen.pdbx_gene_src_gene                 ? 
_entity_src_gen.gene_src_species                   ? 
_entity_src_gen.gene_src_strain                    ? 
_entity_src_gen.gene_src_tissue                    ? 
_entity_src_gen.gene_src_tissue_fraction           ? 
_entity_src_gen.gene_src_details                   ? 
_entity_src_gen.pdbx_gene_src_fragment             ? 
_entity_src_gen.pdbx_gene_src_scientific_name      'Bos taurus' 
_entity_src_gen.pdbx_gene_src_ncbi_taxonomy_id     9913 
_entity_src_gen.pdbx_gene_src_variant              ? 
_entity_src_gen.pdbx_gene_src_cell_line            ? 
_entity_src_gen.pdbx_gene_src_atcc                 ? 
_entity_src_gen.pdbx_gene_src_organ                PANCREAS 
_entity_src_gen.pdbx_gene_src_organelle            ? 
_entity_src_gen.pdbx_gene_src_cell                 ? 
_entity_src_gen.pdbx_gene_src_cellular_location    ? 
_entity_src_gen.host_org_common_name               ? 
_entity_src_gen.pdbx_host_org_scientific_name      ? 
_entity_src_gen.pdbx_host_org_ncbi_taxonomy_id     ? 
_entity_src_gen.host_org_genus                     ? 
_entity_src_gen.pdbx_host_org_gene                 ? 
_entity_src_gen.pdbx_host_org_organ                ? 
_entity_src_gen.host_org_species                   ? 
_entity_src_gen.pdbx_host_org_tissue               ? 
_entity_src_gen.pdbx_host_org_tissue_fraction      ? 
_entity_src_gen.pdbx_host_org_strain               ? 
_entity_src_gen.pdbx_host_org_variant              ? 
_entity_src_gen.pdbx_host_org_cell_line            ? 
_entity_src_gen.pdbx_host_org_atcc                 ? 
_entity_src_gen.pdbx_host_org_culture_collection   ? 
_entity_src_gen.pdbx_host_org_cell                 ? 
_entity_src_gen.pdbx_host_org_organelle            ? 
_entity_src_gen.pdbx_host_org_cellular_location    ? 
_entity_src_gen.pdbx_host_org_vector_type          ? 
_entity_src_gen.pdbx_host_org_vector               ? 
_entity_src_gen.host_org_details                   ? 
_entity_src_gen.expression_system_id               ? 
_entity_src_gen.plasmid_name                       ? 
_entity_src_gen.plasmid_details                    ? 
_entity_src_gen.pdbx_description                   ? 
# 
loop_
_chem_comp.id 
_chem_comp.type 
_chem_comp.mon_nstd_flag 
_chem_comp.name 
_chem_comp.pdbx_synonyms 
_chem_comp.formula 
_chem_comp.formula_weight 
AEN non-polymer         . '5-(1-SULFONAPHTHYL)-ACETYLAMINO-ETHYLAMINE' ? 'C14 H16 N2 O4 S' 308.353 
ALA 'L-peptide linking' y ALANINE                                      ? 'C3 H7 N O2'      89.093  
ARG 'L-peptide linking' y ARGININE                                     ? 'C6 H15 N4 O2 1'  175.209 
ASN 'L-peptide linking' y ASPARAGINE                                   ? 'C4 H8 N2 O3'     132.118 
ASP 'L-peptide linking' y 'ASPARTIC ACID'                              ? 'C4 H7 N O4'      133.103 
CYS 'L-peptide linking' y CYSTEINE                                     ? 'C3 H7 N O2 S'    121.158 
GLN 'L-peptide linking' y GLUTAMINE                                    ? 'C5 H10 N2 O3'    146.144 
GLU 'L-peptide linking' y 'GLUTAMIC ACID'                              ? 'C5 H9 N O4'      147.129 
GLY 'peptide linking'   y GLYCINE                                      ? 'C2 H5 N O2'      75.067  
HIS 'L-peptide linking' y HISTIDINE                                    ? 'C6 H10 N3 O2 1'  156.162 
HOH non-polymer         . WATER                                        ? 'H2 O'            18.015  
ILE 'L-peptide linking' y ISOLEUCINE                                   ? 'C6 H13 N O2'     131.173 
LEU 'L-peptide linking' y LEUCINE                                      ? 'C6 H13 N O2'     131.173 
LYS 'L-peptide linking' y LYSINE                                       ? 'C6 H15 N2 O2 1'  147.195 
MET 'L-peptide linking' y METHIONINE                                   ? 'C5 H11 N O2 S'   149.211 
PHE 'L-peptide linking' y PHENYLALANINE                                ? 'C9 H11 N O2'     165.189 
PRO 'L-peptide linking' y PROLINE                                      ? 'C5 H9 N O2'      115.130 
SER 'L-peptide linking' y SERINE                                       ? 'C3 H7 N O3'      105.093 
THR 'L-peptide linking' y THREONINE                                    ? 'C4 H9 N O3'      119.119 
TYR 'L-peptide linking' y TYROSINE                                     ? 'C9 H11 N O3'     181.189 
VAL 'L-peptide linking' y VALINE                                       ? 'C5 H11 N O2'     117.146 
# 
loop_
_pdbx_poly_seq_scheme.asym_id 
_pdbx_poly_seq_scheme.entity_id 
_pdbx_poly_seq_scheme.seq_id 
_pdbx_poly_seq_scheme.mon_id 
_pdbx_poly_seq_scheme.ndb_seq_num 
_pdbx_poly_seq_scheme.pdb_seq_num 
_pdbx_poly_seq_scheme.auth_seq_num 
_pdbx_poly_seq_scheme.pdb_mon_id 
_pdbx_poly_seq_scheme.auth_mon_id 
_pdbx_poly_seq_scheme.pdb_strand_id 
_pdbx_poly_seq_scheme.pdb_ins_code 
_pdbx_poly_seq_scheme.hetero 
A 1 1   GLU 1   2   2   GLU GLU A . n 
A 1 2   THR 2   3   3   THR THR A . n 
A 1 3   ALA 3   4   4   ALA ALA A . n 
A 1 4   ALA 4   5   5   ALA ALA A . n 
A 1 5   ALA 5   6   6   ALA ALA A . n 
A 1 6   LYS 6   7   7   LYS LYS A . n 
A 1 7   PHE 7   8   8   PHE PHE A . n 
A 1 8   GLU 8   9   9   GLU GLU A . n 
A 1 9   ARG 9   10  10  ARG ARG A . n 
A 1 10  GLN 10  11  11  GLN GLN A . n 
A 1 11  HIS 11  12  12  HIS HIS A . n 
A 1 12  MET 12  13  13  MET MET A . n 
A 1 13  ASP 13  14  14  ASP ASP A . n 
A 1 14  SER 14  15  15  SER SER A . n 
A 1 15  SER 15  16  16  SER SER A . n 
A 1 16  THR 16  17  17  THR THR A . n 
A 1 17  SER 17  18  18  SER SER A . n 
A 1 18  ALA 18  19  19  ALA ALA A . n 
A 1 19  ALA 19  20  20  ALA ALA A . n 
A 1 20  SER 20  21  21  SER SER A . n 
A 1 21  SER 21  22  22  SER SER A . n 
A 1 22  SER 22  23  23  SER SER A . n 
A 1 23  ASN 23  24  24  ASN ASN A . n 
A 1 24  TYR 24  25  25  TYR TYR A . n 
A 1 25  CYS 25  26  26  CYS CYS A . n 
A 1 26  ASN 26  27  27  ASN ASN A . n 
A 1 27  GLN 27  28  28  GLN GLN A . n 
A 1 28  MET 28  29  29  MET MET A . n 
A 1 29  MET 29  30  30  MET MET A . n 
A 1 30  LYS 30  31  31  LYS LYS A . n 
A 1 31  SER 31  32  32  SER SER A . n 
A 1 32  ARG 32  33  33  ARG ARG A . n 
A 1 33  ASN 33  34  34  ASN ASN A . n 
A 1 34  LEU 34  35  35  LEU LEU A . n 
A 1 35  THR 35  36  36  THR THR A . n 
A 1 36  LYS 36  37  37  LYS LYS A . n 
A 1 37  ASP 37  38  38  ASP ASP A . n 
A 1 38  ARG 38  39  39  ARG ARG A . n 
A 1 39  CYS 39  40  40  CYS CYS A . n 
A 1 40  LYS 40  41  41  LYS LYS A . n 
A 1 41  PRO 41  42  42  PRO PRO A . n 
A 1 42  VAL 42  43  43  VAL VAL A . n 
A 1 43  ASN 43  44  44  ASN ASN A . n 
A 1 44  THR 44  45  45  THR THR A . n 
A 1 45  PHE 45  46  46  PHE PHE A . n 
A 1 46  VAL 46  47  47  VAL VAL A . n 
A 1 47  HIS 47  48  48  HIS HIS A . n 
A 1 48  GLU 48  49  49  GLU GLU A . n 
A 1 49  SER 49  50  50  SER SER A . n 
A 1 50  LEU 50  51  51  LEU LEU A . n 
A 1 51  ALA 51  52  52  ALA ALA A . n 
A 1 52  ASP 52  53  53  ASP ASP A . n 
A 1 53  VAL 53  54  54  VAL VAL A . n 
A 1 54  GLN 54  55  55  GLN GLN A . n 
A 1 55  ALA 55  56  56  ALA ALA A . n 
A 1 56  VAL 56  57  57  VAL VAL A . n 
A 1 57  CYS 57  58  58  CYS CYS A . n 
A 1 58  SER 58  59  59  SER SER A . n 
A 1 59  GLN 59  60  60  GLN GLN A . n 
A 1 60  LYS 60  61  61  LYS LYS A . n 
A 1 61  ASN 61  62  62  ASN ASN A . n 
A 1 62  VAL 62  63  63  VAL VAL A . n 
A 1 63  ALA 63  64  64  ALA ALA A . n 
A 1 64  CYS 64  65  65  CYS CYS A . n 
A 1 65  LYS 65  66  66  LYS LYS A . n 
A 1 66  ASN 66  67  67  ASN ASN A . n 
A 1 67  GLY 67  68  68  GLY GLY A . n 
A 1 68  GLN 68  69  69  GLN GLN A . n 
A 1 69  THR 69  70  70  THR THR A . n 
A 1 70  ASN 70  71  71  ASN ASN A . n 
A 1 71  CYS 71  72  72  CYS CYS A . n 
A 1 72  TYR 72  73  73  TYR TYR A . n 
A 1 73  GLN 73  74  74  GLN GLN A . n 
A 1 74  SER 74  75  75  SER SER A . n 
A 1 75  TYR 75  76  76  TYR TYR A . n 
A 1 76  SER 76  77  77  SER SER A . n 
A 1 77  THR 77  78  78  THR THR A . n 
A 1 78  MET 78  79  79  MET MET A . n 
A 1 79  SER 79  80  80  SER SER A . n 
A 1 80  ILE 80  81  81  ILE ILE A . n 
A 1 81  THR 81  82  82  THR THR A . n 
A 1 82  ASP 82  83  83  ASP ASP A . n 
A 1 83  CYS 83  84  84  CYS CYS A . n 
A 1 84  ARG 84  85  85  ARG ARG A . n 
A 1 85  GLU 85  86  86  GLU GLU A . n 
A 1 86  THR 86  87  87  THR THR A . n 
A 1 87  GLY 87  88  88  GLY GLY A . n 
A 1 88  SER 88  89  89  SER SER A . n 
A 1 89  SER 89  90  90  SER SER A . n 
A 1 90  LYS 90  91  91  LYS LYS A . n 
A 1 91  TYR 91  92  92  TYR TYR A . n 
A 1 92  PRO 92  93  93  PRO PRO A . n 
A 1 93  ASN 93  94  94  ASN ASN A . n 
A 1 94  CYS 94  95  95  CYS CYS A . n 
A 1 95  ALA 95  96  96  ALA ALA A . n 
A 1 96  TYR 96  97  97  TYR TYR A . n 
A 1 97  LYS 97  98  98  LYS LYS A . n 
A 1 98  THR 98  99  99  THR THR A . n 
A 1 99  THR 99  100 100 THR THR A . n 
A 1 100 GLN 100 101 101 GLN GLN A . n 
A 1 101 ALA 101 102 102 ALA ALA A . n 
A 1 102 ASN 102 103 103 ASN ASN A . n 
A 1 103 LYS 103 104 104 LYS LYS A . n 
A 1 104 HIS 104 105 105 HIS HIS A . n 
A 1 105 ILE 105 106 106 ILE ILE A . n 
A 1 106 ILE 106 107 107 ILE ILE A . n 
A 1 107 VAL 107 108 108 VAL VAL A . n 
A 1 108 ALA 108 109 109 ALA ALA A . n 
A 1 109 CYS 109 110 110 CYS CYS A . n 
A 1 110 GLU 110 111 111 GLU GLU A . n 
A 1 111 GLY 111 112 112 GLY GLY A . n 
A 1 112 ASN 112 113 113 ASN ASN A . n 
A 1 113 PRO 113 114 114 PRO PRO A . n 
A 1 114 TYR 114 115 115 TYR TYR A . n 
A 1 115 VAL 115 116 116 VAL VAL A . n 
A 1 116 PRO 116 117 117 PRO PRO A . n 
A 1 117 VAL 117 118 118 VAL VAL A . n 
A 1 118 HIS 118 119 119 HIS HIS A . n 
A 1 119 PHE 119 120 120 PHE PHE A . n 
A 1 120 ASP 120 121 121 ASP ASP A . n 
A 1 121 ALA 121 122 122 ALA ALA A . n 
A 1 122 SER 122 123 123 SER SER A . n 
A 1 123 VAL 123 124 124 VAL VAL A . n 
# 
loop_
_pdbx_nonpoly_scheme.asym_id 
_pdbx_nonpoly_scheme.entity_id 
_pdbx_nonpoly_scheme.mon_id 
_pdbx_nonpoly_scheme.ndb_seq_num 
_pdbx_nonpoly_scheme.pdb_seq_num 
_pdbx_nonpoly_scheme.auth_seq_num 
_pdbx_nonpoly_scheme.pdb_mon_id 
_pdbx_nonpoly_scheme.auth_mon_id 
_pdbx_nonpoly_scheme.pdb_strand_id 
_pdbx_nonpoly_scheme.pdb_ins_code 
B 2 AEN 1   125 125 AEN AEN A . 
C 3 HOH 1   126 126 HOH HOH A . 
C 3 HOH 2   127 127 HOH HOH A . 
C 3 HOH 3   128 128 HOH HOH A . 
C 3 HOH 4   129 129 HOH HOH A . 
C 3 HOH 5   130 130 HOH HOH A . 
C 3 HOH 6   131 131 HOH HOH A . 
C 3 HOH 7   132 132 HOH HOH A . 
C 3 HOH 8   133 133 HOH HOH A . 
C 3 HOH 9   134 134 HOH HOH A . 
C 3 HOH 10  135 135 HOH HOH A . 
C 3 HOH 11  136 136 HOH HOH A . 
C 3 HOH 12  137 137 HOH HOH A . 
C 3 HOH 13  138 138 HOH HOH A . 
C 3 HOH 14  139 139 HOH HOH A . 
C 3 HOH 15  140 140 HOH HOH A . 
C 3 HOH 16  141 141 HOH HOH A . 
C 3 HOH 17  142 142 HOH HOH A . 
C 3 HOH 18  143 143 HOH HOH A . 
C 3 HOH 19  144 144 HOH HOH A . 
C 3 HOH 20  145 145 HOH HOH A . 
C 3 HOH 21  146 146 HOH HOH A . 
C 3 HOH 22  147 147 HOH HOH A . 
C 3 HOH 23  148 148 HOH HOH A . 
C 3 HOH 24  149 149 HOH HOH A . 
C 3 HOH 25  150 150 HOH HOH A . 
C 3 HOH 26  151 151 HOH HOH A . 
C 3 HOH 27  152 152 HOH HOH A . 
C 3 HOH 28  153 153 HOH HOH A . 
C 3 HOH 29  154 154 HOH HOH A . 
C 3 HOH 30  155 155 HOH HOH A . 
C 3 HOH 31  156 156 HOH HOH A . 
C 3 HOH 32  157 157 HOH HOH A . 
C 3 HOH 33  158 158 HOH HOH A . 
C 3 HOH 34  159 159 HOH HOH A . 
C 3 HOH 35  160 160 HOH HOH A . 
C 3 HOH 36  161 161 HOH HOH A . 
C 3 HOH 37  162 162 HOH HOH A . 
C 3 HOH 38  163 163 HOH HOH A . 
C 3 HOH 39  164 164 HOH HOH A . 
C 3 HOH 40  165 165 HOH HOH A . 
C 3 HOH 41  166 166 HOH HOH A . 
C 3 HOH 42  167 167 HOH HOH A . 
C 3 HOH 43  168 168 HOH HOH A . 
C 3 HOH 44  169 169 HOH HOH A . 
C 3 HOH 45  170 170 HOH HOH A . 
C 3 HOH 46  171 171 HOH HOH A . 
C 3 HOH 47  172 172 HOH HOH A . 
C 3 HOH 48  173 173 HOH HOH A . 
C 3 HOH 49  174 174 HOH HOH A . 
C 3 HOH 50  175 175 HOH HOH A . 
C 3 HOH 51  176 176 HOH HOH A . 
C 3 HOH 52  177 177 HOH HOH A . 
C 3 HOH 53  178 178 HOH HOH A . 
C 3 HOH 54  179 179 HOH HOH A . 
C 3 HOH 55  180 180 HOH HOH A . 
C 3 HOH 56  181 181 HOH HOH A . 
C 3 HOH 57  182 182 HOH HOH A . 
C 3 HOH 58  183 183 HOH HOH A . 
C 3 HOH 59  184 184 HOH HOH A . 
C 3 HOH 60  185 185 HOH HOH A . 
C 3 HOH 61  186 186 HOH HOH A . 
C 3 HOH 62  187 187 HOH HOH A . 
C 3 HOH 63  188 188 HOH HOH A . 
C 3 HOH 64  189 189 HOH HOH A . 
C 3 HOH 65  190 190 HOH HOH A . 
C 3 HOH 66  191 191 HOH HOH A . 
C 3 HOH 67  192 192 HOH HOH A . 
C 3 HOH 68  193 193 HOH HOH A . 
C 3 HOH 69  194 194 HOH HOH A . 
C 3 HOH 70  195 195 HOH HOH A . 
C 3 HOH 71  196 196 HOH HOH A . 
C 3 HOH 72  197 197 HOH HOH A . 
C 3 HOH 73  198 198 HOH HOH A . 
C 3 HOH 74  199 199 HOH HOH A . 
C 3 HOH 75  200 200 HOH HOH A . 
C 3 HOH 76  201 201 HOH HOH A . 
C 3 HOH 77  202 202 HOH HOH A . 
C 3 HOH 78  203 203 HOH HOH A . 
C 3 HOH 79  204 204 HOH HOH A . 
C 3 HOH 80  205 205 HOH HOH A . 
C 3 HOH 81  206 206 HOH HOH A . 
C 3 HOH 82  207 207 HOH HOH A . 
C 3 HOH 83  208 208 HOH HOH A . 
C 3 HOH 84  209 209 HOH HOH A . 
C 3 HOH 85  210 210 HOH HOH A . 
C 3 HOH 86  211 211 HOH HOH A . 
C 3 HOH 87  212 212 HOH HOH A . 
C 3 HOH 88  213 213 HOH HOH A . 
C 3 HOH 89  214 214 HOH HOH A . 
C 3 HOH 90  215 215 HOH HOH A . 
C 3 HOH 91  216 216 HOH HOH A . 
C 3 HOH 92  217 217 HOH HOH A . 
C 3 HOH 93  218 218 HOH HOH A . 
C 3 HOH 94  219 219 HOH HOH A . 
C 3 HOH 95  220 220 HOH HOH A . 
C 3 HOH 96  221 221 HOH HOH A . 
C 3 HOH 97  222 222 HOH HOH A . 
C 3 HOH 98  223 223 HOH HOH A . 
C 3 HOH 99  224 224 HOH HOH A . 
C 3 HOH 100 225 225 HOH HOH A . 
# 
_software.name             PROLSQ 
_software.classification   refinement 
_software.version          . 
_software.citation_id      ? 
_software.pdbx_ordinal     1 
# 
_cell.entry_id           1RAS 
_cell.length_a           65.100 
_cell.length_b           65.100 
_cell.length_c           65.020 
_cell.angle_alpha        90.00 
_cell.angle_beta         90.00 
_cell.angle_gamma        120.00 
_cell.Z_PDB              6 
_cell.pdbx_unique_axis   ? 
_cell.length_a_esd       ? 
_cell.length_b_esd       ? 
_cell.length_c_esd       ? 
_cell.angle_alpha_esd    ? 
_cell.angle_beta_esd     ? 
_cell.angle_gamma_esd    ? 
# 
_symmetry.entry_id                         1RAS 
_symmetry.space_group_name_H-M             'P 32 2 1' 
_symmetry.pdbx_full_space_group_name_H-M   ? 
_symmetry.cell_setting                     ? 
_symmetry.Int_Tables_number                154 
_symmetry.space_group_name_Hall            ? 
# 
_exptl.entry_id          1RAS 
_exptl.method            'X-RAY DIFFRACTION' 
_exptl.crystals_number   ? 
# 
_exptl_crystal.id                    1 
_exptl_crystal.density_meas          ? 
_exptl_crystal.density_Matthews      2.93 
_exptl_crystal.density_percent_sol   57.99 
_exptl_crystal.description           ? 
_exptl_crystal.F_000                 ? 
_exptl_crystal.preparation           ? 
# 
_exptl_crystal_grow.crystal_id      1 
_exptl_crystal_grow.method          ? 
_exptl_crystal_grow.temp            ? 
_exptl_crystal_grow.temp_details    ? 
_exptl_crystal_grow.pH              ? 
_exptl_crystal_grow.pdbx_pH_range   ? 
_exptl_crystal_grow.pdbx_details    
;CSCL WAS WASHED OUT IN 80% AMMONIUM SULFATE BEFORE DATA
COLLECTION.
;
# 
_diffrn.id                     1 
_diffrn.ambient_temp           ? 
_diffrn.ambient_temp_details   ? 
_diffrn.crystal_id             1 
# 
_diffrn_radiation.diffrn_id                        1 
_diffrn_radiation.wavelength_id                    1 
_diffrn_radiation.pdbx_monochromatic_or_laue_m_l   ? 
_diffrn_radiation.monochromator                    ? 
_diffrn_radiation.pdbx_diffrn_protocol             ? 
_diffrn_radiation.pdbx_scattering_type             x-ray 
# 
_diffrn_radiation_wavelength.id           1 
_diffrn_radiation_wavelength.wavelength   . 
_diffrn_radiation_wavelength.wt           1.0 
# 
_refine.entry_id                                 1RAS 
_refine.ls_number_reflns_obs                     ? 
_refine.ls_number_reflns_all                     ? 
_refine.pdbx_ls_sigma_I                          ? 
_refine.pdbx_ls_sigma_F                          ? 
_refine.pdbx_data_cutoff_high_absF               ? 
_refine.pdbx_data_cutoff_low_absF                ? 
_refine.pdbx_data_cutoff_high_rms_absF           ? 
_refine.ls_d_res_low                             6. 
_refine.ls_d_res_high                            1.7 
_refine.ls_percent_reflns_obs                    ? 
_refine.ls_R_factor_obs                          0.203 
_refine.ls_R_factor_all                          ? 
_refine.ls_R_factor_R_work                       ? 
_refine.ls_R_factor_R_free                       ? 
_refine.ls_R_factor_R_free_error                 ? 
_refine.ls_R_factor_R_free_error_details         ? 
_refine.ls_percent_reflns_R_free                 ? 
_refine.ls_number_reflns_R_free                  ? 
_refine.ls_number_parameters                     ? 
_refine.ls_number_restraints                     ? 
_refine.occupancy_min                            ? 
_refine.occupancy_max                            ? 
_refine.B_iso_mean                               ? 
_refine.aniso_B[1][1]                            ? 
_refine.aniso_B[2][2]                            ? 
_refine.aniso_B[3][3]                            ? 
_refine.aniso_B[1][2]                            ? 
_refine.aniso_B[1][3]                            ? 
_refine.aniso_B[2][3]                            ? 
_refine.solvent_model_details                    ? 
_refine.solvent_model_param_ksol                 ? 
_refine.solvent_model_param_bsol                 ? 
_refine.pdbx_ls_cross_valid_method               ? 
_refine.details                                  
;REFINEMENT WAS STARTED FROM THE ISOMORPHOUS STRUCTURE OF
THE SEMISYNTHETIC (1-118:111-124(D121A)).
;
_refine.pdbx_starting_model                      ? 
_refine.pdbx_method_to_determine_struct          ? 
_refine.pdbx_isotropic_thermal_model             ? 
_refine.pdbx_stereochemistry_target_values       ? 
_refine.pdbx_stereochem_target_val_spec_case     ? 
_refine.pdbx_R_Free_selection_details            ? 
_refine.pdbx_overall_ESU_R                       ? 
_refine.pdbx_overall_ESU_R_Free                  ? 
_refine.overall_SU_ML                            ? 
_refine.overall_SU_B                             ? 
_refine.pdbx_refine_id                           'X-RAY DIFFRACTION' 
_refine.ls_redundancy_reflns_obs                 ? 
_refine.pdbx_overall_phase_error                 ? 
_refine.B_iso_min                                ? 
_refine.B_iso_max                                ? 
_refine.correlation_coeff_Fo_to_Fc               ? 
_refine.correlation_coeff_Fo_to_Fc_free          ? 
_refine.pdbx_solvent_vdw_probe_radii             ? 
_refine.pdbx_solvent_ion_probe_radii             ? 
_refine.pdbx_solvent_shrinkage_radii             ? 
_refine.overall_SU_R_Cruickshank_DPI             ? 
_refine.overall_SU_R_free                        ? 
_refine.ls_wR_factor_R_free                      ? 
_refine.ls_wR_factor_R_work                      ? 
_refine.overall_FOM_free_R_set                   ? 
_refine.overall_FOM_work_R_set                   ? 
_refine.pdbx_diffrn_id                           1 
_refine.pdbx_TLS_residual_ADP_flag               ? 
_refine.pdbx_overall_SU_R_free_Cruickshank_DPI   ? 
_refine.pdbx_overall_SU_R_Blow_DPI               ? 
_refine.pdbx_overall_SU_R_free_Blow_DPI          ? 
# 
_refine_hist.pdbx_refine_id                   'X-RAY DIFFRACTION' 
_refine_hist.cycle_id                         LAST 
_refine_hist.pdbx_number_atoms_protein        942 
_refine_hist.pdbx_number_atoms_nucleic_acid   0 
_refine_hist.pdbx_number_atoms_ligand         21 
_refine_hist.number_atoms_solvent             100 
_refine_hist.number_atoms_total               1063 
_refine_hist.d_res_high                       1.7 
_refine_hist.d_res_low                        6. 
# 
loop_
_refine_ls_restr.type 
_refine_ls_restr.dev_ideal 
_refine_ls_restr.dev_ideal_target 
_refine_ls_restr.weight 
_refine_ls_restr.number 
_refine_ls_restr.pdbx_refine_id 
_refine_ls_restr.pdbx_restraint_function 
p_bond_d            0.011 ? ? ? 'X-RAY DIFFRACTION' ? 
p_angle_d           ?     ? ? ? 'X-RAY DIFFRACTION' ? 
p_angle_deg         ?     ? ? ? 'X-RAY DIFFRACTION' ? 
p_planar_d          ?     ? ? ? 'X-RAY DIFFRACTION' ? 
p_hb_or_metal_coord ?     ? ? ? 'X-RAY DIFFRACTION' ? 
p_mcbond_it         ?     ? ? ? 'X-RAY DIFFRACTION' ? 
p_mcangle_it        ?     ? ? ? 'X-RAY DIFFRACTION' ? 
p_scbond_it         ?     ? ? ? 'X-RAY DIFFRACTION' ? 
p_scangle_it        ?     ? ? ? 'X-RAY DIFFRACTION' ? 
p_plane_restr       ?     ? ? ? 'X-RAY DIFFRACTION' ? 
p_chiral_restr      ?     ? ? ? 'X-RAY DIFFRACTION' ? 
p_singtor_nbd       ?     ? ? ? 'X-RAY DIFFRACTION' ? 
p_multtor_nbd       ?     ? ? ? 'X-RAY DIFFRACTION' ? 
p_xhyhbond_nbd      ?     ? ? ? 'X-RAY DIFFRACTION' ? 
p_xyhbond_nbd       ?     ? ? ? 'X-RAY DIFFRACTION' ? 
p_planar_tor        ?     ? ? ? 'X-RAY DIFFRACTION' ? 
p_staggered_tor     ?     ? ? ? 'X-RAY DIFFRACTION' ? 
p_orthonormal_tor   ?     ? ? ? 'X-RAY DIFFRACTION' ? 
p_transverse_tor    ?     ? ? ? 'X-RAY DIFFRACTION' ? 
p_special_tor       ?     ? ? ? 'X-RAY DIFFRACTION' ? 
# 
_struct.entry_id                  1RAS 
_struct.title                     'CRYSTAL STRUCTURE OF A FLUORESCENT DERIVATIVE OF RNASE A' 
_struct.pdbx_model_details        ? 
_struct.pdbx_CASP_flag            ? 
_struct.pdbx_model_type_details   ? 
# 
_struct_keywords.entry_id        1RAS 
_struct_keywords.pdbx_keywords   'HYDROLASE(NUCLEIC ACID,RNA)' 
_struct_keywords.text            'HYDROLASE(NUCLEIC ACID, RNA)' 
# 
loop_
_struct_asym.id 
_struct_asym.pdbx_blank_PDB_chainid_flag 
_struct_asym.pdbx_modified 
_struct_asym.entity_id 
_struct_asym.details 
A N N 1 ? 
B N N 2 ? 
C N N 3 ? 
# 
_struct_ref.id                         1 
_struct_ref.db_name                    UNP 
_struct_ref.db_code                    RNAS1_BOVIN 
_struct_ref.entity_id                  1 
_struct_ref.pdbx_db_accession          P61823 
_struct_ref.pdbx_align_begin           1 
_struct_ref.pdbx_seq_one_letter_code   
;MALKSLVLLSLLVLVLLLVRVQPSLGKETAAAKFERQHMDSSTSAASSSNYCNQMMKSRNLTKDRCKPVNTFVHESLADV
QAVCSQKNVACKNGQTNCYQSYSTMSITDCRETGSSKYPNCAYKTTQANKHIIVACEGNPYVPVHFDASV
;
_struct_ref.pdbx_db_isoform            ? 
# 
_struct_ref_seq.align_id                      1 
_struct_ref_seq.ref_id                        1 
_struct_ref_seq.pdbx_PDB_id_code              1RAS 
_struct_ref_seq.pdbx_strand_id                A 
_struct_ref_seq.seq_align_beg                 1 
_struct_ref_seq.pdbx_seq_align_beg_ins_code   ? 
_struct_ref_seq.seq_align_end                 123 
_struct_ref_seq.pdbx_seq_align_end_ins_code   ? 
_struct_ref_seq.pdbx_db_accession             P61823 
_struct_ref_seq.db_align_beg                  28 
_struct_ref_seq.pdbx_db_align_beg_ins_code    ? 
_struct_ref_seq.db_align_end                  150 
_struct_ref_seq.pdbx_db_align_end_ins_code    ? 
_struct_ref_seq.pdbx_auth_seq_align_beg       2 
_struct_ref_seq.pdbx_auth_seq_align_end       124 
# 
_pdbx_struct_assembly.id                   1 
_pdbx_struct_assembly.details              author_defined_assembly 
_pdbx_struct_assembly.method_details       ? 
_pdbx_struct_assembly.oligomeric_details   monomeric 
_pdbx_struct_assembly.oligomeric_count     1 
# 
_pdbx_struct_assembly_gen.assembly_id       1 
_pdbx_struct_assembly_gen.oper_expression   1 
_pdbx_struct_assembly_gen.asym_id_list      A,B,C 
# 
_pdbx_struct_oper_list.id                   1 
_pdbx_struct_oper_list.type                 'identity operation' 
_pdbx_struct_oper_list.name                 1_555 
_pdbx_struct_oper_list.symmetry_operation   x,y,z 
_pdbx_struct_oper_list.matrix[1][1]         1.0000000000 
_pdbx_struct_oper_list.matrix[1][2]         0.0000000000 
_pdbx_struct_oper_list.matrix[1][3]         0.0000000000 
_pdbx_struct_oper_list.vector[1]            0.0000000000 
_pdbx_struct_oper_list.matrix[2][1]         0.0000000000 
_pdbx_struct_oper_list.matrix[2][2]         1.0000000000 
_pdbx_struct_oper_list.matrix[2][3]         0.0000000000 
_pdbx_struct_oper_list.vector[2]            0.0000000000 
_pdbx_struct_oper_list.matrix[3][1]         0.0000000000 
_pdbx_struct_oper_list.matrix[3][2]         0.0000000000 
_pdbx_struct_oper_list.matrix[3][3]         1.0000000000 
_pdbx_struct_oper_list.vector[3]            0.0000000000 
# 
_struct_biol.id        1 
_struct_biol.details   ? 
# 
loop_
_struct_conf.conf_type_id 
_struct_conf.id 
_struct_conf.pdbx_PDB_helix_id 
_struct_conf.beg_label_comp_id 
_struct_conf.beg_label_asym_id 
_struct_conf.beg_label_seq_id 
_struct_conf.pdbx_beg_PDB_ins_code 
_struct_conf.end_label_comp_id 
_struct_conf.end_label_asym_id 
_struct_conf.end_label_seq_id 
_struct_conf.pdbx_end_PDB_ins_code 
_struct_conf.beg_auth_comp_id 
_struct_conf.beg_auth_asym_id 
_struct_conf.beg_auth_seq_id 
_struct_conf.end_auth_comp_id 
_struct_conf.end_auth_asym_id 
_struct_conf.end_auth_seq_id 
_struct_conf.pdbx_PDB_helix_class 
_struct_conf.details 
_struct_conf.pdbx_PDB_helix_length 
HELX_P HELX_P1 1 THR A 2  ? MET A 12 ? THR A 3  MET A 13 1 ? 11 
HELX_P HELX_P2 2 ASN A 23 ? ARG A 32 ? ASN A 24 ARG A 33 1 ? 10 
HELX_P HELX_P3 3 SER A 49 ? ALA A 55 ? SER A 50 ALA A 56 1 ? 7  
HELX_P HELX_P4 4 VAL A 56 ? GLN A 59 ? VAL A 57 GLN A 60 5 ? 4  
# 
_struct_conf_type.id          HELX_P 
_struct_conf_type.criteria    ? 
_struct_conf_type.reference   ? 
# 
loop_
_struct_conn.id 
_struct_conn.conn_type_id 
_struct_conn.pdbx_leaving_atom_flag 
_struct_conn.pdbx_PDB_id 
_struct_conn.ptnr1_label_asym_id 
_struct_conn.ptnr1_label_comp_id 
_struct_conn.ptnr1_label_seq_id 
_struct_conn.ptnr1_label_atom_id 
_struct_conn.pdbx_ptnr1_label_alt_id 
_struct_conn.pdbx_ptnr1_PDB_ins_code 
_struct_conn.pdbx_ptnr1_standard_comp_id 
_struct_conn.ptnr1_symmetry 
_struct_conn.ptnr2_label_asym_id 
_struct_conn.ptnr2_label_comp_id 
_struct_conn.ptnr2_label_seq_id 
_struct_conn.ptnr2_label_atom_id 
_struct_conn.pdbx_ptnr2_label_alt_id 
_struct_conn.pdbx_ptnr2_PDB_ins_code 
_struct_conn.ptnr1_auth_asym_id 
_struct_conn.ptnr1_auth_comp_id 
_struct_conn.ptnr1_auth_seq_id 
_struct_conn.ptnr2_auth_asym_id 
_struct_conn.ptnr2_auth_comp_id 
_struct_conn.ptnr2_auth_seq_id 
_struct_conn.ptnr2_symmetry 
_struct_conn.pdbx_ptnr3_label_atom_id 
_struct_conn.pdbx_ptnr3_label_seq_id 
_struct_conn.pdbx_ptnr3_label_comp_id 
_struct_conn.pdbx_ptnr3_label_asym_id 
_struct_conn.pdbx_ptnr3_label_alt_id 
_struct_conn.pdbx_ptnr3_PDB_ins_code 
_struct_conn.details 
_struct_conn.pdbx_dist_value 
_struct_conn.pdbx_value_order 
_struct_conn.pdbx_role 
disulf1 disulf ?    ? A CYS 25 SG  ? ? ? 1_555 A CYS 83  SG    ? ? A CYS 26 A CYS 84  1_555 ? ? ? ? ? ? ? 2.013 ? ? 
disulf2 disulf ?    ? A CYS 39 SG  ? ? ? 1_555 A CYS 94  SG    ? ? A CYS 40 A CYS 95  1_555 ? ? ? ? ? ? ? 1.999 ? ? 
disulf3 disulf ?    ? A CYS 57 SG  ? ? ? 1_555 A CYS 109 SG    ? ? A CYS 58 A CYS 110 1_555 ? ? ? ? ? ? ? 2.047 ? ? 
disulf4 disulf ?    ? A CYS 64 SG  ? ? ? 1_555 A CYS 71  SG    ? ? A CYS 65 A CYS 72  1_555 ? ? ? ? ? ? ? 2.049 ? ? 
covale1 covale none ? A HIS 11 NE2 ? ? ? 1_555 B AEN .   "C1'" ? ? A HIS 12 A AEN 125 1_555 ? ? ? ? ? ? ? 1.509 ? ? 
# 
loop_
_struct_conn_type.id 
_struct_conn_type.criteria 
_struct_conn_type.reference 
disulf ? ? 
covale ? ? 
# 
loop_
_pdbx_modification_feature.ordinal 
_pdbx_modification_feature.label_comp_id 
_pdbx_modification_feature.label_asym_id 
_pdbx_modification_feature.label_seq_id 
_pdbx_modification_feature.label_alt_id 
_pdbx_modification_feature.modified_residue_label_comp_id 
_pdbx_modification_feature.modified_residue_label_asym_id 
_pdbx_modification_feature.modified_residue_label_seq_id 
_pdbx_modification_feature.modified_residue_label_alt_id 
_pdbx_modification_feature.auth_comp_id 
_pdbx_modification_feature.auth_asym_id 
_pdbx_modification_feature.auth_seq_id 
_pdbx_modification_feature.PDB_ins_code 
_pdbx_modification_feature.symmetry 
_pdbx_modification_feature.modified_residue_auth_comp_id 
_pdbx_modification_feature.modified_residue_auth_asym_id 
_pdbx_modification_feature.modified_residue_auth_seq_id 
_pdbx_modification_feature.modified_residue_PDB_ins_code 
_pdbx_modification_feature.modified_residue_symmetry 
_pdbx_modification_feature.comp_id_linking_atom 
_pdbx_modification_feature.modified_residue_id_linking_atom 
_pdbx_modification_feature.modified_residue_id 
_pdbx_modification_feature.ref_pcm_id 
_pdbx_modification_feature.ref_comp_id 
_pdbx_modification_feature.type 
_pdbx_modification_feature.category 
1 AEN B .  ? HIS A 11  ? AEN A 125 ? 1_555 HIS A 12  ? 1_555 "C1'" NE2 HIS 1 AEN None 'Covalent chemical modification' 
2 CYS A 25 ? CYS A 83  ? CYS A 26  ? 1_555 CYS A 84  ? 1_555 SG    SG  .   . .   None 'Disulfide bridge'               
3 CYS A 39 ? CYS A 94  ? CYS A 40  ? 1_555 CYS A 95  ? 1_555 SG    SG  .   . .   None 'Disulfide bridge'               
4 CYS A 57 ? CYS A 109 ? CYS A 58  ? 1_555 CYS A 110 ? 1_555 SG    SG  .   . .   None 'Disulfide bridge'               
5 CYS A 64 ? CYS A 71  ? CYS A 65  ? 1_555 CYS A 72  ? 1_555 SG    SG  .   . .   None 'Disulfide bridge'               
# 
loop_
_struct_mon_prot_cis.pdbx_id 
_struct_mon_prot_cis.label_comp_id 
_struct_mon_prot_cis.label_seq_id 
_struct_mon_prot_cis.label_asym_id 
_struct_mon_prot_cis.label_alt_id 
_struct_mon_prot_cis.pdbx_PDB_ins_code 
_struct_mon_prot_cis.auth_comp_id 
_struct_mon_prot_cis.auth_seq_id 
_struct_mon_prot_cis.auth_asym_id 
_struct_mon_prot_cis.pdbx_label_comp_id_2 
_struct_mon_prot_cis.pdbx_label_seq_id_2 
_struct_mon_prot_cis.pdbx_label_asym_id_2 
_struct_mon_prot_cis.pdbx_PDB_ins_code_2 
_struct_mon_prot_cis.pdbx_auth_comp_id_2 
_struct_mon_prot_cis.pdbx_auth_seq_id_2 
_struct_mon_prot_cis.pdbx_auth_asym_id_2 
_struct_mon_prot_cis.pdbx_PDB_model_num 
_struct_mon_prot_cis.pdbx_omega_angle 
1 TYR 91  A . ? TYR 92  A PRO 92  A ? PRO 93  A 1 1.40  
2 ASN 112 A . ? ASN 113 A PRO 113 A ? PRO 114 A 1 -0.19 
# 
loop_
_struct_sheet.id 
_struct_sheet.type 
_struct_sheet.number_strands 
_struct_sheet.details 
A ? 4 ? 
B ? 4 ? 
# 
loop_
_struct_sheet_order.sheet_id 
_struct_sheet_order.range_id_1 
_struct_sheet_order.range_id_2 
_struct_sheet_order.offset 
_struct_sheet_order.sense 
A 1 2 ? anti-parallel 
A 2 3 ? anti-parallel 
A 3 4 ? anti-parallel 
B 1 2 ? anti-parallel 
B 2 3 ? anti-parallel 
B 3 4 ? anti-parallel 
# 
loop_
_struct_sheet_range.sheet_id 
_struct_sheet_range.id 
_struct_sheet_range.beg_label_comp_id 
_struct_sheet_range.beg_label_asym_id 
_struct_sheet_range.beg_label_seq_id 
_struct_sheet_range.pdbx_beg_PDB_ins_code 
_struct_sheet_range.end_label_comp_id 
_struct_sheet_range.end_label_asym_id 
_struct_sheet_range.end_label_seq_id 
_struct_sheet_range.pdbx_end_PDB_ins_code 
_struct_sheet_range.beg_auth_comp_id 
_struct_sheet_range.beg_auth_asym_id 
_struct_sheet_range.beg_auth_seq_id 
_struct_sheet_range.end_auth_comp_id 
_struct_sheet_range.end_auth_asym_id 
_struct_sheet_range.end_auth_seq_id 
A 1 VAL A 115 ? VAL A 123 ? VAL A 116 VAL A 124 
A 2 TYR A 96  ? GLU A 110 ? TYR A 97  GLU A 111 
A 3 CYS A 71  ? GLN A 73  ? CYS A 72  GLN A 74  
A 4 LYS A 60  ? VAL A 62  ? LYS A 61  VAL A 63  
B 1 VAL A 115 ? VAL A 123 ? VAL A 116 VAL A 124 
B 2 TYR A 96  ? GLU A 110 ? TYR A 97  GLU A 111 
B 3 MET A 78  ? GLU A 85  ? MET A 79  GLU A 86  
B 4 VAL A 42  ? VAL A 46  ? VAL A 43  VAL A 47  
# 
loop_
_pdbx_struct_sheet_hbond.sheet_id 
_pdbx_struct_sheet_hbond.range_id_1 
_pdbx_struct_sheet_hbond.range_id_2 
_pdbx_struct_sheet_hbond.range_1_label_atom_id 
_pdbx_struct_sheet_hbond.range_1_label_comp_id 
_pdbx_struct_sheet_hbond.range_1_label_asym_id 
_pdbx_struct_sheet_hbond.range_1_label_seq_id 
_pdbx_struct_sheet_hbond.range_1_PDB_ins_code 
_pdbx_struct_sheet_hbond.range_1_auth_atom_id 
_pdbx_struct_sheet_hbond.range_1_auth_comp_id 
_pdbx_struct_sheet_hbond.range_1_auth_asym_id 
_pdbx_struct_sheet_hbond.range_1_auth_seq_id 
_pdbx_struct_sheet_hbond.range_2_label_atom_id 
_pdbx_struct_sheet_hbond.range_2_label_comp_id 
_pdbx_struct_sheet_hbond.range_2_label_asym_id 
_pdbx_struct_sheet_hbond.range_2_label_seq_id 
_pdbx_struct_sheet_hbond.range_2_PDB_ins_code 
_pdbx_struct_sheet_hbond.range_2_auth_atom_id 
_pdbx_struct_sheet_hbond.range_2_auth_comp_id 
_pdbx_struct_sheet_hbond.range_2_auth_asym_id 
_pdbx_struct_sheet_hbond.range_2_auth_seq_id 
A 1 2 O VAL A 123 ? O VAL A 124 N HIS A 104 ? N HIS A 105 
A 2 3 N VAL A 107 ? N VAL A 108 O TYR A 72  ? O TYR A 73  
A 3 4 N GLN A 73  ? N GLN A 74  O LYS A 60  ? O LYS A 61  
B 1 2 O VAL A 123 ? O VAL A 124 N HIS A 104 ? N HIS A 105 
B 2 3 O LYS A 103 ? O LYS A 104 N MET A 78  ? N MET A 79  
B 3 4 O CYS A 83  ? O CYS A 84  N ASN A 43  ? N ASN A 44  
# 
_struct_site.id                   AC1 
_struct_site.pdbx_evidence_code   Software 
_struct_site.pdbx_auth_asym_id    A 
_struct_site.pdbx_auth_comp_id    AEN 
_struct_site.pdbx_auth_seq_id     125 
_struct_site.pdbx_auth_ins_code   ? 
_struct_site.pdbx_num_residues    7 
_struct_site.details              'BINDING SITE FOR RESIDUE AEN A 125' 
# 
loop_
_struct_site_gen.id 
_struct_site_gen.site_id 
_struct_site_gen.pdbx_num_res 
_struct_site_gen.label_comp_id 
_struct_site_gen.label_asym_id 
_struct_site_gen.label_seq_id 
_struct_site_gen.pdbx_auth_ins_code 
_struct_site_gen.auth_comp_id 
_struct_site_gen.auth_asym_id 
_struct_site_gen.auth_seq_id 
_struct_site_gen.label_atom_id 
_struct_site_gen.label_alt_id 
_struct_site_gen.symmetry 
_struct_site_gen.details 
1 AC1 7 GLN A 10  ? GLN A 11  . ? 1_555 ? 
2 AC1 7 HIS A 11  ? HIS A 12  . ? 1_555 ? 
3 AC1 7 ASN A 66  ? ASN A 67  . ? 1_555 ? 
4 AC1 7 VAL A 117 ? VAL A 118 . ? 1_555 ? 
5 AC1 7 HIS A 118 ? HIS A 119 . ? 1_555 ? 
6 AC1 7 PHE A 119 ? PHE A 120 . ? 1_555 ? 
7 AC1 7 HOH C .   ? HOH A 161 . ? 1_555 ? 
# 
_pdbx_entry_details.entry_id                   1RAS 
_pdbx_entry_details.compound_details           ? 
_pdbx_entry_details.source_details             ? 
_pdbx_entry_details.nonpolymer_details         
;THE FLUORESCENT LABEL AEDANS AND 99 WATER MOLECULES WERE
ADDED TO THE MODEL.
;
_pdbx_entry_details.sequence_details           ? 
_pdbx_entry_details.has_ligand_of_interest     ? 
_pdbx_entry_details.has_protein_modification   Y 
# 
loop_
_pdbx_validate_close_contact.id 
_pdbx_validate_close_contact.PDB_model_num 
_pdbx_validate_close_contact.auth_atom_id_1 
_pdbx_validate_close_contact.auth_asym_id_1 
_pdbx_validate_close_contact.auth_comp_id_1 
_pdbx_validate_close_contact.auth_seq_id_1 
_pdbx_validate_close_contact.PDB_ins_code_1 
_pdbx_validate_close_contact.label_alt_id_1 
_pdbx_validate_close_contact.auth_atom_id_2 
_pdbx_validate_close_contact.auth_asym_id_2 
_pdbx_validate_close_contact.auth_comp_id_2 
_pdbx_validate_close_contact.auth_seq_id_2 
_pdbx_validate_close_contact.PDB_ins_code_2 
_pdbx_validate_close_contact.label_alt_id_2 
_pdbx_validate_close_contact.dist 
1 1 OD2 A ASP 83  ? ? O A HOH 223 ? ? 2.01 
2 1 O   A HOH 177 ? ? O A HOH 194 ? ? 2.05 
3 1 O   A HOH 159 ? ? O A HOH 172 ? ? 2.11 
4 1 O   A HOH 168 ? ? O A HOH 188 ? ? 2.15 
5 1 OD2 A ASP 121 ? ? O A HOH 210 ? ? 2.16 
6 1 NZ  A LYS 41  ? ? O A HOH 193 ? ? 2.19 
# 
loop_
_pdbx_validate_symm_contact.id 
_pdbx_validate_symm_contact.PDB_model_num 
_pdbx_validate_symm_contact.auth_atom_id_1 
_pdbx_validate_symm_contact.auth_asym_id_1 
_pdbx_validate_symm_contact.auth_comp_id_1 
_pdbx_validate_symm_contact.auth_seq_id_1 
_pdbx_validate_symm_contact.PDB_ins_code_1 
_pdbx_validate_symm_contact.label_alt_id_1 
_pdbx_validate_symm_contact.site_symmetry_1 
_pdbx_validate_symm_contact.auth_atom_id_2 
_pdbx_validate_symm_contact.auth_asym_id_2 
_pdbx_validate_symm_contact.auth_comp_id_2 
_pdbx_validate_symm_contact.auth_seq_id_2 
_pdbx_validate_symm_contact.PDB_ins_code_2 
_pdbx_validate_symm_contact.label_alt_id_2 
_pdbx_validate_symm_contact.site_symmetry_2 
_pdbx_validate_symm_contact.dist 
1 1 CE  A LYS 104 ? ? 1_555 CE A LYS 104 ? ? 4_556 1.95 
2 1 N   A GLU 2   ? ? 1_555 O  A HOH 212 ? ? 6_655 2.03 
3 1 O   A HOH 165 ? ? 1_555 O  A HOH 216 ? ? 2_654 2.05 
4 1 O   A HOH 165 ? ? 1_555 O  A HOH 217 ? ? 2_654 2.10 
5 1 OD2 A ASP 83  ? ? 1_555 O  A HOH 221 ? ? 4_556 2.12 
# 
loop_
_pdbx_validate_rmsd_angle.id 
_pdbx_validate_rmsd_angle.PDB_model_num 
_pdbx_validate_rmsd_angle.auth_atom_id_1 
_pdbx_validate_rmsd_angle.auth_asym_id_1 
_pdbx_validate_rmsd_angle.auth_comp_id_1 
_pdbx_validate_rmsd_angle.auth_seq_id_1 
_pdbx_validate_rmsd_angle.PDB_ins_code_1 
_pdbx_validate_rmsd_angle.label_alt_id_1 
_pdbx_validate_rmsd_angle.auth_atom_id_2 
_pdbx_validate_rmsd_angle.auth_asym_id_2 
_pdbx_validate_rmsd_angle.auth_comp_id_2 
_pdbx_validate_rmsd_angle.auth_seq_id_2 
_pdbx_validate_rmsd_angle.PDB_ins_code_2 
_pdbx_validate_rmsd_angle.label_alt_id_2 
_pdbx_validate_rmsd_angle.auth_atom_id_3 
_pdbx_validate_rmsd_angle.auth_asym_id_3 
_pdbx_validate_rmsd_angle.auth_comp_id_3 
_pdbx_validate_rmsd_angle.auth_seq_id_3 
_pdbx_validate_rmsd_angle.PDB_ins_code_3 
_pdbx_validate_rmsd_angle.label_alt_id_3 
_pdbx_validate_rmsd_angle.angle_value 
_pdbx_validate_rmsd_angle.angle_target_value 
_pdbx_validate_rmsd_angle.angle_deviation 
_pdbx_validate_rmsd_angle.angle_standard_deviation 
_pdbx_validate_rmsd_angle.linker_flag 
1 1 CB A ASP 38 ? ? CG A ASP 38 ? ? OD2 A ASP 38 ? ? 112.67 118.30 -5.63 0.90 N 
2 1 NE A ARG 39 ? ? CZ A ARG 39 ? ? NH1 A ARG 39 ? ? 123.36 120.30 3.06  0.50 N 
3 1 CB A GLN 69 ? ? CA A GLN 69 ? ? C   A GLN 69 ? ? 122.65 110.40 12.25 2.00 N 
4 1 NE A ARG 85 ? ? CZ A ARG 85 ? ? NH1 A ARG 85 ? ? 126.37 120.30 6.07  0.50 N 
5 1 NE A ARG 85 ? ? CZ A ARG 85 ? ? NH2 A ARG 85 ? ? 112.63 120.30 -7.67 0.50 N 
# 
loop_
_pdbx_validate_torsion.id 
_pdbx_validate_torsion.PDB_model_num 
_pdbx_validate_torsion.auth_comp_id 
_pdbx_validate_torsion.auth_asym_id 
_pdbx_validate_torsion.auth_seq_id 
_pdbx_validate_torsion.PDB_ins_code 
_pdbx_validate_torsion.label_alt_id 
_pdbx_validate_torsion.phi 
_pdbx_validate_torsion.psi 
1 1 HIS A 48  ? ? -104.96 69.64   
2 1 GLN A 60  ? ? -94.72  -142.30 
3 1 ALA A 122 ? ? -175.96 -175.76 
# 
loop_
_chem_comp_atom.comp_id 
_chem_comp_atom.atom_id 
_chem_comp_atom.type_symbol 
_chem_comp_atom.pdbx_aromatic_flag 
_chem_comp_atom.pdbx_stereo_config 
_chem_comp_atom.pdbx_ordinal 
AEN C1     C Y N 1   
AEN C2     C Y N 2   
AEN C3     C Y N 3   
AEN C4     C Y N 4   
AEN C5     C Y N 5   
AEN C6     C Y N 6   
AEN C7     C Y N 7   
AEN C8     C Y N 8   
AEN C9     C Y N 9   
AEN C10    C Y N 10  
AEN "C1'"  C N N 11  
AEN "C2'"  C N N 12  
AEN "O2'"  O N N 13  
AEN "N3'"  N N N 14  
AEN "C4'"  C N N 15  
AEN "C5'"  C N N 16  
AEN "N6'"  N N N 17  
AEN S      S N N 18  
AEN O1S    O N N 19  
AEN O2S    O N N 20  
AEN O3S    O N N 21  
AEN H2     H N N 22  
AEN H3     H N N 23  
AEN H4     H N N 24  
AEN H6     H N N 25  
AEN H7     H N N 26  
AEN H8     H N N 27  
AEN "H1'1" H N N 28  
AEN "H1'2" H N N 29  
AEN "H1'3" H N N 30  
AEN "HN'3" H N N 31  
AEN "H4'1" H N N 32  
AEN "H4'2" H N N 33  
AEN "H5'1" H N N 34  
AEN "H5'2" H N N 35  
AEN "HN'6" H N N 36  
AEN HOS3   H N N 37  
ALA N      N N N 38  
ALA CA     C N S 39  
ALA C      C N N 40  
ALA O      O N N 41  
ALA CB     C N N 42  
ALA OXT    O N N 43  
ALA H      H N N 44  
ALA H2     H N N 45  
ALA HA     H N N 46  
ALA HB1    H N N 47  
ALA HB2    H N N 48  
ALA HB3    H N N 49  
ALA HXT    H N N 50  
ARG N      N N N 51  
ARG CA     C N S 52  
ARG C      C N N 53  
ARG O      O N N 54  
ARG CB     C N N 55  
ARG CG     C N N 56  
ARG CD     C N N 57  
ARG NE     N N N 58  
ARG CZ     C N N 59  
ARG NH1    N N N 60  
ARG NH2    N N N 61  
ARG OXT    O N N 62  
ARG H      H N N 63  
ARG H2     H N N 64  
ARG HA     H N N 65  
ARG HB2    H N N 66  
ARG HB3    H N N 67  
ARG HG2    H N N 68  
ARG HG3    H N N 69  
ARG HD2    H N N 70  
ARG HD3    H N N 71  
ARG HE     H N N 72  
ARG HH11   H N N 73  
ARG HH12   H N N 74  
ARG HH21   H N N 75  
ARG HH22   H N N 76  
ARG HXT    H N N 77  
ASN N      N N N 78  
ASN CA     C N S 79  
ASN C      C N N 80  
ASN O      O N N 81  
ASN CB     C N N 82  
ASN CG     C N N 83  
ASN OD1    O N N 84  
ASN ND2    N N N 85  
ASN OXT    O N N 86  
ASN H      H N N 87  
ASN H2     H N N 88  
ASN HA     H N N 89  
ASN HB2    H N N 90  
ASN HB3    H N N 91  
ASN HD21   H N N 92  
ASN HD22   H N N 93  
ASN HXT    H N N 94  
ASP N      N N N 95  
ASP CA     C N S 96  
ASP C      C N N 97  
ASP O      O N N 98  
ASP CB     C N N 99  
ASP CG     C N N 100 
ASP OD1    O N N 101 
ASP OD2    O N N 102 
ASP OXT    O N N 103 
ASP H      H N N 104 
ASP H2     H N N 105 
ASP HA     H N N 106 
ASP HB2    H N N 107 
ASP HB3    H N N 108 
ASP HD2    H N N 109 
ASP HXT    H N N 110 
CYS N      N N N 111 
CYS CA     C N R 112 
CYS C      C N N 113 
CYS O      O N N 114 
CYS CB     C N N 115 
CYS SG     S N N 116 
CYS OXT    O N N 117 
CYS H      H N N 118 
CYS H2     H N N 119 
CYS HA     H N N 120 
CYS HB2    H N N 121 
CYS HB3    H N N 122 
CYS HG     H N N 123 
CYS HXT    H N N 124 
GLN N      N N N 125 
GLN CA     C N S 126 
GLN C      C N N 127 
GLN O      O N N 128 
GLN CB     C N N 129 
GLN CG     C N N 130 
GLN CD     C N N 131 
GLN OE1    O N N 132 
GLN NE2    N N N 133 
GLN OXT    O N N 134 
GLN H      H N N 135 
GLN H2     H N N 136 
GLN HA     H N N 137 
GLN HB2    H N N 138 
GLN HB3    H N N 139 
GLN HG2    H N N 140 
GLN HG3    H N N 141 
GLN HE21   H N N 142 
GLN HE22   H N N 143 
GLN HXT    H N N 144 
GLU N      N N N 145 
GLU CA     C N S 146 
GLU C      C N N 147 
GLU O      O N N 148 
GLU CB     C N N 149 
GLU CG     C N N 150 
GLU CD     C N N 151 
GLU OE1    O N N 152 
GLU OE2    O N N 153 
GLU OXT    O N N 154 
GLU H      H N N 155 
GLU H2     H N N 156 
GLU HA     H N N 157 
GLU HB2    H N N 158 
GLU HB3    H N N 159 
GLU HG2    H N N 160 
GLU HG3    H N N 161 
GLU HE2    H N N 162 
GLU HXT    H N N 163 
GLY N      N N N 164 
GLY CA     C N N 165 
GLY C      C N N 166 
GLY O      O N N 167 
GLY OXT    O N N 168 
GLY H      H N N 169 
GLY H2     H N N 170 
GLY HA2    H N N 171 
GLY HA3    H N N 172 
GLY HXT    H N N 173 
HIS N      N N N 174 
HIS CA     C N S 175 
HIS C      C N N 176 
HIS O      O N N 177 
HIS CB     C N N 178 
HIS CG     C Y N 179 
HIS ND1    N Y N 180 
HIS CD2    C Y N 181 
HIS CE1    C Y N 182 
HIS NE2    N Y N 183 
HIS OXT    O N N 184 
HIS H      H N N 185 
HIS H2     H N N 186 
HIS HA     H N N 187 
HIS HB2    H N N 188 
HIS HB3    H N N 189 
HIS HD1    H N N 190 
HIS HD2    H N N 191 
HIS HE1    H N N 192 
HIS HE2    H N N 193 
HIS HXT    H N N 194 
HOH O      O N N 195 
HOH H1     H N N 196 
HOH H2     H N N 197 
ILE N      N N N 198 
ILE CA     C N S 199 
ILE C      C N N 200 
ILE O      O N N 201 
ILE CB     C N S 202 
ILE CG1    C N N 203 
ILE CG2    C N N 204 
ILE CD1    C N N 205 
ILE OXT    O N N 206 
ILE H      H N N 207 
ILE H2     H N N 208 
ILE HA     H N N 209 
ILE HB     H N N 210 
ILE HG12   H N N 211 
ILE HG13   H N N 212 
ILE HG21   H N N 213 
ILE HG22   H N N 214 
ILE HG23   H N N 215 
ILE HD11   H N N 216 
ILE HD12   H N N 217 
ILE HD13   H N N 218 
ILE HXT    H N N 219 
LEU N      N N N 220 
LEU CA     C N S 221 
LEU C      C N N 222 
LEU O      O N N 223 
LEU CB     C N N 224 
LEU CG     C N N 225 
LEU CD1    C N N 226 
LEU CD2    C N N 227 
LEU OXT    O N N 228 
LEU H      H N N 229 
LEU H2     H N N 230 
LEU HA     H N N 231 
LEU HB2    H N N 232 
LEU HB3    H N N 233 
LEU HG     H N N 234 
LEU HD11   H N N 235 
LEU HD12   H N N 236 
LEU HD13   H N N 237 
LEU HD21   H N N 238 
LEU HD22   H N N 239 
LEU HD23   H N N 240 
LEU HXT    H N N 241 
LYS N      N N N 242 
LYS CA     C N S 243 
LYS C      C N N 244 
LYS O      O N N 245 
LYS CB     C N N 246 
LYS CG     C N N 247 
LYS CD     C N N 248 
LYS CE     C N N 249 
LYS NZ     N N N 250 
LYS OXT    O N N 251 
LYS H      H N N 252 
LYS H2     H N N 253 
LYS HA     H N N 254 
LYS HB2    H N N 255 
LYS HB3    H N N 256 
LYS HG2    H N N 257 
LYS HG3    H N N 258 
LYS HD2    H N N 259 
LYS HD3    H N N 260 
LYS HE2    H N N 261 
LYS HE3    H N N 262 
LYS HZ1    H N N 263 
LYS HZ2    H N N 264 
LYS HZ3    H N N 265 
LYS HXT    H N N 266 
MET N      N N N 267 
MET CA     C N S 268 
MET C      C N N 269 
MET O      O N N 270 
MET CB     C N N 271 
MET CG     C N N 272 
MET SD     S N N 273 
MET CE     C N N 274 
MET OXT    O N N 275 
MET H      H N N 276 
MET H2     H N N 277 
MET HA     H N N 278 
MET HB2    H N N 279 
MET HB3    H N N 280 
MET HG2    H N N 281 
MET HG3    H N N 282 
MET HE1    H N N 283 
MET HE2    H N N 284 
MET HE3    H N N 285 
MET HXT    H N N 286 
PHE N      N N N 287 
PHE CA     C N S 288 
PHE C      C N N 289 
PHE O      O N N 290 
PHE CB     C N N 291 
PHE CG     C Y N 292 
PHE CD1    C Y N 293 
PHE CD2    C Y N 294 
PHE CE1    C Y N 295 
PHE CE2    C Y N 296 
PHE CZ     C Y N 297 
PHE OXT    O N N 298 
PHE H      H N N 299 
PHE H2     H N N 300 
PHE HA     H N N 301 
PHE HB2    H N N 302 
PHE HB3    H N N 303 
PHE HD1    H N N 304 
PHE HD2    H N N 305 
PHE HE1    H N N 306 
PHE HE2    H N N 307 
PHE HZ     H N N 308 
PHE HXT    H N N 309 
PRO N      N N N 310 
PRO CA     C N S 311 
PRO C      C N N 312 
PRO O      O N N 313 
PRO CB     C N N 314 
PRO CG     C N N 315 
PRO CD     C N N 316 
PRO OXT    O N N 317 
PRO H      H N N 318 
PRO HA     H N N 319 
PRO HB2    H N N 320 
PRO HB3    H N N 321 
PRO HG2    H N N 322 
PRO HG3    H N N 323 
PRO HD2    H N N 324 
PRO HD3    H N N 325 
PRO HXT    H N N 326 
SER N      N N N 327 
SER CA     C N S 328 
SER C      C N N 329 
SER O      O N N 330 
SER CB     C N N 331 
SER OG     O N N 332 
SER OXT    O N N 333 
SER H      H N N 334 
SER H2     H N N 335 
SER HA     H N N 336 
SER HB2    H N N 337 
SER HB3    H N N 338 
SER HG     H N N 339 
SER HXT    H N N 340 
THR N      N N N 341 
THR CA     C N S 342 
THR C      C N N 343 
THR O      O N N 344 
THR CB     C N R 345 
THR OG1    O N N 346 
THR CG2    C N N 347 
THR OXT    O N N 348 
THR H      H N N 349 
THR H2     H N N 350 
THR HA     H N N 351 
THR HB     H N N 352 
THR HG1    H N N 353 
THR HG21   H N N 354 
THR HG22   H N N 355 
THR HG23   H N N 356 
THR HXT    H N N 357 
TYR N      N N N 358 
TYR CA     C N S 359 
TYR C      C N N 360 
TYR O      O N N 361 
TYR CB     C N N 362 
TYR CG     C Y N 363 
TYR CD1    C Y N 364 
TYR CD2    C Y N 365 
TYR CE1    C Y N 366 
TYR CE2    C Y N 367 
TYR CZ     C Y N 368 
TYR OH     O N N 369 
TYR OXT    O N N 370 
TYR H      H N N 371 
TYR H2     H N N 372 
TYR HA     H N N 373 
TYR HB2    H N N 374 
TYR HB3    H N N 375 
TYR HD1    H N N 376 
TYR HD2    H N N 377 
TYR HE1    H N N 378 
TYR HE2    H N N 379 
TYR HH     H N N 380 
TYR HXT    H N N 381 
VAL N      N N N 382 
VAL CA     C N S 383 
VAL C      C N N 384 
VAL O      O N N 385 
VAL CB     C N N 386 
VAL CG1    C N N 387 
VAL CG2    C N N 388 
VAL OXT    O N N 389 
VAL H      H N N 390 
VAL H2     H N N 391 
VAL HA     H N N 392 
VAL HB     H N N 393 
VAL HG11   H N N 394 
VAL HG12   H N N 395 
VAL HG13   H N N 396 
VAL HG21   H N N 397 
VAL HG22   H N N 398 
VAL HG23   H N N 399 
VAL HXT    H N N 400 
# 
loop_
_chem_comp_bond.comp_id 
_chem_comp_bond.atom_id_1 
_chem_comp_bond.atom_id_2 
_chem_comp_bond.value_order 
_chem_comp_bond.pdbx_aromatic_flag 
_chem_comp_bond.pdbx_stereo_config 
_chem_comp_bond.pdbx_ordinal 
AEN C1    C2     doub Y N 1   
AEN C1    C9     sing Y N 2   
AEN C1    S      sing N N 3   
AEN C2    C3     sing Y N 4   
AEN C2    H2     sing N N 5   
AEN C3    C4     doub Y N 6   
AEN C3    H3     sing N N 7   
AEN C4    C10    sing Y N 8   
AEN C4    H4     sing N N 9   
AEN C5    C6     doub Y N 10  
AEN C5    C10    sing Y N 11  
AEN C5    "N6'"  sing N N 12  
AEN C6    C7     sing Y N 13  
AEN C6    H6     sing N N 14  
AEN C7    C8     doub Y N 15  
AEN C7    H7     sing N N 16  
AEN C8    C9     sing Y N 17  
AEN C8    H8     sing N N 18  
AEN C9    C10    doub Y N 19  
AEN "C1'" "C2'"  sing N N 20  
AEN "C1'" "H1'1" sing N N 21  
AEN "C1'" "H1'2" sing N N 22  
AEN "C1'" "H1'3" sing N N 23  
AEN "C2'" "O2'"  doub N N 24  
AEN "C2'" "N3'"  sing N N 25  
AEN "N3'" "C4'"  sing N N 26  
AEN "N3'" "HN'3" sing N N 27  
AEN "C4'" "C5'"  sing N N 28  
AEN "C4'" "H4'1" sing N N 29  
AEN "C4'" "H4'2" sing N N 30  
AEN "C5'" "N6'"  sing N N 31  
AEN "C5'" "H5'1" sing N N 32  
AEN "C5'" "H5'2" sing N N 33  
AEN "N6'" "HN'6" sing N N 34  
AEN S     O1S    doub N N 35  
AEN S     O2S    doub N N 36  
AEN S     O3S    sing N N 37  
AEN O3S   HOS3   sing N N 38  
ALA N     CA     sing N N 39  
ALA N     H      sing N N 40  
ALA N     H2     sing N N 41  
ALA CA    C      sing N N 42  
ALA CA    CB     sing N N 43  
ALA CA    HA     sing N N 44  
ALA C     O      doub N N 45  
ALA C     OXT    sing N N 46  
ALA CB    HB1    sing N N 47  
ALA CB    HB2    sing N N 48  
ALA CB    HB3    sing N N 49  
ALA OXT   HXT    sing N N 50  
ARG N     CA     sing N N 51  
ARG N     H      sing N N 52  
ARG N     H2     sing N N 53  
ARG CA    C      sing N N 54  
ARG CA    CB     sing N N 55  
ARG CA    HA     sing N N 56  
ARG C     O      doub N N 57  
ARG C     OXT    sing N N 58  
ARG CB    CG     sing N N 59  
ARG CB    HB2    sing N N 60  
ARG CB    HB3    sing N N 61  
ARG CG    CD     sing N N 62  
ARG CG    HG2    sing N N 63  
ARG CG    HG3    sing N N 64  
ARG CD    NE     sing N N 65  
ARG CD    HD2    sing N N 66  
ARG CD    HD3    sing N N 67  
ARG NE    CZ     sing N N 68  
ARG NE    HE     sing N N 69  
ARG CZ    NH1    sing N N 70  
ARG CZ    NH2    doub N N 71  
ARG NH1   HH11   sing N N 72  
ARG NH1   HH12   sing N N 73  
ARG NH2   HH21   sing N N 74  
ARG NH2   HH22   sing N N 75  
ARG OXT   HXT    sing N N 76  
ASN N     CA     sing N N 77  
ASN N     H      sing N N 78  
ASN N     H2     sing N N 79  
ASN CA    C      sing N N 80  
ASN CA    CB     sing N N 81  
ASN CA    HA     sing N N 82  
ASN C     O      doub N N 83  
ASN C     OXT    sing N N 84  
ASN CB    CG     sing N N 85  
ASN CB    HB2    sing N N 86  
ASN CB    HB3    sing N N 87  
ASN CG    OD1    doub N N 88  
ASN CG    ND2    sing N N 89  
ASN ND2   HD21   sing N N 90  
ASN ND2   HD22   sing N N 91  
ASN OXT   HXT    sing N N 92  
ASP N     CA     sing N N 93  
ASP N     H      sing N N 94  
ASP N     H2     sing N N 95  
ASP CA    C      sing N N 96  
ASP CA    CB     sing N N 97  
ASP CA    HA     sing N N 98  
ASP C     O      doub N N 99  
ASP C     OXT    sing N N 100 
ASP CB    CG     sing N N 101 
ASP CB    HB2    sing N N 102 
ASP CB    HB3    sing N N 103 
ASP CG    OD1    doub N N 104 
ASP CG    OD2    sing N N 105 
ASP OD2   HD2    sing N N 106 
ASP OXT   HXT    sing N N 107 
CYS N     CA     sing N N 108 
CYS N     H      sing N N 109 
CYS N     H2     sing N N 110 
CYS CA    C      sing N N 111 
CYS CA    CB     sing N N 112 
CYS CA    HA     sing N N 113 
CYS C     O      doub N N 114 
CYS C     OXT    sing N N 115 
CYS CB    SG     sing N N 116 
CYS CB    HB2    sing N N 117 
CYS CB    HB3    sing N N 118 
CYS SG    HG     sing N N 119 
CYS OXT   HXT    sing N N 120 
GLN N     CA     sing N N 121 
GLN N     H      sing N N 122 
GLN N     H2     sing N N 123 
GLN CA    C      sing N N 124 
GLN CA    CB     sing N N 125 
GLN CA    HA     sing N N 126 
GLN C     O      doub N N 127 
GLN C     OXT    sing N N 128 
GLN CB    CG     sing N N 129 
GLN CB    HB2    sing N N 130 
GLN CB    HB3    sing N N 131 
GLN CG    CD     sing N N 132 
GLN CG    HG2    sing N N 133 
GLN CG    HG3    sing N N 134 
GLN CD    OE1    doub N N 135 
GLN CD    NE2    sing N N 136 
GLN NE2   HE21   sing N N 137 
GLN NE2   HE22   sing N N 138 
GLN OXT   HXT    sing N N 139 
GLU N     CA     sing N N 140 
GLU N     H      sing N N 141 
GLU N     H2     sing N N 142 
GLU CA    C      sing N N 143 
GLU CA    CB     sing N N 144 
GLU CA    HA     sing N N 145 
GLU C     O      doub N N 146 
GLU C     OXT    sing N N 147 
GLU CB    CG     sing N N 148 
GLU CB    HB2    sing N N 149 
GLU CB    HB3    sing N N 150 
GLU CG    CD     sing N N 151 
GLU CG    HG2    sing N N 152 
GLU CG    HG3    sing N N 153 
GLU CD    OE1    doub N N 154 
GLU CD    OE2    sing N N 155 
GLU OE2   HE2    sing N N 156 
GLU OXT   HXT    sing N N 157 
GLY N     CA     sing N N 158 
GLY N     H      sing N N 159 
GLY N     H2     sing N N 160 
GLY CA    C      sing N N 161 
GLY CA    HA2    sing N N 162 
GLY CA    HA3    sing N N 163 
GLY C     O      doub N N 164 
GLY C     OXT    sing N N 165 
GLY OXT   HXT    sing N N 166 
HIS N     CA     sing N N 167 
HIS N     H      sing N N 168 
HIS N     H2     sing N N 169 
HIS CA    C      sing N N 170 
HIS CA    CB     sing N N 171 
HIS CA    HA     sing N N 172 
HIS C     O      doub N N 173 
HIS C     OXT    sing N N 174 
HIS CB    CG     sing N N 175 
HIS CB    HB2    sing N N 176 
HIS CB    HB3    sing N N 177 
HIS CG    ND1    sing Y N 178 
HIS CG    CD2    doub Y N 179 
HIS ND1   CE1    doub Y N 180 
HIS ND1   HD1    sing N N 181 
HIS CD2   NE2    sing Y N 182 
HIS CD2   HD2    sing N N 183 
HIS CE1   NE2    sing Y N 184 
HIS CE1   HE1    sing N N 185 
HIS NE2   HE2    sing N N 186 
HIS OXT   HXT    sing N N 187 
HOH O     H1     sing N N 188 
HOH O     H2     sing N N 189 
ILE N     CA     sing N N 190 
ILE N     H      sing N N 191 
ILE N     H2     sing N N 192 
ILE CA    C      sing N N 193 
ILE CA    CB     sing N N 194 
ILE CA    HA     sing N N 195 
ILE C     O      doub N N 196 
ILE C     OXT    sing N N 197 
ILE CB    CG1    sing N N 198 
ILE CB    CG2    sing N N 199 
ILE CB    HB     sing N N 200 
ILE CG1   CD1    sing N N 201 
ILE CG1   HG12   sing N N 202 
ILE CG1   HG13   sing N N 203 
ILE CG2   HG21   sing N N 204 
ILE CG2   HG22   sing N N 205 
ILE CG2   HG23   sing N N 206 
ILE CD1   HD11   sing N N 207 
ILE CD1   HD12   sing N N 208 
ILE CD1   HD13   sing N N 209 
ILE OXT   HXT    sing N N 210 
LEU N     CA     sing N N 211 
LEU N     H      sing N N 212 
LEU N     H2     sing N N 213 
LEU CA    C      sing N N 214 
LEU CA    CB     sing N N 215 
LEU CA    HA     sing N N 216 
LEU C     O      doub N N 217 
LEU C     OXT    sing N N 218 
LEU CB    CG     sing N N 219 
LEU CB    HB2    sing N N 220 
LEU CB    HB3    sing N N 221 
LEU CG    CD1    sing N N 222 
LEU CG    CD2    sing N N 223 
LEU CG    HG     sing N N 224 
LEU CD1   HD11   sing N N 225 
LEU CD1   HD12   sing N N 226 
LEU CD1   HD13   sing N N 227 
LEU CD2   HD21   sing N N 228 
LEU CD2   HD22   sing N N 229 
LEU CD2   HD23   sing N N 230 
LEU OXT   HXT    sing N N 231 
LYS N     CA     sing N N 232 
LYS N     H      sing N N 233 
LYS N     H2     sing N N 234 
LYS CA    C      sing N N 235 
LYS CA    CB     sing N N 236 
LYS CA    HA     sing N N 237 
LYS C     O      doub N N 238 
LYS C     OXT    sing N N 239 
LYS CB    CG     sing N N 240 
LYS CB    HB2    sing N N 241 
LYS CB    HB3    sing N N 242 
LYS CG    CD     sing N N 243 
LYS CG    HG2    sing N N 244 
LYS CG    HG3    sing N N 245 
LYS CD    CE     sing N N 246 
LYS CD    HD2    sing N N 247 
LYS CD    HD3    sing N N 248 
LYS CE    NZ     sing N N 249 
LYS CE    HE2    sing N N 250 
LYS CE    HE3    sing N N 251 
LYS NZ    HZ1    sing N N 252 
LYS NZ    HZ2    sing N N 253 
LYS NZ    HZ3    sing N N 254 
LYS OXT   HXT    sing N N 255 
MET N     CA     sing N N 256 
MET N     H      sing N N 257 
MET N     H2     sing N N 258 
MET CA    C      sing N N 259 
MET CA    CB     sing N N 260 
MET CA    HA     sing N N 261 
MET C     O      doub N N 262 
MET C     OXT    sing N N 263 
MET CB    CG     sing N N 264 
MET CB    HB2    sing N N 265 
MET CB    HB3    sing N N 266 
MET CG    SD     sing N N 267 
MET CG    HG2    sing N N 268 
MET CG    HG3    sing N N 269 
MET SD    CE     sing N N 270 
MET CE    HE1    sing N N 271 
MET CE    HE2    sing N N 272 
MET CE    HE3    sing N N 273 
MET OXT   HXT    sing N N 274 
PHE N     CA     sing N N 275 
PHE N     H      sing N N 276 
PHE N     H2     sing N N 277 
PHE CA    C      sing N N 278 
PHE CA    CB     sing N N 279 
PHE CA    HA     sing N N 280 
PHE C     O      doub N N 281 
PHE C     OXT    sing N N 282 
PHE CB    CG     sing N N 283 
PHE CB    HB2    sing N N 284 
PHE CB    HB3    sing N N 285 
PHE CG    CD1    doub Y N 286 
PHE CG    CD2    sing Y N 287 
PHE CD1   CE1    sing Y N 288 
PHE CD1   HD1    sing N N 289 
PHE CD2   CE2    doub Y N 290 
PHE CD2   HD2    sing N N 291 
PHE CE1   CZ     doub Y N 292 
PHE CE1   HE1    sing N N 293 
PHE CE2   CZ     sing Y N 294 
PHE CE2   HE2    sing N N 295 
PHE CZ    HZ     sing N N 296 
PHE OXT   HXT    sing N N 297 
PRO N     CA     sing N N 298 
PRO N     CD     sing N N 299 
PRO N     H      sing N N 300 
PRO CA    C      sing N N 301 
PRO CA    CB     sing N N 302 
PRO CA    HA     sing N N 303 
PRO C     O      doub N N 304 
PRO C     OXT    sing N N 305 
PRO CB    CG     sing N N 306 
PRO CB    HB2    sing N N 307 
PRO CB    HB3    sing N N 308 
PRO CG    CD     sing N N 309 
PRO CG    HG2    sing N N 310 
PRO CG    HG3    sing N N 311 
PRO CD    HD2    sing N N 312 
PRO CD    HD3    sing N N 313 
PRO OXT   HXT    sing N N 314 
SER N     CA     sing N N 315 
SER N     H      sing N N 316 
SER N     H2     sing N N 317 
SER CA    C      sing N N 318 
SER CA    CB     sing N N 319 
SER CA    HA     sing N N 320 
SER C     O      doub N N 321 
SER C     OXT    sing N N 322 
SER CB    OG     sing N N 323 
SER CB    HB2    sing N N 324 
SER CB    HB3    sing N N 325 
SER OG    HG     sing N N 326 
SER OXT   HXT    sing N N 327 
THR N     CA     sing N N 328 
THR N     H      sing N N 329 
THR N     H2     sing N N 330 
THR CA    C      sing N N 331 
THR CA    CB     sing N N 332 
THR CA    HA     sing N N 333 
THR C     O      doub N N 334 
THR C     OXT    sing N N 335 
THR CB    OG1    sing N N 336 
THR CB    CG2    sing N N 337 
THR CB    HB     sing N N 338 
THR OG1   HG1    sing N N 339 
THR CG2   HG21   sing N N 340 
THR CG2   HG22   sing N N 341 
THR CG2   HG23   sing N N 342 
THR OXT   HXT    sing N N 343 
TYR N     CA     sing N N 344 
TYR N     H      sing N N 345 
TYR N     H2     sing N N 346 
TYR CA    C      sing N N 347 
TYR CA    CB     sing N N 348 
TYR CA    HA     sing N N 349 
TYR C     O      doub N N 350 
TYR C     OXT    sing N N 351 
TYR CB    CG     sing N N 352 
TYR CB    HB2    sing N N 353 
TYR CB    HB3    sing N N 354 
TYR CG    CD1    doub Y N 355 
TYR CG    CD2    sing Y N 356 
TYR CD1   CE1    sing Y N 357 
TYR CD1   HD1    sing N N 358 
TYR CD2   CE2    doub Y N 359 
TYR CD2   HD2    sing N N 360 
TYR CE1   CZ     doub Y N 361 
TYR CE1   HE1    sing N N 362 
TYR CE2   CZ     sing Y N 363 
TYR CE2   HE2    sing N N 364 
TYR CZ    OH     sing N N 365 
TYR OH    HH     sing N N 366 
TYR OXT   HXT    sing N N 367 
VAL N     CA     sing N N 368 
VAL N     H      sing N N 369 
VAL N     H2     sing N N 370 
VAL CA    C      sing N N 371 
VAL CA    CB     sing N N 372 
VAL CA    HA     sing N N 373 
VAL C     O      doub N N 374 
VAL C     OXT    sing N N 375 
VAL CB    CG1    sing N N 376 
VAL CB    CG2    sing N N 377 
VAL CB    HB     sing N N 378 
VAL CG1   HG11   sing N N 379 
VAL CG1   HG12   sing N N 380 
VAL CG1   HG13   sing N N 381 
VAL CG2   HG21   sing N N 382 
VAL CG2   HG22   sing N N 383 
VAL CG2   HG23   sing N N 384 
VAL OXT   HXT    sing N N 385 
# 
_atom_sites.entry_id                    1RAS 
_atom_sites.fract_transf_matrix[1][1]   -0.01756511 
_atom_sites.fract_transf_matrix[1][2]   -0.00202379 
_atom_sites.fract_transf_matrix[1][3]   0.00141088 
_atom_sites.fract_transf_matrix[2][1]   -0.00683811 
_atom_sites.fract_transf_matrix[2][2]   -0.00872895 
_atom_sites.fract_transf_matrix[2][3]   0.01384366 
_atom_sites.fract_transf_matrix[3][1]   -0.00088632 
_atom_sites.fract_transf_matrix[3][2]   0.01318185 
_atom_sites.fract_transf_matrix[3][3]   0.00787386 
_atom_sites.fract_transf_vector[1]      0.488974 
_atom_sites.fract_transf_vector[2]      0.331568 
_atom_sites.fract_transf_vector[3]      0.407878 
# 
loop_
_atom_sites_footnote.id 
_atom_sites_footnote.text 
1 'CIS PROLINE - PRO      93' 
2 'CIS PROLINE - PRO     114' 
# 
loop_
_atom_type.symbol 
C 
N 
O 
S 
# 
loop_
_atom_site.group_PDB 
_atom_site.id 
_atom_site.type_symbol 
_atom_site.label_atom_id 
_atom_site.label_alt_id 
_atom_site.label_comp_id 
_atom_site.label_asym_id 
_atom_site.label_entity_id 
_atom_site.label_seq_id 
_atom_site.pdbx_PDB_ins_code 
_atom_site.Cartn_x 
_atom_site.Cartn_y 
_atom_site.Cartn_z 
_atom_site.occupancy 
_atom_site.B_iso_or_equiv 
_atom_site.pdbx_formal_charge 
_atom_site.auth_seq_id 
_atom_site.auth_comp_id 
_atom_site.auth_asym_id 
_atom_site.auth_atom_id 
_atom_site.pdbx_PDB_model_num 
ATOM   1    N N     . GLU A 1 1   ? 4.465   5.269   -16.578 1.00 19.77 ? 2   GLU A N     1 
ATOM   2    C CA    . GLU A 1 1   ? 3.356   5.173   -15.618 1.00 19.12 ? 2   GLU A CA    1 
ATOM   3    C C     . GLU A 1 1   ? 3.277   6.486   -14.839 1.00 18.57 ? 2   GLU A C     1 
ATOM   4    O O     . GLU A 1 1   ? 4.332   6.962   -14.345 1.00 18.82 ? 2   GLU A O     1 
ATOM   5    C CB    . GLU A 1 1   ? 3.617   4.040   -14.617 1.00 19.98 ? 2   GLU A CB    1 
ATOM   6    C CG    . GLU A 1 1   ? 2.466   3.258   -14.056 1.00 20.52 ? 2   GLU A CG    1 
ATOM   7    C CD    . GLU A 1 1   ? 2.743   2.015   -13.243 1.00 20.58 ? 2   GLU A CD    1 
ATOM   8    O OE1   . GLU A 1 1   ? 3.922   1.923   -12.834 1.00 20.24 ? 2   GLU A OE1   1 
ATOM   9    O OE2   . GLU A 1 1   ? 1.885   1.175   -13.037 1.00 20.58 ? 2   GLU A OE2   1 
ATOM   10   N N     . THR A 1 2   ? 2.080   7.038   -14.721 1.00 17.28 ? 3   THR A N     1 
ATOM   11   C CA    . THR A 1 2   ? 1.877   8.294   -13.986 1.00 16.32 ? 3   THR A CA    1 
ATOM   12   C C     . THR A 1 2   ? 2.029   7.987   -12.492 1.00 15.42 ? 3   THR A C     1 
ATOM   13   O O     . THR A 1 2   ? 1.874   6.818   -12.129 1.00 13.98 ? 3   THR A O     1 
ATOM   14   C CB    . THR A 1 2   ? 0.490   8.922   -14.346 1.00 16.96 ? 3   THR A CB    1 
ATOM   15   O OG1   . THR A 1 2   ? -0.468  8.037   -13.685 1.00 18.11 ? 3   THR A OG1   1 
ATOM   16   C CG2   . THR A 1 2   ? 0.179   9.033   -15.853 1.00 17.16 ? 3   THR A CG2   1 
ATOM   17   N N     . ALA A 1 3   ? 2.306   8.998   -11.711 1.00 15.46 ? 4   ALA A N     1 
ATOM   18   C CA    . ALA A 1 3   ? 2.474   8.805   -10.265 1.00 16.01 ? 4   ALA A CA    1 
ATOM   19   C C     . ALA A 1 3   ? 1.222   8.160   -9.673  1.00 16.00 ? 4   ALA A C     1 
ATOM   20   O O     . ALA A 1 3   ? 1.386   7.195   -8.902  1.00 15.95 ? 4   ALA A O     1 
ATOM   21   C CB    . ALA A 1 3   ? 2.829   10.068  -9.492  1.00 16.48 ? 4   ALA A CB    1 
ATOM   22   N N     . ALA A 1 4   ? 0.050   8.680   -10.004 1.00 15.57 ? 5   ALA A N     1 
ATOM   23   C CA    . ALA A 1 4   ? -1.197  8.106   -9.457  1.00 15.40 ? 5   ALA A CA    1 
ATOM   24   C C     . ALA A 1 4   ? -1.381  6.660   -9.864  1.00 15.08 ? 5   ALA A C     1 
ATOM   25   O O     . ALA A 1 4   ? -1.789  5.816   -9.030  1.00 15.55 ? 5   ALA A O     1 
ATOM   26   C CB    . ALA A 1 4   ? -2.370  8.978   -9.878  1.00 15.90 ? 5   ALA A CB    1 
ATOM   27   N N     . ALA A 1 5   ? -1.097  6.280   -11.098 1.00 14.26 ? 6   ALA A N     1 
ATOM   28   C CA    . ALA A 1 5   ? -1.246  4.918   -11.584 1.00 14.02 ? 6   ALA A CA    1 
ATOM   29   C C     . ALA A 1 5   ? -0.301  3.942   -10.882 1.00 14.22 ? 6   ALA A C     1 
ATOM   30   O O     . ALA A 1 5   ? -0.665  2.778   -10.635 1.00 14.22 ? 6   ALA A O     1 
ATOM   31   C CB    . ALA A 1 5   ? -1.082  4.844   -13.094 1.00 13.65 ? 6   ALA A CB    1 
ATOM   32   N N     . LYS A 1 6   ? 0.911   4.385   -10.617 1.00 14.31 ? 7   LYS A N     1 
ATOM   33   C CA    . LYS A 1 6   ? 1.912   3.516   -9.963  1.00 14.45 ? 7   LYS A CA    1 
ATOM   34   C C     . LYS A 1 6   ? 1.412   3.215   -8.546  1.00 13.57 ? 7   LYS A C     1 
ATOM   35   O O     . LYS A 1 6   ? 1.490   2.070   -8.080  1.00 13.80 ? 7   LYS A O     1 
ATOM   36   C CB    . LYS A 1 6   ? 3.301   4.146   -9.994  1.00 15.92 ? 7   LYS A CB    1 
ATOM   37   C CG    . LYS A 1 6   ? 4.398   3.235   -9.437  1.00 17.67 ? 7   LYS A CG    1 
ATOM   38   C CD    . LYS A 1 6   ? 5.793   3.787   -9.572  1.00 20.07 ? 7   LYS A CD    1 
ATOM   39   C CE    . LYS A 1 6   ? 6.452   3.491   -10.912 1.00 21.90 ? 7   LYS A CE    1 
ATOM   40   N NZ    . LYS A 1 6   ? 6.302   4.629   -11.850 1.00 23.95 ? 7   LYS A NZ    1 
ATOM   41   N N     . PHE A 1 7   ? 0.903   4.228   -7.863  1.00 13.16 ? 8   PHE A N     1 
ATOM   42   C CA    . PHE A 1 7   ? 0.358   4.054   -6.501  1.00 13.14 ? 8   PHE A CA    1 
ATOM   43   C C     . PHE A 1 7   ? -0.758  3.006   -6.530  1.00 13.37 ? 8   PHE A C     1 
ATOM   44   O O     . PHE A 1 7   ? -0.846  2.108   -5.657  1.00 13.47 ? 8   PHE A O     1 
ATOM   45   C CB    . PHE A 1 7   ? -0.216  5.344   -5.902  1.00 13.18 ? 8   PHE A CB    1 
ATOM   46   C CG    . PHE A 1 7   ? -0.906  5.168   -4.571  1.00 13.84 ? 8   PHE A CG    1 
ATOM   47   C CD1   . PHE A 1 7   ? -0.130  5.149   -3.404  1.00 13.95 ? 8   PHE A CD1   1 
ATOM   48   C CD2   . PHE A 1 7   ? -2.273  5.001   -4.469  1.00 13.83 ? 8   PHE A CD2   1 
ATOM   49   C CE1   . PHE A 1 7   ? -0.714  4.989   -2.158  1.00 14.40 ? 8   PHE A CE1   1 
ATOM   50   C CE2   . PHE A 1 7   ? -2.899  4.822   -3.240  1.00 14.27 ? 8   PHE A CE2   1 
ATOM   51   C CZ    . PHE A 1 7   ? -2.103  4.811   -2.072  1.00 14.60 ? 8   PHE A CZ    1 
ATOM   52   N N     . GLU A 1 8   ? -1.682  3.189   -7.469  1.00 13.46 ? 9   GLU A N     1 
ATOM   53   C CA    . GLU A 1 8   ? -2.843  2.266   -7.574  1.00 13.71 ? 9   GLU A CA    1 
ATOM   54   C C     . GLU A 1 8   ? -2.426  0.832   -7.783  1.00 14.05 ? 9   GLU A C     1 
ATOM   55   O O     . GLU A 1 8   ? -2.881  -0.112  -7.115  1.00 13.68 ? 9   GLU A O     1 
ATOM   56   C CB    . GLU A 1 8   ? -3.764  2.744   -8.679  1.00 14.12 ? 9   GLU A CB    1 
ATOM   57   C CG    . GLU A 1 8   ? -4.474  4.075   -8.348  1.00 15.20 ? 9   GLU A CG    1 
ATOM   58   C CD    . GLU A 1 8   ? -5.142  4.691   -9.566  1.00 16.62 ? 9   GLU A CD    1 
ATOM   59   O OE1   . GLU A 1 8   ? -4.887  4.121   -10.644 1.00 17.06 ? 9   GLU A OE1   1 
ATOM   60   O OE2   . GLU A 1 8   ? -5.847  5.674   -9.525  1.00 17.41 ? 9   GLU A OE2   1 
ATOM   61   N N     . ARG A 1 9   ? -1.508  0.616   -8.717  1.00 13.76 ? 10  ARG A N     1 
ATOM   62   C CA    . ARG A 1 9   ? -1.006  -0.706  -9.047  1.00 13.81 ? 10  ARG A CA    1 
ATOM   63   C C     . ARG A 1 9   ? -0.298  -1.310  -7.829  1.00 13.71 ? 10  ARG A C     1 
ATOM   64   O O     . ARG A 1 9   ? -0.553  -2.502  -7.530  1.00 13.94 ? 10  ARG A O     1 
ATOM   65   C CB    . ARG A 1 9   ? -0.037  -0.663  -10.239 1.00 13.95 ? 10  ARG A CB    1 
ATOM   66   C CG    . ARG A 1 9   ? 0.488   -2.044  -10.612 1.00 14.32 ? 10  ARG A CG    1 
ATOM   67   C CD    . ARG A 1 9   ? 1.433   -1.979  -11.761 1.00 15.22 ? 10  ARG A CD    1 
ATOM   68   N NE    . ARG A 1 9   ? 2.586   -1.099  -11.697 1.00 15.60 ? 10  ARG A NE    1 
ATOM   69   C CZ    . ARG A 1 9   ? 3.802   -1.272  -11.174 1.00 15.19 ? 10  ARG A CZ    1 
ATOM   70   N NH1   . ARG A 1 9   ? 4.143   -2.396  -10.543 1.00 14.99 ? 10  ARG A NH1   1 
ATOM   71   N NH2   . ARG A 1 9   ? 4.702   -0.284  -11.274 1.00 15.92 ? 10  ARG A NH2   1 
ATOM   72   N N     . GLN A 1 10  ? 0.541   -0.517  -7.192  1.00 13.10 ? 11  GLN A N     1 
ATOM   73   C CA    . GLN A 1 10  ? 1.277   -1.106  -6.045  1.00 13.71 ? 11  GLN A CA    1 
ATOM   74   C C     . GLN A 1 10  ? 0.498   -1.176  -4.747  1.00 14.18 ? 11  GLN A C     1 
ATOM   75   O O     . GLN A 1 10  ? 0.960   -1.975  -3.889  1.00 14.93 ? 11  GLN A O     1 
ATOM   76   C CB    . GLN A 1 10  ? 2.599   -0.335  -5.843  1.00 14.14 ? 11  GLN A CB    1 
ATOM   77   C CG    . GLN A 1 10  ? 3.460   -0.340  -7.097  1.00 15.44 ? 11  GLN A CG    1 
ATOM   78   C CD    . GLN A 1 10  ? 4.836   0.227   -6.814  1.00 16.89 ? 11  GLN A CD    1 
ATOM   79   O OE1   . GLN A 1 10  ? 5.123   0.861   -5.804  1.00 17.66 ? 11  GLN A OE1   1 
ATOM   80   N NE2   . GLN A 1 10  ? 5.774   -0.011  -7.725  1.00 17.75 ? 11  GLN A NE2   1 
ATOM   81   N N     . HIS A 1 11  ? -0.598  -0.447  -4.537  1.00 13.59 ? 12  HIS A N     1 
ATOM   82   C CA    . HIS A 1 11  ? -1.265  -0.506  -3.227  1.00 13.50 ? 12  HIS A CA    1 
ATOM   83   C C     . HIS A 1 11  ? -2.749  -0.753  -3.144  1.00 14.16 ? 12  HIS A C     1 
ATOM   84   O O     . HIS A 1 11  ? -3.267  -0.932  -2.000  1.00 14.64 ? 12  HIS A O     1 
ATOM   85   C CB    . HIS A 1 11  ? -0.956  0.879   -2.501  1.00 13.11 ? 12  HIS A CB    1 
ATOM   86   C CG    . HIS A 1 11  ? 0.530   0.967   -2.299  1.00 13.39 ? 12  HIS A CG    1 
ATOM   87   N ND1   . HIS A 1 11  ? 1.207   0.241   -1.348  1.00 13.50 ? 12  HIS A ND1   1 
ATOM   88   C CD2   . HIS A 1 11  ? 1.493   1.644   -2.971  1.00 13.26 ? 12  HIS A CD2   1 
ATOM   89   C CE1   . HIS A 1 11  ? 2.500   0.474   -1.406  1.00 13.67 ? 12  HIS A CE1   1 
ATOM   90   N NE2   . HIS A 1 11  ? 2.732   1.343   -2.399  1.00 14.52 ? 12  HIS A NE2   1 
ATOM   91   N N     . MET A 1 12  ? -3.470  -0.750  -4.257  1.00 13.19 ? 13  MET A N     1 
ATOM   92   C CA    . MET A 1 12  ? -4.913  -0.935  -4.198  1.00 13.94 ? 13  MET A CA    1 
ATOM   93   C C     . MET A 1 12  ? -5.404  -2.340  -4.484  1.00 14.23 ? 13  MET A C     1 
ATOM   94   O O     . MET A 1 12  ? -5.008  -2.895  -5.486  1.00 14.98 ? 13  MET A O     1 
ATOM   95   C CB    . MET A 1 12  ? -5.618  0.041   -5.138  1.00 14.30 ? 13  MET A CB    1 
ATOM   96   C CG    . MET A 1 12  ? -5.434  1.494   -4.796  1.00 14.89 ? 13  MET A CG    1 
ATOM   97   S SD    . MET A 1 12  ? -6.164  1.966   -3.175  1.00 15.30 ? 13  MET A SD    1 
ATOM   98   C CE    . MET A 1 12  ? -7.767  1.165   -3.348  1.00 15.63 ? 13  MET A CE    1 
ATOM   99   N N     . ASP A 1 13  ? -6.216  -2.830  -3.564  1.00 15.00 ? 14  ASP A N     1 
ATOM   100  C CA    . ASP A 1 13  ? -6.835  -4.148  -3.774  1.00 16.01 ? 14  ASP A CA    1 
ATOM   101  C C     . ASP A 1 13  ? -8.280  -4.008  -3.241  1.00 16.77 ? 14  ASP A C     1 
ATOM   102  O O     . ASP A 1 13  ? -8.560  -4.520  -2.171  1.00 16.58 ? 14  ASP A O     1 
ATOM   103  C CB    . ASP A 1 13  ? -6.086  -5.354  -3.244  1.00 16.35 ? 14  ASP A CB    1 
ATOM   104  C CG    . ASP A 1 13  ? -6.880  -6.642  -3.562  1.00 17.40 ? 14  ASP A CG    1 
ATOM   105  O OD1   . ASP A 1 13  ? -7.751  -6.671  -4.470  1.00 17.74 ? 14  ASP A OD1   1 
ATOM   106  O OD2   . ASP A 1 13  ? -6.600  -7.627  -2.867  1.00 17.66 ? 14  ASP A OD2   1 
ATOM   107  N N     . SER A 1 14  ? -9.167  -3.345  -3.942  1.00 17.51 ? 15  SER A N     1 
ATOM   108  C CA    . SER A 1 14  ? -10.551 -3.161  -3.513  1.00 18.98 ? 15  SER A CA    1 
ATOM   109  C C     . SER A 1 14  ? -11.399 -4.375  -3.889  1.00 20.32 ? 15  SER A C     1 
ATOM   110  O O     . SER A 1 14  ? -12.627 -4.305  -3.626  1.00 21.79 ? 15  SER A O     1 
ATOM   111  C CB    . SER A 1 14  ? -11.162 -1.924  -4.118  1.00 19.32 ? 15  SER A CB    1 
ATOM   112  O OG    . SER A 1 14  ? -10.391 -0.751  -3.956  1.00 19.74 ? 15  SER A OG    1 
ATOM   113  N N     . SER A 1 15  ? -10.824 -5.404  -4.458  1.00 20.74 ? 16  SER A N     1 
ATOM   114  C CA    . SER A 1 15  ? -11.604 -6.582  -4.856  1.00 22.60 ? 16  SER A CA    1 
ATOM   115  C C     . SER A 1 15  ? -11.892 -7.543  -3.707  1.00 23.58 ? 16  SER A C     1 
ATOM   116  O O     . SER A 1 15  ? -12.757 -8.447  -3.804  1.00 24.08 ? 16  SER A O     1 
ATOM   117  C CB    . SER A 1 15  ? -10.879 -7.300  -6.006  1.00 22.85 ? 16  SER A CB    1 
ATOM   118  O OG    . SER A 1 15  ? -9.836  -8.035  -5.363  1.00 24.63 ? 16  SER A OG    1 
ATOM   119  N N     . THR A 1 16  ? -11.183 -7.381  -2.608  1.00 24.55 ? 17  THR A N     1 
ATOM   120  C CA    . THR A 1 16  ? -11.296 -8.208  -1.397  1.00 25.02 ? 17  THR A CA    1 
ATOM   121  C C     . THR A 1 16  ? -11.345 -7.309  -0.154  1.00 25.24 ? 17  THR A C     1 
ATOM   122  O O     . THR A 1 16  ? -10.657 -6.272  -0.105  1.00 24.99 ? 17  THR A O     1 
ATOM   123  C CB    . THR A 1 16  ? -10.083 -9.205  -1.205  1.00 25.43 ? 17  THR A CB    1 
ATOM   124  O OG1   . THR A 1 16  ? -8.839  -8.425  -1.183  1.00 25.32 ? 17  THR A OG1   1 
ATOM   125  C CG2   . THR A 1 16  ? -9.930  -10.341 -2.215  1.00 25.69 ? 17  THR A CG2   1 
ATOM   126  N N     . SER A 1 17  ? -12.118 -7.798  0.810   1.00 25.46 ? 18  SER A N     1 
ATOM   127  C CA    . SER A 1 17  ? -12.251 -7.083  2.086   1.00 26.38 ? 18  SER A CA    1 
ATOM   128  C C     . SER A 1 17  ? -11.027 -7.309  2.970   1.00 26.01 ? 18  SER A C     1 
ATOM   129  O O     . SER A 1 17  ? -10.774 -6.509  3.894   1.00 26.21 ? 18  SER A O     1 
ATOM   130  C CB    . SER A 1 17  ? -13.559 -7.459  2.775   1.00 27.37 ? 18  SER A CB    1 
ATOM   131  O OG    . SER A 1 17  ? -13.496 -8.871  3.022   1.00 29.74 ? 18  SER A OG    1 
ATOM   132  N N     . ALA A 1 18  ? -10.268 -8.349  2.720   1.00 25.98 ? 19  ALA A N     1 
ATOM   133  C CA    . ALA A 1 18  ? -9.067  -8.655  3.501   1.00 26.74 ? 19  ALA A CA    1 
ATOM   134  C C     . ALA A 1 18  ? -8.392  -9.910  2.953   1.00 27.07 ? 19  ALA A C     1 
ATOM   135  O O     . ALA A 1 18  ? -9.146  -10.721 2.380   1.00 27.10 ? 19  ALA A O     1 
ATOM   136  C CB    . ALA A 1 18  ? -9.404  -8.936  4.967   1.00 26.93 ? 19  ALA A CB    1 
ATOM   137  N N     . ALA A 1 19  ? -7.101  -10.020 3.193   1.00 27.17 ? 20  ALA A N     1 
ATOM   138  C CA    . ALA A 1 19  ? -6.336  -11.190 2.748   1.00 27.96 ? 20  ALA A CA    1 
ATOM   139  C C     . ALA A 1 19  ? -7.042  -12.473 3.218   1.00 29.11 ? 20  ALA A C     1 
ATOM   140  O O     . ALA A 1 19  ? -7.426  -12.656 4.374   1.00 29.38 ? 20  ALA A O     1 
ATOM   141  C CB    . ALA A 1 19  ? -4.904  -11.172 3.268   1.00 27.24 ? 20  ALA A CB    1 
ATOM   142  N N     . SER A 1 20  ? -7.170  -13.368 2.276   1.00 30.21 ? 21  SER A N     1 
ATOM   143  C CA    . SER A 1 20  ? -7.800  -14.666 2.431   1.00 31.30 ? 21  SER A CA    1 
ATOM   144  C C     . SER A 1 20  ? -7.018  -15.647 3.299   1.00 31.28 ? 21  SER A C     1 
ATOM   145  O O     . SER A 1 20  ? -7.485  -16.220 4.310   1.00 32.55 ? 21  SER A O     1 
ATOM   146  C CB    . SER A 1 20  ? -7.762  -15.287 0.995   1.00 32.37 ? 21  SER A CB    1 
ATOM   147  O OG    . SER A 1 20  ? -6.431  -14.945 0.504   1.00 33.01 ? 21  SER A OG    1 
ATOM   148  N N     . SER A 1 21  ? -5.807  -15.882 2.817   1.00 29.55 ? 22  SER A N     1 
ATOM   149  C CA    . SER A 1 21  ? -4.900  -16.847 3.422   1.00 27.95 ? 22  SER A CA    1 
ATOM   150  C C     . SER A 1 21  ? -3.483  -16.335 3.515   1.00 26.57 ? 22  SER A C     1 
ATOM   151  O O     . SER A 1 21  ? -3.217  -15.186 3.135   1.00 26.52 ? 22  SER A O     1 
ATOM   152  C CB    . SER A 1 21  ? -4.865  -18.014 2.420   1.00 28.63 ? 22  SER A CB    1 
ATOM   153  O OG    . SER A 1 21  ? -4.161  -17.588 1.253   1.00 29.20 ? 22  SER A OG    1 
ATOM   154  N N     . SER A 1 22  ? -2.615  -17.245 3.952   1.00 24.80 ? 23  SER A N     1 
ATOM   155  C CA    . SER A 1 22  ? -1.199  -16.880 4.062   1.00 23.43 ? 23  SER A CA    1 
ATOM   156  C C     . SER A 1 22  ? -0.560  -16.729 2.695   1.00 22.25 ? 23  SER A C     1 
ATOM   157  O O     . SER A 1 22  ? 0.541   -16.135 2.625   1.00 22.97 ? 23  SER A O     1 
ATOM   158  C CB    . SER A 1 22  ? -0.454  -17.936 4.886   1.00 23.96 ? 23  SER A CB    1 
ATOM   159  O OG    . SER A 1 22  ? -0.657  -19.186 4.228   1.00 23.94 ? 23  SER A OG    1 
ATOM   160  N N     . ASN A 1 23  ? -1.138  -17.215 1.612   1.00 21.30 ? 24  ASN A N     1 
ATOM   161  C CA    . ASN A 1 23  ? -0.476  -17.065 0.300   1.00 20.84 ? 24  ASN A CA    1 
ATOM   162  C C     . ASN A 1 23  ? -0.892  -15.777 -0.402  1.00 19.08 ? 24  ASN A C     1 
ATOM   163  O O     . ASN A 1 23  ? -0.420  -15.573 -1.550  1.00 18.36 ? 24  ASN A O     1 
ATOM   164  C CB    . ASN A 1 23  ? -0.731  -18.315 -0.550  1.00 24.12 ? 24  ASN A CB    1 
ATOM   165  C CG    . ASN A 1 23  ? 0.004   -19.500 0.053   1.00 27.04 ? 24  ASN A CG    1 
ATOM   166  O OD1   . ASN A 1 23  ? -0.648  -20.531 0.342   1.00 29.16 ? 24  ASN A OD1   1 
ATOM   167  N ND2   . ASN A 1 23  ? 1.328   -19.419 0.298   1.00 28.08 ? 24  ASN A ND2   1 
ATOM   168  N N     . TYR A 1 24  ? -1.751  -14.987 0.244   1.00 15.91 ? 25  TYR A N     1 
ATOM   169  C CA    . TYR A 1 24  ? -2.187  -13.740 -0.403  1.00 14.62 ? 25  TYR A CA    1 
ATOM   170  C C     . TYR A 1 24  ? -1.024  -12.885 -0.911  1.00 14.48 ? 25  TYR A C     1 
ATOM   171  O O     . TYR A 1 24  ? -1.080  -12.446 -2.077  1.00 14.44 ? 25  TYR A O     1 
ATOM   172  C CB    . TYR A 1 24  ? -3.131  -12.948 0.502   1.00 14.07 ? 25  TYR A CB    1 
ATOM   173  C CG    . TYR A 1 24  ? -3.455  -11.554 0.005   1.00 14.50 ? 25  TYR A CG    1 
ATOM   174  C CD1   . TYR A 1 24  ? -2.618  -10.452 0.266   1.00 14.07 ? 25  TYR A CD1   1 
ATOM   175  C CD2   . TYR A 1 24  ? -4.623  -11.333 -0.754  1.00 14.57 ? 25  TYR A CD2   1 
ATOM   176  C CE1   . TYR A 1 24  ? -2.960  -9.189  -0.196  1.00 14.39 ? 25  TYR A CE1   1 
ATOM   177  C CE2   . TYR A 1 24  ? -4.965  -10.060 -1.209  1.00 14.29 ? 25  TYR A CE2   1 
ATOM   178  C CZ    . TYR A 1 24  ? -4.122  -8.996  -0.946  1.00 14.38 ? 25  TYR A CZ    1 
ATOM   179  O OH    . TYR A 1 24  ? -4.428  -7.732  -1.386  1.00 14.95 ? 25  TYR A OH    1 
ATOM   180  N N     . CYS A 1 25  ? -0.022  -12.609 -0.087  1.00 13.95 ? 26  CYS A N     1 
ATOM   181  C CA    . CYS A 1 25  ? 1.105   -11.757 -0.510  1.00 14.52 ? 26  CYS A CA    1 
ATOM   182  C C     . CYS A 1 25  ? 1.888   -12.350 -1.668  1.00 15.54 ? 26  CYS A C     1 
ATOM   183  O O     . CYS A 1 25  ? 2.239   -11.582 -2.586  1.00 15.46 ? 26  CYS A O     1 
ATOM   184  C CB    . CYS A 1 25  ? 2.003   -11.411 0.683   1.00 13.86 ? 26  CYS A CB    1 
ATOM   185  S SG    . CYS A 1 25  ? 1.178   -10.187 1.728   1.00 13.39 ? 26  CYS A SG    1 
ATOM   186  N N     . ASN A 1 26  ? 2.150   -13.640 -1.632  1.00 16.73 ? 27  ASN A N     1 
ATOM   187  C CA    . ASN A 1 26  ? 2.906   -14.313 -2.716  1.00 18.15 ? 27  ASN A CA    1 
ATOM   188  C C     . ASN A 1 26  ? 2.201   -14.092 -4.058  1.00 18.88 ? 27  ASN A C     1 
ATOM   189  O O     . ASN A 1 26  ? 2.922   -13.778 -5.029  1.00 19.44 ? 27  ASN A O     1 
ATOM   190  C CB    . ASN A 1 26  ? 3.134   -15.800 -2.431  1.00 18.91 ? 27  ASN A CB    1 
ATOM   191  C CG    . ASN A 1 26  ? 4.180   -16.036 -1.372  1.00 19.30 ? 27  ASN A CG    1 
ATOM   192  O OD1   . ASN A 1 26  ? 5.091   -15.250 -1.112  1.00 20.16 ? 27  ASN A OD1   1 
ATOM   193  N ND2   . ASN A 1 26  ? 4.085   -17.165 -0.683  1.00 21.10 ? 27  ASN A ND2   1 
ATOM   194  N N     . GLN A 1 27  ? 0.893   -14.261 -4.075  1.00 19.40 ? 28  GLN A N     1 
ATOM   195  C CA    . GLN A 1 27  ? 0.129   -14.062 -5.320  1.00 20.13 ? 28  GLN A CA    1 
ATOM   196  C C     . GLN A 1 27  ? 0.056   -12.605 -5.789  1.00 19.70 ? 28  GLN A C     1 
ATOM   197  O O     . GLN A 1 27  ? 0.249   -12.297 -6.980  1.00 18.76 ? 28  GLN A O     1 
ATOM   198  C CB    . GLN A 1 27  ? -1.269  -14.651 -5.143  1.00 22.44 ? 28  GLN A CB    1 
ATOM   199  C CG    . GLN A 1 27  ? -1.250  -16.159 -4.876  1.00 25.18 ? 28  GLN A CG    1 
ATOM   200  C CD    . GLN A 1 27  ? -2.542  -16.590 -4.228  1.00 27.30 ? 28  GLN A CD    1 
ATOM   201  O OE1   . GLN A 1 27  ? -3.544  -15.870 -4.215  1.00 28.88 ? 28  GLN A OE1   1 
ATOM   202  N NE2   . GLN A 1 27  ? -2.610  -17.780 -3.620  1.00 28.47 ? 28  GLN A NE2   1 
ATOM   203  N N     . MET A 1 28  ? -0.257  -11.697 -4.877  1.00 19.13 ? 29  MET A N     1 
ATOM   204  C CA    . MET A 1 28  ? -0.396  -10.276 -5.179  1.00 19.39 ? 29  MET A CA    1 
ATOM   205  C C     . MET A 1 28  ? 0.915   -9.577  -5.534  1.00 18.88 ? 29  MET A C     1 
ATOM   206  O O     . MET A 1 28  ? 0.871   -8.656  -6.409  1.00 18.77 ? 29  MET A O     1 
ATOM   207  C CB    . MET A 1 28  ? -1.153  -9.508  -4.085  1.00 19.96 ? 29  MET A CB    1 
ATOM   208  C CG    . MET A 1 28  ? -2.568  -9.945  -3.942  1.00 21.52 ? 29  MET A CG    1 
ATOM   209  S SD    . MET A 1 28  ? -3.665  -9.327  -5.277  1.00 23.26 ? 29  MET A SD    1 
ATOM   210  C CE    . MET A 1 28  ? -3.221  -7.593  -5.280  1.00 22.99 ? 29  MET A CE    1 
ATOM   211  N N     . MET A 1 29  ? 1.998   -9.947  -4.867  1.00 17.79 ? 30  MET A N     1 
ATOM   212  C CA    . MET A 1 29  ? 3.282   -9.296  -5.161  1.00 17.93 ? 30  MET A CA    1 
ATOM   213  C C     . MET A 1 29  ? 3.634   -9.690  -6.607  1.00 19.50 ? 30  MET A C     1 
ATOM   214  O O     . MET A 1 29  ? 4.195   -8.848  -7.337  1.00 20.07 ? 30  MET A O     1 
ATOM   215  C CB    . MET A 1 29  ? 4.354   -9.635  -4.162  1.00 17.08 ? 30  MET A CB    1 
ATOM   216  C CG    . MET A 1 29  ? 3.970   -9.175  -2.781  1.00 16.46 ? 30  MET A CG    1 
ATOM   217  S SD    . MET A 1 29  ? 4.041   -7.365  -2.651  1.00 16.65 ? 30  MET A SD    1 
ATOM   218  C CE    . MET A 1 29  ? 5.780   -7.055  -2.959  1.00 15.95 ? 30  MET A CE    1 
ATOM   219  N N     . LYS A 1 30  ? 3.305   -10.918 -6.958  1.00 20.14 ? 31  LYS A N     1 
ATOM   220  C CA    . LYS A 1 30  ? 3.577   -11.412 -8.312  1.00 21.78 ? 31  LYS A CA    1 
ATOM   221  C C     . LYS A 1 30  ? 2.702   -10.768 -9.377  1.00 21.48 ? 31  LYS A C     1 
ATOM   222  O O     . LYS A 1 30  ? 3.268   -10.270 -10.363 1.00 22.05 ? 31  LYS A O     1 
ATOM   223  C CB    . LYS A 1 30  ? 3.339   -12.923 -8.450  1.00 23.62 ? 31  LYS A CB    1 
ATOM   224  C CG    . LYS A 1 30  ? 4.593   -13.760 -8.234  1.00 26.34 ? 31  LYS A CG    1 
ATOM   225  C CD    . LYS A 1 30  ? 4.339   -15.216 -8.648  1.00 28.00 ? 31  LYS A CD    1 
ATOM   226  C CE    . LYS A 1 30  ? 4.045   -15.333 -10.132 1.00 28.83 ? 31  LYS A CE    1 
ATOM   227  N NZ    . LYS A 1 30  ? 5.382   -15.480 -10.790 1.00 30.40 ? 31  LYS A NZ    1 
ATOM   228  N N     . SER A 1 31  ? 1.402   -10.796 -9.232  1.00 20.95 ? 32  SER A N     1 
ATOM   229  C CA    . SER A 1 31  ? 0.453   -10.249 -10.204 1.00 21.16 ? 32  SER A CA    1 
ATOM   230  C C     . SER A 1 31  ? 0.509   -8.740  -10.389 1.00 21.06 ? 32  SER A C     1 
ATOM   231  O O     . SER A 1 31  ? 0.115   -8.224  -11.451 1.00 21.50 ? 32  SER A O     1 
ATOM   232  C CB    . SER A 1 31  ? -0.954  -10.746 -9.968  1.00 21.62 ? 32  SER A CB    1 
ATOM   233  O OG    . SER A 1 31  ? -1.570  -10.261 -8.802  1.00 22.03 ? 32  SER A OG    1 
ATOM   234  N N     . ARG A 1 32  ? 0.984   -8.003  -9.418  1.00 20.28 ? 33  ARG A N     1 
ATOM   235  C CA    . ARG A 1 32  ? 1.090   -6.540  -9.539  1.00 20.25 ? 33  ARG A CA    1 
ATOM   236  C C     . ARG A 1 32  ? 2.469   -6.156  -10.044 1.00 21.00 ? 33  ARG A C     1 
ATOM   237  O O     . ARG A 1 32  ? 2.882   -4.982  -10.053 1.00 21.22 ? 33  ARG A O     1 
ATOM   238  C CB    . ARG A 1 32  ? 0.721   -5.874  -8.214  1.00 19.25 ? 33  ARG A CB    1 
ATOM   239  C CG    . ARG A 1 32  ? -0.730  -5.991  -7.787  1.00 17.86 ? 33  ARG A CG    1 
ATOM   240  C CD    . ARG A 1 32  ? -1.663  -5.589  -8.878  1.00 16.79 ? 33  ARG A CD    1 
ATOM   241  N NE    . ARG A 1 32  ? -3.061  -5.661  -8.444  1.00 16.77 ? 33  ARG A NE    1 
ATOM   242  C CZ    . ARG A 1 32  ? -3.688  -4.751  -7.702  1.00 15.71 ? 33  ARG A CZ    1 
ATOM   243  N NH1   . ARG A 1 32  ? -3.086  -3.642  -7.286  1.00 15.06 ? 33  ARG A NH1   1 
ATOM   244  N NH2   . ARG A 1 32  ? -4.955  -4.979  -7.372  1.00 15.68 ? 33  ARG A NH2   1 
ATOM   245  N N     . ASN A 1 33  ? 3.224   -7.154  -10.448 1.00 22.59 ? 34  ASN A N     1 
ATOM   246  C CA    . ASN A 1 33  ? 4.559   -7.069  -11.006 1.00 24.41 ? 34  ASN A CA    1 
ATOM   247  C C     . ASN A 1 33  ? 5.582   -6.543  -10.034 1.00 25.33 ? 34  ASN A C     1 
ATOM   248  O O     . ASN A 1 33  ? 6.487   -5.847  -10.538 1.00 25.20 ? 34  ASN A O     1 
ATOM   249  C CB    . ASN A 1 33  ? 4.467   -6.167  -12.271 1.00 26.62 ? 34  ASN A CB    1 
ATOM   250  C CG    . ASN A 1 33  ? 3.804   -6.967  -13.386 1.00 28.48 ? 34  ASN A CG    1 
ATOM   251  O OD1   . ASN A 1 33  ? 4.480   -7.813  -14.003 1.00 29.86 ? 34  ASN A OD1   1 
ATOM   252  N ND2   . ASN A 1 33  ? 2.520   -6.779  -13.653 1.00 29.56 ? 34  ASN A ND2   1 
ATOM   253  N N     . LEU A 1 34  ? 5.449   -6.868  -8.744  1.00 25.44 ? 35  LEU A N     1 
ATOM   254  C CA    . LEU A 1 34  ? 6.432   -6.338  -7.800  1.00 26.31 ? 35  LEU A CA    1 
ATOM   255  C C     . LEU A 1 34  ? 7.616   -7.251  -7.564  1.00 27.58 ? 35  LEU A C     1 
ATOM   256  O O     . LEU A 1 34  ? 8.460   -6.948  -6.690  1.00 27.67 ? 35  LEU A O     1 
ATOM   257  C CB    . LEU A 1 34  ? 5.630   -5.969  -6.548  1.00 26.35 ? 35  LEU A CB    1 
ATOM   258  C CG    . LEU A 1 34  ? 4.423   -5.079  -6.768  1.00 26.71 ? 35  LEU A CG    1 
ATOM   259  C CD1   . LEU A 1 34  ? 3.706   -4.792  -5.460  1.00 26.77 ? 35  LEU A CD1   1 
ATOM   260  C CD2   . LEU A 1 34  ? 4.806   -3.785  -7.480  1.00 26.95 ? 35  LEU A CD2   1 
ATOM   261  N N     . THR A 1 35  ? 7.688   -8.335  -8.318  1.00 29.00 ? 36  THR A N     1 
ATOM   262  C CA    . THR A 1 35  ? 8.785   -9.308  -8.210  1.00 30.45 ? 36  THR A CA    1 
ATOM   263  C C     . THR A 1 35  ? 9.466   -9.502  -9.561  1.00 32.80 ? 36  THR A C     1 
ATOM   264  O O     . THR A 1 35  ? 10.159  -10.491 -9.849  1.00 32.94 ? 36  THR A O     1 
ATOM   265  C CB    . THR A 1 35  ? 8.212   -10.644 -7.627  1.00 29.56 ? 36  THR A CB    1 
ATOM   266  O OG1   . THR A 1 35  ? 7.347   -11.178 -8.661  1.00 28.61 ? 36  THR A OG1   1 
ATOM   267  C CG2   . THR A 1 35  ? 7.531   -10.499 -6.259  1.00 29.56 ? 36  THR A CG2   1 
ATOM   268  N N     . LYS A 1 36  ? 9.264   -8.513  -10.420 1.00 35.55 ? 37  LYS A N     1 
ATOM   269  C CA    . LYS A 1 36  ? 9.822   -8.546  -11.782 1.00 38.19 ? 37  LYS A CA    1 
ATOM   270  C C     . LYS A 1 36  ? 11.337  -8.615  -11.828 1.00 39.08 ? 37  LYS A C     1 
ATOM   271  O O     . LYS A 1 36  ? 11.817  -9.617  -12.433 1.00 39.97 ? 37  LYS A O     1 
ATOM   272  C CB    . LYS A 1 36  ? 9.264   -7.436  -12.673 1.00 39.47 ? 37  LYS A CB    1 
ATOM   273  C CG    . LYS A 1 36  ? 8.117   -7.923  -13.593 1.00 40.88 ? 37  LYS A CG    1 
ATOM   274  C CD    . LYS A 1 36  ? 8.729   -8.785  -14.697 1.00 42.01 ? 37  LYS A CD    1 
ATOM   275  C CE    . LYS A 1 36  ? 7.909   -8.979  -15.947 1.00 42.74 ? 37  LYS A CE    1 
ATOM   276  N NZ    . LYS A 1 36  ? 7.434   -10.374 -16.124 1.00 43.15 ? 37  LYS A NZ    1 
ATOM   277  N N     . ASP A 1 37  ? 12.065  -7.673  -11.250 1.00 39.70 ? 38  ASP A N     1 
ATOM   278  C CA    . ASP A 1 37  ? 13.548  -7.755  -11.346 1.00 40.14 ? 38  ASP A CA    1 
ATOM   279  C C     . ASP A 1 37  ? 14.246  -7.926  -10.015 1.00 39.67 ? 38  ASP A C     1 
ATOM   280  O O     . ASP A 1 37  ? 15.454  -8.217  -9.934  1.00 39.62 ? 38  ASP A O     1 
ATOM   281  C CB    . ASP A 1 37  ? 14.069  -6.574  -12.172 1.00 41.33 ? 38  ASP A CB    1 
ATOM   282  C CG    . ASP A 1 37  ? 13.628  -6.748  -13.632 1.00 42.58 ? 38  ASP A CG    1 
ATOM   283  O OD1   . ASP A 1 37  ? 13.878  -7.791  -14.284 1.00 42.82 ? 38  ASP A OD1   1 
ATOM   284  O OD2   . ASP A 1 37  ? 12.990  -5.750  -14.070 1.00 43.28 ? 38  ASP A OD2   1 
ATOM   285  N N     . ARG A 1 38  ? 13.448  -7.740  -8.987  1.00 38.56 ? 39  ARG A N     1 
ATOM   286  C CA    . ARG A 1 38  ? 13.902  -7.867  -7.599  1.00 37.41 ? 39  ARG A CA    1 
ATOM   287  C C     . ARG A 1 38  ? 12.655  -8.165  -6.746  1.00 35.46 ? 39  ARG A C     1 
ATOM   288  O O     . ARG A 1 38  ? 11.529  -7.910  -7.224  1.00 35.33 ? 39  ARG A O     1 
ATOM   289  C CB    . ARG A 1 38  ? 14.634  -6.653  -7.080  1.00 38.85 ? 39  ARG A CB    1 
ATOM   290  C CG    . ARG A 1 38  ? 14.098  -5.284  -7.434  1.00 40.56 ? 39  ARG A CG    1 
ATOM   291  C CD    . ARG A 1 38  ? 14.012  -5.040  -8.911  1.00 41.91 ? 39  ARG A CD    1 
ATOM   292  N NE    . ARG A 1 38  ? 14.529  -3.743  -9.319  1.00 43.33 ? 39  ARG A NE    1 
ATOM   293  C CZ    . ARG A 1 38  ? 14.843  -2.735  -8.486  1.00 43.84 ? 39  ARG A CZ    1 
ATOM   294  N NH1   . ARG A 1 38  ? 14.718  -2.814  -7.156  1.00 44.04 ? 39  ARG A NH1   1 
ATOM   295  N NH2   . ARG A 1 38  ? 15.316  -1.587  -8.999  1.00 44.21 ? 39  ARG A NH2   1 
ATOM   296  N N     . CYS A 1 39  ? 12.948  -8.723  -5.577  1.00 32.51 ? 40  CYS A N     1 
ATOM   297  C CA    . CYS A 1 39  ? 11.818  -9.038  -4.684  1.00 29.86 ? 40  CYS A CA    1 
ATOM   298  C C     . CYS A 1 39  ? 11.601  -7.724  -3.948  1.00 28.33 ? 40  CYS A C     1 
ATOM   299  O O     . CYS A 1 39  ? 12.519  -7.412  -3.175  1.00 28.57 ? 40  CYS A O     1 
ATOM   300  C CB    . CYS A 1 39  ? 12.085  -10.134 -3.689  1.00 29.52 ? 40  CYS A CB    1 
ATOM   301  S SG    . CYS A 1 39  ? 12.505  -11.758 -4.358  1.00 28.94 ? 40  CYS A SG    1 
ATOM   302  N N     . LYS A 1 40  ? 10.520  -7.021  -4.205  1.00 26.87 ? 41  LYS A N     1 
ATOM   303  C CA    . LYS A 1 40  ? 10.356  -5.767  -3.396  1.00 24.97 ? 41  LYS A CA    1 
ATOM   304  C C     . LYS A 1 40  ? 10.182  -6.321  -1.964  1.00 22.85 ? 41  LYS A C     1 
ATOM   305  O O     . LYS A 1 40  ? 9.369   -7.233  -1.718  1.00 21.56 ? 41  LYS A O     1 
ATOM   306  C CB    . LYS A 1 40  ? 9.172   -4.968  -3.854  1.00 26.25 ? 41  LYS A CB    1 
ATOM   307  C CG    . LYS A 1 40  ? 8.884   -3.792  -2.903  1.00 27.36 ? 41  LYS A CG    1 
ATOM   308  C CD    . LYS A 1 40  ? 7.437   -3.387  -3.191  1.00 28.79 ? 41  LYS A CD    1 
ATOM   309  C CE    . LYS A 1 40  ? 7.381   -2.305  -4.251  1.00 29.50 ? 41  LYS A CE    1 
ATOM   310  N NZ    . LYS A 1 40  ? 6.036   -1.663  -4.099  1.00 30.58 ? 41  LYS A NZ    1 
ATOM   311  N N     . PRO A 1 41  ? 10.978  -5.792  -1.062  1.00 21.33 ? 42  PRO A N     1 
ATOM   312  C CA    . PRO A 1 41  ? 10.980  -6.253  0.320   1.00 20.15 ? 42  PRO A CA    1 
ATOM   313  C C     . PRO A 1 41  ? 9.717   -5.994  1.117   1.00 18.78 ? 42  PRO A C     1 
ATOM   314  O O     . PRO A 1 41  ? 9.366   -6.949  1.851   1.00 19.40 ? 42  PRO A O     1 
ATOM   315  C CB    . PRO A 1 41  ? 12.179  -5.591  0.987   1.00 20.49 ? 42  PRO A CB    1 
ATOM   316  C CG    . PRO A 1 41  ? 12.836  -4.743  -0.046  1.00 21.02 ? 42  PRO A CG    1 
ATOM   317  C CD    . PRO A 1 41  ? 11.990  -4.754  -1.299  1.00 21.26 ? 42  PRO A CD    1 
ATOM   318  N N     . VAL A 1 42  ? 9.145   -4.820  1.014   1.00 16.79 ? 43  VAL A N     1 
ATOM   319  C CA    . VAL A 1 42  ? 7.933   -4.527  1.832   1.00 16.27 ? 43  VAL A CA    1 
ATOM   320  C C     . VAL A 1 42  ? 6.837   -3.850  1.010   1.00 15.07 ? 43  VAL A C     1 
ATOM   321  O O     . VAL A 1 42  ? 7.247   -2.998  0.215   1.00 15.26 ? 43  VAL A O     1 
ATOM   322  C CB    . VAL A 1 42  ? 8.362   -3.694  3.070   1.00 16.51 ? 43  VAL A CB    1 
ATOM   323  C CG1   . VAL A 1 42  ? 7.192   -3.295  3.941   1.00 16.95 ? 43  VAL A CG1   1 
ATOM   324  C CG2   . VAL A 1 42  ? 9.446   -4.343  3.929   1.00 16.96 ? 43  VAL A CG2   1 
ATOM   325  N N     . ASN A 1 43  ? 5.575   -4.191  1.208   1.00 13.54 ? 44  ASN A N     1 
ATOM   326  C CA    . ASN A 1 43  ? 4.528   -3.523  0.436   1.00 13.67 ? 44  ASN A CA    1 
ATOM   327  C C     . ASN A 1 43  ? 3.166   -3.659  1.104   1.00 12.95 ? 44  ASN A C     1 
ATOM   328  O O     . ASN A 1 43  ? 2.893   -4.800  1.491   1.00 13.03 ? 44  ASN A O     1 
ATOM   329  C CB    . ASN A 1 43  ? 4.521   -4.062  -1.008  1.00 14.19 ? 44  ASN A CB    1 
ATOM   330  C CG    . ASN A 1 43  ? 3.686   -3.151  -1.914  1.00 14.96 ? 44  ASN A CG    1 
ATOM   331  O OD1   . ASN A 1 43  ? 4.160   -2.072  -2.282  1.00 16.07 ? 44  ASN A OD1   1 
ATOM   332  N ND2   . ASN A 1 43  ? 2.479   -3.562  -2.262  1.00 14.69 ? 44  ASN A ND2   1 
ATOM   333  N N     . THR A 1 44  ? 2.420   -2.573  1.154   1.00 12.55 ? 45  THR A N     1 
ATOM   334  C CA    . THR A 1 44  ? 1.084   -2.629  1.781   1.00 13.16 ? 45  THR A CA    1 
ATOM   335  C C     . THR A 1 44  ? -0.083  -2.470  0.817   1.00 13.52 ? 45  THR A C     1 
ATOM   336  O O     . THR A 1 44  ? -0.146  -1.485  0.051   1.00 13.79 ? 45  THR A O     1 
ATOM   337  C CB    . THR A 1 44  ? 0.891   -1.538  2.918   1.00 13.75 ? 45  THR A CB    1 
ATOM   338  O OG1   . THR A 1 44  ? 2.080   -1.670  3.779   1.00 14.48 ? 45  THR A OG1   1 
ATOM   339  C CG2   . THR A 1 44  ? -0.404  -1.769  3.704   1.00 14.14 ? 45  THR A CG2   1 
ATOM   340  N N     . PHE A 1 45  ? -1.000  -3.427  0.890   1.00 13.01 ? 46  PHE A N     1 
ATOM   341  C CA    . PHE A 1 45  ? -2.219  -3.424  0.068   1.00 13.09 ? 46  PHE A CA    1 
ATOM   342  C C     . PHE A 1 45  ? -3.374  -2.860  0.906   1.00 13.88 ? 46  PHE A C     1 
ATOM   343  O O     . PHE A 1 45  ? -3.500  -3.282  2.085   1.00 13.89 ? 46  PHE A O     1 
ATOM   344  C CB    . PHE A 1 45  ? -2.494  -4.821  -0.485  1.00 12.97 ? 46  PHE A CB    1 
ATOM   345  C CG    . PHE A 1 45  ? -1.522  -5.213  -1.560  1.00 13.48 ? 46  PHE A CG    1 
ATOM   346  C CD1   . PHE A 1 45  ? -1.646  -4.675  -2.857  1.00 14.45 ? 46  PHE A CD1   1 
ATOM   347  C CD2   . PHE A 1 45  ? -0.493  -6.103  -1.307  1.00 13.90 ? 46  PHE A CD2   1 
ATOM   348  C CE1   . PHE A 1 45  ? -0.771  -5.021  -3.887  1.00 14.32 ? 46  PHE A CE1   1 
ATOM   349  C CE2   . PHE A 1 45  ? 0.406   -6.478  -2.319  1.00 13.78 ? 46  PHE A CE2   1 
ATOM   350  C CZ    . PHE A 1 45  ? 0.273   -5.930  -3.600  1.00 14.51 ? 46  PHE A CZ    1 
ATOM   351  N N     . VAL A 1 46  ? -4.165  -1.979  0.335   1.00 13.69 ? 47  VAL A N     1 
ATOM   352  C CA    . VAL A 1 46  ? -5.325  -1.352  0.989   1.00 14.32 ? 47  VAL A CA    1 
ATOM   353  C C     . VAL A 1 46  ? -6.624  -1.951  0.433   1.00 14.06 ? 47  VAL A C     1 
ATOM   354  O O     . VAL A 1 46  ? -6.763  -1.949  -0.783  1.00 13.29 ? 47  VAL A O     1 
ATOM   355  C CB    . VAL A 1 46  ? -5.292  0.195   0.841   1.00 14.56 ? 47  VAL A CB    1 
ATOM   356  C CG1   . VAL A 1 46  ? -6.370  0.816   1.730   1.00 14.94 ? 47  VAL A CG1   1 
ATOM   357  C CG2   . VAL A 1 46  ? -3.930  0.760   1.265   1.00 15.05 ? 47  VAL A CG2   1 
ATOM   358  N N     . HIS A 1 47  ? -7.467  -2.471  1.324   1.00 14.77 ? 48  HIS A N     1 
ATOM   359  C CA    . HIS A 1 47  ? -8.741  -3.079  0.901   1.00 15.31 ? 48  HIS A CA    1 
ATOM   360  C C     . HIS A 1 47  ? -9.931  -2.166  1.213   1.00 16.42 ? 48  HIS A C     1 
ATOM   361  O O     . HIS A 1 47  ? -10.763 -2.457  2.092   1.00 17.42 ? 48  HIS A O     1 
ATOM   362  C CB    . HIS A 1 47  ? -9.126  -4.422  1.568   1.00 15.90 ? 48  HIS A CB    1 
ATOM   363  C CG    . HIS A 1 47  ? -8.000  -5.409  1.483   1.00 15.90 ? 48  HIS A CG    1 
ATOM   364  N ND1   . HIS A 1 47  ? -7.896  -6.340  0.494   1.00 16.55 ? 48  HIS A ND1   1 
ATOM   365  C CD2   . HIS A 1 47  ? -6.932  -5.585  2.284   1.00 16.14 ? 48  HIS A CD2   1 
ATOM   366  C CE1   . HIS A 1 47  ? -6.789  -7.039  0.684   1.00 16.63 ? 48  HIS A CE1   1 
ATOM   367  N NE2   . HIS A 1 47  ? -6.181  -6.595  1.760   1.00 16.40 ? 48  HIS A NE2   1 
ATOM   368  N N     . GLU A 1 48  ? -10.009 -1.084  0.499   1.00 15.95 ? 49  GLU A N     1 
ATOM   369  C CA    . GLU A 1 48  ? -11.077 -0.079  0.600   1.00 16.21 ? 49  GLU A CA    1 
ATOM   370  C C     . GLU A 1 48  ? -11.256 0.399   -0.851  1.00 15.36 ? 49  GLU A C     1 
ATOM   371  O O     . GLU A 1 48  ? -10.372 0.084   -1.672  1.00 15.28 ? 49  GLU A O     1 
ATOM   372  C CB    . GLU A 1 48  ? -10.743 1.053   1.550   1.00 16.47 ? 49  GLU A CB    1 
ATOM   373  C CG    . GLU A 1 48  ? -10.442 0.762   3.007   1.00 17.28 ? 49  GLU A CG    1 
ATOM   374  C CD    . GLU A 1 48  ? -11.524 0.079   3.800   1.00 18.13 ? 49  GLU A CD    1 
ATOM   375  O OE1   . GLU A 1 48  ? -12.670 0.257   3.325   1.00 18.72 ? 49  GLU A OE1   1 
ATOM   376  O OE2   . GLU A 1 48  ? -11.301 -0.580  4.809   1.00 17.95 ? 49  GLU A OE2   1 
ATOM   377  N N     . SER A 1 49  ? -12.344 1.100   -1.110  1.00 15.43 ? 50  SER A N     1 
ATOM   378  C CA    . SER A 1 49  ? -12.595 1.610   -2.464  1.00 15.94 ? 50  SER A CA    1 
ATOM   379  C C     . SER A 1 49  ? -11.565 2.695   -2.798  1.00 16.55 ? 50  SER A C     1 
ATOM   380  O O     . SER A 1 49  ? -11.033 3.384   -1.887  1.00 16.64 ? 50  SER A O     1 
ATOM   381  C CB    . SER A 1 49  ? -14.005 2.200   -2.588  1.00 15.76 ? 50  SER A CB    1 
ATOM   382  O OG    . SER A 1 49  ? -14.036 3.421   -1.861  1.00 15.50 ? 50  SER A OG    1 
ATOM   383  N N     . LEU A 1 50  ? -11.327 2.844   -4.100  1.00 16.98 ? 51  LEU A N     1 
ATOM   384  C CA    . LEU A 1 50  ? -10.393 3.892   -4.568  1.00 17.36 ? 51  LEU A CA    1 
ATOM   385  C C     . LEU A 1 50  ? -10.858 5.218   -3.998  1.00 17.10 ? 51  LEU A C     1 
ATOM   386  O O     . LEU A 1 50  ? -10.026 5.956   -3.440  1.00 17.51 ? 51  LEU A O     1 
ATOM   387  C CB    . LEU A 1 50  ? -10.290 3.833   -6.090  1.00 18.15 ? 51  LEU A CB    1 
ATOM   388  C CG    . LEU A 1 50  ? -9.304  4.763   -6.814  1.00 18.99 ? 51  LEU A CG    1 
ATOM   389  C CD1   . LEU A 1 50  ? -7.869  4.607   -6.277  1.00 19.23 ? 51  LEU A CD1   1 
ATOM   390  C CD2   . LEU A 1 50  ? -9.310  4.280   -8.278  1.00 19.08 ? 51  LEU A CD2   1 
ATOM   391  N N     . ALA A 1 51  ? -12.126 5.574   -4.085  1.00 16.38 ? 52  ALA A N     1 
ATOM   392  C CA    . ALA A 1 51  ? -12.678 6.820   -3.533  1.00 16.15 ? 52  ALA A CA    1 
ATOM   393  C C     . ALA A 1 51  ? -12.377 7.062   -2.060  1.00 15.69 ? 52  ALA A C     1 
ATOM   394  O O     . ALA A 1 51  ? -12.068 8.209   -1.677  1.00 15.97 ? 52  ALA A O     1 
ATOM   395  C CB    . ALA A 1 51  ? -14.207 6.869   -3.734  1.00 16.54 ? 52  ALA A CB    1 
ATOM   396  N N     . ASP A 1 52  ? -12.470 6.033   -1.239  1.00 15.56 ? 53  ASP A N     1 
ATOM   397  C CA    . ASP A 1 52  ? -12.169 6.161   0.200   1.00 15.85 ? 53  ASP A CA    1 
ATOM   398  C C     . ASP A 1 52  ? -10.658 6.435   0.421   1.00 15.76 ? 53  ASP A C     1 
ATOM   399  O O     . ASP A 1 52  ? -10.329 7.150   1.390   1.00 16.00 ? 53  ASP A O     1 
ATOM   400  C CB    . ASP A 1 52  ? -12.668 4.990   1.040   1.00 16.10 ? 53  ASP A CB    1 
ATOM   401  C CG    . ASP A 1 52  ? -14.168 4.961   1.247   1.00 17.07 ? 53  ASP A CG    1 
ATOM   402  O OD1   . ASP A 1 52  ? -14.888 5.871   0.857   1.00 17.98 ? 53  ASP A OD1   1 
ATOM   403  O OD2   . ASP A 1 52  ? -14.666 3.960   1.769   1.00 17.88 ? 53  ASP A OD2   1 
ATOM   404  N N     . VAL A 1 53  ? -9.806  5.873   -0.422  1.00 15.36 ? 54  VAL A N     1 
ATOM   405  C CA    . VAL A 1 53  ? -8.344  6.117   -0.239  1.00 14.86 ? 54  VAL A CA    1 
ATOM   406  C C     . VAL A 1 53  ? -8.046  7.534   -0.702  1.00 14.47 ? 54  VAL A C     1 
ATOM   407  O O     . VAL A 1 53  ? -7.381  8.309   -0.007  1.00 14.61 ? 54  VAL A O     1 
ATOM   408  C CB    . VAL A 1 53  ? -7.500  4.987   -0.859  1.00 14.78 ? 54  VAL A CB    1 
ATOM   409  C CG1   . VAL A 1 53  ? -6.003  5.287   -0.725  1.00 13.95 ? 54  VAL A CG1   1 
ATOM   410  C CG2   . VAL A 1 53  ? -7.853  3.650   -0.226  1.00 14.14 ? 54  VAL A CG2   1 
ATOM   411  N N     . GLN A 1 54  ? -8.600  7.852   -1.858  1.00 15.17 ? 55  GLN A N     1 
ATOM   412  C CA    . GLN A 1 54  ? -8.458  9.196   -2.456  1.00 16.09 ? 55  GLN A CA    1 
ATOM   413  C C     . GLN A 1 54  ? -8.904  10.278  -1.480  1.00 16.42 ? 55  GLN A C     1 
ATOM   414  O O     . GLN A 1 54  ? -8.284  11.347  -1.379  1.00 17.05 ? 55  GLN A O     1 
ATOM   415  C CB    . GLN A 1 54  ? -9.208  9.322   -3.789  1.00 16.43 ? 55  GLN A CB    1 
ATOM   416  C CG    . GLN A 1 54  ? -8.479  8.613   -4.918  1.00 17.46 ? 55  GLN A CG    1 
ATOM   417  C CD    . GLN A 1 54  ? -9.179  8.748   -6.252  1.00 18.36 ? 55  GLN A CD    1 
ATOM   418  O OE1   . GLN A 1 54  ? -8.672  8.503   -7.334  1.00 19.08 ? 55  GLN A OE1   1 
ATOM   419  N NE2   . GLN A 1 54  ? -10.444 9.124   -6.147  1.00 18.98 ? 55  GLN A NE2   1 
ATOM   420  N N     . ALA A 1 55  ? -9.977  10.015  -0.733  1.00 16.54 ? 56  ALA A N     1 
ATOM   421  C CA    . ALA A 1 55  ? -10.537 10.968  0.239   1.00 15.89 ? 56  ALA A CA    1 
ATOM   422  C C     . ALA A 1 55  ? -9.576  11.351  1.350   1.00 15.79 ? 56  ALA A C     1 
ATOM   423  O O     . ALA A 1 55  ? -9.684  12.418  1.981   1.00 15.12 ? 56  ALA A O     1 
ATOM   424  C CB    . ALA A 1 55  ? -11.831 10.361  0.758   1.00 15.71 ? 56  ALA A CB    1 
ATOM   425  N N     . VAL A 1 56  ? -8.603  10.468  1.582   1.00 15.60 ? 57  VAL A N     1 
ATOM   426  C CA    . VAL A 1 56  ? -7.616  10.712  2.647   1.00 15.65 ? 57  VAL A CA    1 
ATOM   427  C C     . VAL A 1 56  ? -6.848  11.996  2.379   1.00 15.61 ? 57  VAL A C     1 
ATOM   428  O O     . VAL A 1 56  ? -6.431  12.612  3.389   1.00 15.85 ? 57  VAL A O     1 
ATOM   429  C CB    . VAL A 1 56  ? -6.805  9.420   2.883   1.00 15.49 ? 57  VAL A CB    1 
ATOM   430  C CG1   . VAL A 1 56  ? -5.663  9.681   3.870   1.00 15.44 ? 57  VAL A CG1   1 
ATOM   431  C CG2   . VAL A 1 56  ? -7.717  8.264   3.317   1.00 14.74 ? 57  VAL A CG2   1 
ATOM   432  N N     . CYS A 1 57  ? -6.685  12.395  1.121   1.00 15.96 ? 58  CYS A N     1 
ATOM   433  C CA    . CYS A 1 57  ? -5.974  13.640  0.797   1.00 16.83 ? 58  CYS A CA    1 
ATOM   434  C C     . CYS A 1 57  ? -6.636  14.888  1.374   1.00 17.34 ? 58  CYS A C     1 
ATOM   435  O O     . CYS A 1 57  ? -6.021  15.979  1.348   1.00 17.35 ? 58  CYS A O     1 
ATOM   436  C CB    . CYS A 1 57  ? -5.700  13.770  -0.689  1.00 17.23 ? 58  CYS A CB    1 
ATOM   437  S SG    . CYS A 1 57  ? -4.676  12.446  -1.382  1.00 18.19 ? 58  CYS A SG    1 
ATOM   438  N N     . SER A 1 58  ? -7.834  14.751  1.923   1.00 18.61 ? 59  SER A N     1 
ATOM   439  C CA    . SER A 1 58  ? -8.596  15.832  2.583   1.00 19.31 ? 59  SER A CA    1 
ATOM   440  C C     . SER A 1 58  ? -8.700  15.602  4.095   1.00 19.23 ? 59  SER A C     1 
ATOM   441  O O     . SER A 1 58  ? -9.499  16.333  4.725   1.00 19.81 ? 59  SER A O     1 
ATOM   442  C CB    . SER A 1 58  ? -10.048 15.926  2.136   1.00 19.73 ? 59  SER A CB    1 
ATOM   443  O OG    . SER A 1 58  ? -10.142 16.199  0.755   1.00 21.98 ? 59  SER A OG    1 
ATOM   444  N N     . GLN A 1 59  ? -7.978  14.644  4.626   1.00 18.66 ? 60  GLN A N     1 
ATOM   445  C CA    . GLN A 1 59  ? -8.059  14.329  6.054   1.00 18.33 ? 60  GLN A CA    1 
ATOM   446  C C     . GLN A 1 59  ? -7.017  15.007  6.906   1.00 18.50 ? 60  GLN A C     1 
ATOM   447  O O     . GLN A 1 59  ? -6.790  16.200  6.622   1.00 18.97 ? 60  GLN A O     1 
ATOM   448  C CB    . GLN A 1 59  ? -8.308  12.829  6.242   1.00 17.51 ? 60  GLN A CB    1 
ATOM   449  C CG    . GLN A 1 59  ? -9.595  12.492  5.486   1.00 17.73 ? 60  GLN A CG    1 
ATOM   450  C CD    . GLN A 1 59  ? -9.998  11.068  5.574   1.00 17.92 ? 60  GLN A CD    1 
ATOM   451  O OE1   . GLN A 1 59  ? -9.579  10.316  6.458   1.00 19.25 ? 60  GLN A OE1   1 
ATOM   452  N NE2   . GLN A 1 59  ? -10.823 10.683  4.617   1.00 18.77 ? 60  GLN A NE2   1 
ATOM   453  N N     . LYS A 1 60  ? -6.459  14.377  7.926   1.00 18.42 ? 61  LYS A N     1 
ATOM   454  C CA    . LYS A 1 60  ? -5.498  15.075  8.812   1.00 18.55 ? 61  LYS A CA    1 
ATOM   455  C C     . LYS A 1 60  ? -4.121  15.271  8.183   1.00 18.77 ? 61  LYS A C     1 
ATOM   456  O O     . LYS A 1 60  ? -3.453  14.322  7.782   1.00 18.00 ? 61  LYS A O     1 
ATOM   457  C CB    . LYS A 1 60  ? -5.454  14.264  10.094  1.00 19.19 ? 61  LYS A CB    1 
ATOM   458  C CG    . LYS A 1 60  ? -4.711  14.942  11.250  1.00 20.52 ? 61  LYS A CG    1 
ATOM   459  C CD    . LYS A 1 60  ? -5.544  16.133  11.774  1.00 21.31 ? 61  LYS A CD    1 
ATOM   460  C CE    . LYS A 1 60  ? -4.819  16.822  12.911  1.00 22.43 ? 61  LYS A CE    1 
ATOM   461  N NZ    . LYS A 1 60  ? -5.767  17.532  13.805  1.00 23.00 ? 61  LYS A NZ    1 
ATOM   462  N N     . ASN A 1 61  ? -3.650  16.505  8.074   1.00 18.87 ? 62  ASN A N     1 
ATOM   463  C CA    . ASN A 1 61  ? -2.337  16.816  7.477   1.00 19.70 ? 62  ASN A CA    1 
ATOM   464  C C     . ASN A 1 61  ? -1.301  16.553  8.560   1.00 20.25 ? 62  ASN A C     1 
ATOM   465  O O     . ASN A 1 61  ? -1.428  17.008  9.703   1.00 20.87 ? 62  ASN A O     1 
ATOM   466  C CB    . ASN A 1 61  ? -2.347  18.208  6.863   1.00 20.11 ? 62  ASN A CB    1 
ATOM   467  C CG    . ASN A 1 61  ? -1.038  18.592  6.199   1.00 21.00 ? 62  ASN A CG    1 
ATOM   468  O OD1   . ASN A 1 61  ? -0.539  19.683  6.506   1.00 21.64 ? 62  ASN A OD1   1 
ATOM   469  N ND2   . ASN A 1 61  ? -0.497  17.753  5.327   1.00 20.78 ? 62  ASN A ND2   1 
ATOM   470  N N     . VAL A 1 62  ? -0.292  15.788  8.216   1.00 20.14 ? 63  VAL A N     1 
ATOM   471  C CA    . VAL A 1 62  ? 0.819   15.383  9.071   1.00 20.60 ? 63  VAL A CA    1 
ATOM   472  C C     . VAL A 1 62  ? 2.100   15.400  8.220   1.00 21.07 ? 63  VAL A C     1 
ATOM   473  O O     . VAL A 1 62  ? 2.002   15.495  6.993   1.00 21.21 ? 63  VAL A O     1 
ATOM   474  C CB    . VAL A 1 62  ? 0.628   13.942  9.599   1.00 20.53 ? 63  VAL A CB    1 
ATOM   475  C CG1   . VAL A 1 62  ? -0.500  13.804  10.637  1.00 20.91 ? 63  VAL A CG1   1 
ATOM   476  C CG2   . VAL A 1 62  ? 0.373   13.011  8.412   1.00 20.58 ? 63  VAL A CG2   1 
ATOM   477  N N     . ALA A 1 63  ? 3.213   15.249  8.909   1.00 21.88 ? 64  ALA A N     1 
ATOM   478  C CA    . ALA A 1 63  ? 4.516   15.206  8.189   1.00 22.07 ? 64  ALA A CA    1 
ATOM   479  C C     . ALA A 1 63  ? 4.735   13.764  7.709   1.00 22.46 ? 64  ALA A C     1 
ATOM   480  O O     . ALA A 1 63  ? 4.235   12.782  8.297   1.00 22.45 ? 64  ALA A O     1 
ATOM   481  C CB    . ALA A 1 63  ? 5.639   15.700  9.084   1.00 21.88 ? 64  ALA A CB    1 
ATOM   482  N N     . CYS A 1 64  ? 5.484   13.685  6.610   1.00 23.10 ? 65  CYS A N     1 
ATOM   483  C CA    . CYS A 1 64  ? 5.880   12.435  5.962   1.00 23.52 ? 65  CYS A CA    1 
ATOM   484  C C     . CYS A 1 64  ? 7.179   12.024  6.692   1.00 25.56 ? 65  CYS A C     1 
ATOM   485  O O     . CYS A 1 64  ? 7.850   12.897  7.271   1.00 25.78 ? 65  CYS A O     1 
ATOM   486  C CB    . CYS A 1 64  ? 6.108   12.560  4.465   1.00 22.16 ? 65  CYS A CB    1 
ATOM   487  S SG    . CYS A 1 64  ? 4.749   13.242  3.508   1.00 20.40 ? 65  CYS A SG    1 
ATOM   488  N N     . LYS A 1 65  ? 7.500   10.740  6.668   1.00 27.39 ? 66  LYS A N     1 
ATOM   489  C CA    . LYS A 1 65  ? 8.695   10.197  7.317   1.00 29.16 ? 66  LYS A CA    1 
ATOM   490  C C     . LYS A 1 65  ? 9.927   10.966  6.843   1.00 29.83 ? 66  LYS A C     1 
ATOM   491  O O     . LYS A 1 65  ? 10.933  11.119  7.563   1.00 29.66 ? 66  LYS A O     1 
ATOM   492  C CB    . LYS A 1 65  ? 8.797   8.707   7.009   1.00 30.75 ? 66  LYS A CB    1 
ATOM   493  C CG    . LYS A 1 65  ? 10.176  8.297   6.523   1.00 32.95 ? 66  LYS A CG    1 
ATOM   494  C CD    . LYS A 1 65  ? 11.318  8.504   7.518   1.00 34.88 ? 66  LYS A CD    1 
ATOM   495  C CE    . LYS A 1 65  ? 12.672  8.140   6.911   1.00 35.98 ? 66  LYS A CE    1 
ATOM   496  N NZ    . LYS A 1 65  ? 13.825  8.873   7.503   1.00 36.75 ? 66  LYS A NZ    1 
ATOM   497  N N     . ASN A 1 66  ? 9.820   11.470  5.612   1.00 30.03 ? 67  ASN A N     1 
ATOM   498  C CA    . ASN A 1 66  ? 10.913  12.237  5.016   1.00 30.72 ? 67  ASN A CA    1 
ATOM   499  C C     . ASN A 1 66  ? 10.840  13.693  5.439   1.00 30.71 ? 67  ASN A C     1 
ATOM   500  O O     . ASN A 1 66  ? 11.715  14.424  4.930   1.00 31.49 ? 67  ASN A O     1 
ATOM   501  C CB    . ASN A 1 66  ? 10.935  12.082  3.507   1.00 31.57 ? 67  ASN A CB    1 
ATOM   502  C CG    . ASN A 1 66  ? 9.804   12.798  2.784   1.00 32.10 ? 67  ASN A CG    1 
ATOM   503  O OD1   . ASN A 1 66  ? 9.138   13.729  3.260   1.00 32.09 ? 67  ASN A OD1   1 
ATOM   504  N ND2   . ASN A 1 66  ? 9.610   12.327  1.545   1.00 32.63 ? 67  ASN A ND2   1 
ATOM   505  N N     . GLY A 1 67  ? 9.887   14.108  6.240   1.00 29.98 ? 68  GLY A N     1 
ATOM   506  C CA    . GLY A 1 67  ? 9.795   15.498  6.667   1.00 29.29 ? 68  GLY A CA    1 
ATOM   507  C C     . GLY A 1 67  ? 9.056   16.412  5.715   1.00 29.44 ? 68  GLY A C     1 
ATOM   508  O O     . GLY A 1 67  ? 8.832   17.592  6.078   1.00 29.33 ? 68  GLY A O     1 
ATOM   509  N N     . GLN A 1 68  ? 8.666   15.884  4.564   1.00 29.27 ? 69  GLN A N     1 
ATOM   510  C CA    . GLN A 1 68  ? 7.894   16.760  3.620   1.00 29.93 ? 69  GLN A CA    1 
ATOM   511  C C     . GLN A 1 68  ? 6.520   16.918  4.265   1.00 28.83 ? 69  GLN A C     1 
ATOM   512  O O     . GLN A 1 68  ? 6.178   16.092  5.148   1.00 28.51 ? 69  GLN A O     1 
ATOM   513  C CB    . GLN A 1 68  ? 8.080   16.229  2.215   1.00 31.88 ? 69  GLN A CB    1 
ATOM   514  C CG    . GLN A 1 68  ? 9.251   16.771  1.423   1.00 34.06 ? 69  GLN A CG    1 
ATOM   515  C CD    . GLN A 1 68  ? 10.529  17.093  2.154   1.00 35.85 ? 69  GLN A CD    1 
ATOM   516  O OE1   . GLN A 1 68  ? 10.715  18.135  2.823   1.00 36.78 ? 69  GLN A OE1   1 
ATOM   517  N NE2   . GLN A 1 68  ? 11.539  16.202  2.040   1.00 36.67 ? 69  GLN A NE2   1 
ATOM   518  N N     . THR A 1 69  ? 5.725   17.925  3.936   1.00 27.63 ? 70  THR A N     1 
ATOM   519  C CA    . THR A 1 69  ? 4.433   18.083  4.626   1.00 26.74 ? 70  THR A CA    1 
ATOM   520  C C     . THR A 1 69  ? 3.202   17.830  3.774   1.00 25.37 ? 70  THR A C     1 
ATOM   521  O O     . THR A 1 69  ? 2.153   18.448  4.067   1.00 25.46 ? 70  THR A O     1 
ATOM   522  C CB    . THR A 1 69  ? 4.383   19.423  5.465   1.00 27.19 ? 70  THR A CB    1 
ATOM   523  O OG1   . THR A 1 69  ? 5.035   20.503  4.754   1.00 28.09 ? 70  THR A OG1   1 
ATOM   524  C CG2   . THR A 1 69  ? 4.996   19.332  6.864   1.00 27.55 ? 70  THR A CG2   1 
ATOM   525  N N     . ASN A 1 70  ? 3.297   16.942  2.791   1.00 23.60 ? 71  ASN A N     1 
ATOM   526  C CA    . ASN A 1 70  ? 2.091   16.680  1.948   1.00 21.85 ? 71  ASN A CA    1 
ATOM   527  C C     . ASN A 1 70  ? 1.492   15.312  2.281   1.00 20.30 ? 71  ASN A C     1 
ATOM   528  O O     . ASN A 1 70  ? 0.891   14.680  1.396   1.00 19.78 ? 71  ASN A O     1 
ATOM   529  C CB    . ASN A 1 70  ? 2.445   16.909  0.471   1.00 22.49 ? 71  ASN A CB    1 
ATOM   530  C CG    . ASN A 1 70  ? 3.517   15.918  0.008   1.00 22.81 ? 71  ASN A CG    1 
ATOM   531  O OD1   . ASN A 1 70  ? 4.499   15.700  0.754   1.00 22.99 ? 71  ASN A OD1   1 
ATOM   532  N ND2   . ASN A 1 70  ? 3.362   15.277  -1.154  1.00 22.68 ? 71  ASN A ND2   1 
ATOM   533  N N     . CYS A 1 71  ? 1.633   14.859  3.501   1.00 18.75 ? 72  CYS A N     1 
ATOM   534  C CA    . CYS A 1 71  ? 1.099   13.572  3.985   1.00 18.71 ? 72  CYS A CA    1 
ATOM   535  C C     . CYS A 1 71  ? -0.217  13.785  4.736   1.00 18.46 ? 72  CYS A C     1 
ATOM   536  O O     . CYS A 1 71  ? -0.473  14.872  5.276   1.00 18.60 ? 72  CYS A O     1 
ATOM   537  C CB    . CYS A 1 71  ? 2.092   12.748  4.772   1.00 18.94 ? 72  CYS A CB    1 
ATOM   538  S SG    . CYS A 1 71  ? 3.262   11.845  3.689   1.00 19.55 ? 72  CYS A SG    1 
ATOM   539  N N     . TYR A 1 72  ? -1.086  12.790  4.724   1.00 18.01 ? 73  TYR A N     1 
ATOM   540  C CA    . TYR A 1 72  ? -2.413  12.838  5.367   1.00 17.65 ? 73  TYR A CA    1 
ATOM   541  C C     . TYR A 1 72  ? -2.691  11.497  6.022   1.00 17.26 ? 73  TYR A C     1 
ATOM   542  O O     . TYR A 1 72  ? -2.363  10.478  5.344   1.00 17.06 ? 73  TYR A O     1 
ATOM   543  C CB    . TYR A 1 72  ? -3.490  13.106  4.280   1.00 17.60 ? 73  TYR A CB    1 
ATOM   544  C CG    . TYR A 1 72  ? -3.342  14.501  3.738   1.00 18.41 ? 73  TYR A CG    1 
ATOM   545  C CD1   . TYR A 1 72  ? -3.949  15.608  4.366   1.00 18.72 ? 73  TYR A CD1   1 
ATOM   546  C CD2   . TYR A 1 72  ? -2.537  14.703  2.614   1.00 18.54 ? 73  TYR A CD2   1 
ATOM   547  C CE1   . TYR A 1 72  ? -3.743  16.885  3.849   1.00 19.57 ? 73  TYR A CE1   1 
ATOM   548  C CE2   . TYR A 1 72  ? -2.318  15.971  2.100   1.00 19.60 ? 73  TYR A CE2   1 
ATOM   549  C CZ    . TYR A 1 72  ? -2.929  17.053  2.734   1.00 20.10 ? 73  TYR A CZ    1 
ATOM   550  O OH    . TYR A 1 72  ? -2.718  18.282  2.155   1.00 21.83 ? 73  TYR A OH    1 
ATOM   551  N N     . GLN A 1 73  ? -3.227  11.557  7.221   1.00 17.14 ? 74  GLN A N     1 
ATOM   552  C CA    . GLN A 1 73  ? -3.573  10.368  8.020   1.00 17.48 ? 74  GLN A CA    1 
ATOM   553  C C     . GLN A 1 73  ? -5.090  10.197  7.987   1.00 17.67 ? 74  GLN A C     1 
ATOM   554  O O     . GLN A 1 73  ? -5.800  11.180  8.262   1.00 17.97 ? 74  GLN A O     1 
ATOM   555  C CB    . GLN A 1 73  ? -3.098  10.438  9.468   1.00 18.73 ? 74  GLN A CB    1 
ATOM   556  C CG    . GLN A 1 73  ? -3.237  9.139   10.274  1.00 19.48 ? 74  GLN A CG    1 
ATOM   557  C CD    . GLN A 1 73  ? -2.495  9.185   11.605  1.00 20.62 ? 74  GLN A CD    1 
ATOM   558  O OE1   . GLN A 1 73  ? -3.047  9.068   12.715  1.00 21.39 ? 74  GLN A OE1   1 
ATOM   559  N NE2   . GLN A 1 73  ? -1.184  9.389   11.559  1.00 20.20 ? 74  GLN A NE2   1 
ATOM   560  N N     . SER A 1 74  ? -5.523  8.990   7.679   1.00 16.79 ? 75  SER A N     1 
ATOM   561  C CA    . SER A 1 74  ? -6.986  8.722   7.571   1.00 16.40 ? 75  SER A CA    1 
ATOM   562  C C     . SER A 1 74  ? -7.611  8.853   8.945   1.00 16.17 ? 75  SER A C     1 
ATOM   563  O O     . SER A 1 74  ? -6.983  8.430   9.935   1.00 16.22 ? 75  SER A O     1 
ATOM   564  C CB    . SER A 1 74  ? -7.213  7.358   6.944   1.00 15.91 ? 75  SER A CB    1 
ATOM   565  O OG    . SER A 1 74  ? -6.831  6.278   7.785   1.00 15.35 ? 75  SER A OG    1 
ATOM   566  N N     . TYR A 1 75  ? -8.804  9.421   8.976   1.00 16.85 ? 76  TYR A N     1 
ATOM   567  C CA    . TYR A 1 75  ? -9.551  9.604   10.232  1.00 17.23 ? 76  TYR A CA    1 
ATOM   568  C C     . TYR A 1 75  ? -9.924  8.273   10.877  1.00 17.65 ? 76  TYR A C     1 
ATOM   569  O O     . TYR A 1 75  ? -9.885  8.011   12.098  1.00 18.49 ? 76  TYR A O     1 
ATOM   570  C CB    . TYR A 1 75  ? -10.841 10.392  9.917   1.00 16.80 ? 76  TYR A CB    1 
ATOM   571  C CG    . TYR A 1 75  ? -10.632 11.859  9.658   1.00 17.34 ? 76  TYR A CG    1 
ATOM   572  C CD1   . TYR A 1 75  ? -9.616  12.578  10.309  1.00 17.54 ? 76  TYR A CD1   1 
ATOM   573  C CD2   . TYR A 1 75  ? -11.419 12.567  8.756   1.00 17.40 ? 76  TYR A CD2   1 
ATOM   574  C CE1   . TYR A 1 75  ? -9.408  13.932  10.086  1.00 17.46 ? 76  TYR A CE1   1 
ATOM   575  C CE2   . TYR A 1 75  ? -11.193 13.923  8.511   1.00 17.68 ? 76  TYR A CE2   1 
ATOM   576  C CZ    . TYR A 1 75  ? -10.221 14.615  9.195   1.00 17.36 ? 76  TYR A CZ    1 
ATOM   577  O OH    . TYR A 1 75  ? -10.060 15.955  8.943   1.00 17.73 ? 76  TYR A OH    1 
ATOM   578  N N     . SER A 1 76  ? -10.331 7.351   10.032  1.00 17.70 ? 77  SER A N     1 
ATOM   579  C CA    . SER A 1 76  ? -10.768 6.022   10.407  1.00 18.11 ? 77  SER A CA    1 
ATOM   580  C C     . SER A 1 76  ? -9.742  4.964   10.073  1.00 17.79 ? 77  SER A C     1 
ATOM   581  O O     . SER A 1 76  ? -8.746  5.209   9.375   1.00 17.31 ? 77  SER A O     1 
ATOM   582  C CB    . SER A 1 76  ? -12.111 5.748   9.711   1.00 19.56 ? 77  SER A CB    1 
ATOM   583  O OG    . SER A 1 76  ? -12.866 4.867   10.548  1.00 22.15 ? 77  SER A OG    1 
ATOM   584  N N     . THR A 1 77  ? -10.039 3.790   10.608  1.00 18.05 ? 78  THR A N     1 
ATOM   585  C CA    . THR A 1 77  ? -9.148  2.626   10.354  1.00 17.90 ? 78  THR A CA    1 
ATOM   586  C C     . THR A 1 77  ? -9.620  2.071   9.014   1.00 17.66 ? 78  THR A C     1 
ATOM   587  O O     . THR A 1 77  ? -10.764 2.330   8.611   1.00 17.85 ? 78  THR A O     1 
ATOM   588  C CB    . THR A 1 77  ? -9.145  1.547   11.483  1.00 18.30 ? 78  THR A CB    1 
ATOM   589  O OG1   . THR A 1 77  ? -10.565 1.244   11.653  1.00 19.93 ? 78  THR A OG1   1 
ATOM   590  C CG2   . THR A 1 77  ? -8.476  1.905   12.798  1.00 18.63 ? 78  THR A CG2   1 
ATOM   591  N N     . MET A 1 78  ? -8.729  1.358   8.345   1.00 16.67 ? 79  MET A N     1 
ATOM   592  C CA    . MET A 1 78  ? -8.981  0.736   7.033   1.00 15.60 ? 79  MET A CA    1 
ATOM   593  C C     . MET A 1 78  ? -8.314  -0.663  7.042   1.00 14.55 ? 79  MET A C     1 
ATOM   594  O O     . MET A 1 78  ? -7.334  -0.970  7.743   1.00 14.30 ? 79  MET A O     1 
ATOM   595  C CB    . MET A 1 78  ? -8.428  1.537   5.859   1.00 16.16 ? 79  MET A CB    1 
ATOM   596  C CG    . MET A 1 78  ? -8.924  2.957   5.811   1.00 17.26 ? 79  MET A CG    1 
ATOM   597  S SD    . MET A 1 78  ? -8.289  3.718   4.281   1.00 18.57 ? 79  MET A SD    1 
ATOM   598  C CE    . MET A 1 78  ? -9.319  5.156   4.118   1.00 18.48 ? 79  MET A CE    1 
ATOM   599  N N     . SER A 1 79  ? -8.888  -1.500  6.207   1.00 13.89 ? 80  SER A N     1 
ATOM   600  C CA    . SER A 1 79  ? -8.425  -2.880  6.025   1.00 14.08 ? 80  SER A CA    1 
ATOM   601  C C     . SER A 1 79  ? -7.166  -2.858  5.167   1.00 13.82 ? 80  SER A C     1 
ATOM   602  O O     . SER A 1 79  ? -7.172  -2.401  4.018   1.00 15.00 ? 80  SER A O     1 
ATOM   603  C CB    . SER A 1 79  ? -9.524  -3.744  5.384   1.00 14.03 ? 80  SER A CB    1 
ATOM   604  O OG    . SER A 1 79  ? -9.014  -5.061  5.170   1.00 14.46 ? 80  SER A OG    1 
ATOM   605  N N     . ILE A 1 80  ? -6.079  -3.346  5.722   1.00 13.98 ? 81  ILE A N     1 
ATOM   606  C CA    . ILE A 1 80  ? -4.794  -3.390  4.993   1.00 14.15 ? 81  ILE A CA    1 
ATOM   607  C C     . ILE A 1 80  ? -4.155  -4.759  5.155   1.00 14.05 ? 81  ILE A C     1 
ATOM   608  O O     . ILE A 1 80  ? -4.495  -5.565  6.046   1.00 13.94 ? 81  ILE A O     1 
ATOM   609  C CB    . ILE A 1 80  ? -3.833  -2.231  5.453   1.00 15.24 ? 81  ILE A CB    1 
ATOM   610  C CG1   . ILE A 1 80  ? -3.385  -2.439  6.929   1.00 16.22 ? 81  ILE A CG1   1 
ATOM   611  C CG2   . ILE A 1 80  ? -4.455  -0.801  5.303   1.00 15.10 ? 81  ILE A CG2   1 
ATOM   612  C CD1   . ILE A 1 80  ? -1.987  -3.085  7.101   1.00 17.82 ? 81  ILE A CD1   1 
ATOM   613  N N     . THR A 1 81  ? -3.237  -5.049  4.256   1.00 13.68 ? 82  THR A N     1 
ATOM   614  C CA    . THR A 1 81  ? -2.469  -6.284  4.294   1.00 13.73 ? 82  THR A CA    1 
ATOM   615  C C     . THR A 1 81  ? -0.990  -5.886  4.125   1.00 14.39 ? 82  THR A C     1 
ATOM   616  O O     . THR A 1 81  ? -0.672  -5.312  3.073   1.00 14.75 ? 82  THR A O     1 
ATOM   617  C CB    . THR A 1 81  ? -2.781  -7.390  3.234   1.00 13.17 ? 82  THR A CB    1 
ATOM   618  O OG1   . THR A 1 81  ? -4.184  -7.712  3.404   1.00 13.33 ? 82  THR A OG1   1 
ATOM   619  C CG2   . THR A 1 81  ? -1.850  -8.582  3.421   1.00 13.26 ? 82  THR A CG2   1 
ATOM   620  N N     . ASP A 1 82  ? -0.182  -6.205  5.089   1.00 14.88 ? 83  ASP A N     1 
ATOM   621  C CA    . ASP A 1 82  ? 1.256   -5.967  5.062   1.00 16.85 ? 83  ASP A CA    1 
ATOM   622  C C     . ASP A 1 82  ? 1.896   -7.219  4.434   1.00 15.29 ? 83  ASP A C     1 
ATOM   623  O O     . ASP A 1 82  ? 1.583   -8.345  4.833   1.00 15.00 ? 83  ASP A O     1 
ATOM   624  C CB    . ASP A 1 82  ? 1.789   -5.682  6.484   1.00 20.56 ? 83  ASP A CB    1 
ATOM   625  C CG    . ASP A 1 82  ? 3.153   -6.342  6.648   1.00 24.44 ? 83  ASP A CG    1 
ATOM   626  O OD1   . ASP A 1 82  ? 4.238   -5.776  6.357   1.00 26.53 ? 83  ASP A OD1   1 
ATOM   627  O OD2   . ASP A 1 82  ? 3.201   -7.540  7.078   1.00 27.16 ? 83  ASP A OD2   1 
ATOM   628  N N     . CYS A 1 83  ? 2.773   -7.012  3.467   1.00 14.20 ? 84  CYS A N     1 
ATOM   629  C CA    . CYS A 1 83  ? 3.504   -8.080  2.762   1.00 13.81 ? 84  CYS A CA    1 
ATOM   630  C C     . CYS A 1 83  ? 4.977   -7.782  3.014   1.00 14.70 ? 84  CYS A C     1 
ATOM   631  O O     . CYS A 1 83  ? 5.410   -6.666  2.690   1.00 14.37 ? 84  CYS A O     1 
ATOM   632  C CB    . CYS A 1 83  ? 3.259   -8.154  1.255   1.00 13.64 ? 84  CYS A CB    1 
ATOM   633  S SG    . CYS A 1 83  ? 1.519   -8.424  0.819   1.00 13.65 ? 84  CYS A SG    1 
ATOM   634  N N     . ARG A 1 84  ? 5.672   -8.736  3.595   1.00 16.01 ? 85  ARG A N     1 
ATOM   635  C CA    . ARG A 1 84  ? 7.102   -8.625  3.893   1.00 18.37 ? 85  ARG A CA    1 
ATOM   636  C C     . ARG A 1 84  ? 7.836   -9.930  3.533   1.00 19.21 ? 85  ARG A C     1 
ATOM   637  O O     . ARG A 1 84  ? 7.407   -11.022 3.925   1.00 18.68 ? 85  ARG A O     1 
ATOM   638  C CB    . ARG A 1 84  ? 7.472   -8.396  5.362   1.00 19.04 ? 85  ARG A CB    1 
ATOM   639  C CG    . ARG A 1 84  ? 6.927   -7.194  6.077   1.00 20.81 ? 85  ARG A CG    1 
ATOM   640  C CD    . ARG A 1 84  ? 8.020   -6.753  7.053   1.00 21.29 ? 85  ARG A CD    1 
ATOM   641  N NE    . ARG A 1 84  ? 7.794   -5.320  7.254   1.00 21.53 ? 85  ARG A NE    1 
ATOM   642  C CZ    . ARG A 1 84  ? 8.730   -4.394  7.432   1.00 21.14 ? 85  ARG A CZ    1 
ATOM   643  N NH1   . ARG A 1 84  ? 10.028  -4.590  7.442   1.00 21.04 ? 85  ARG A NH1   1 
ATOM   644  N NH2   . ARG A 1 84  ? 8.216   -3.175  7.625   1.00 22.01 ? 85  ARG A NH2   1 
ATOM   645  N N     . GLU A 1 85  ? 8.939   -9.726  2.819   1.00 20.40 ? 86  GLU A N     1 
ATOM   646  C CA    . GLU A 1 85  ? 9.781   -10.853 2.411   1.00 22.11 ? 86  GLU A CA    1 
ATOM   647  C C     . GLU A 1 85  ? 10.286  -11.563 3.672   1.00 22.94 ? 86  GLU A C     1 
ATOM   648  O O     . GLU A 1 85  ? 10.608  -10.908 4.674   1.00 21.91 ? 86  GLU A O     1 
ATOM   649  C CB    . GLU A 1 85  ? 11.069  -10.406 1.722   1.00 23.10 ? 86  GLU A CB    1 
ATOM   650  C CG    . GLU A 1 85  ? 11.050  -10.146 0.214   1.00 25.04 ? 86  GLU A CG    1 
ATOM   651  C CD    . GLU A 1 85  ? 12.487  -10.223 -0.267  1.00 25.94 ? 86  GLU A CD    1 
ATOM   652  O OE1   . GLU A 1 85  ? 13.132  -9.282  0.233   1.00 26.86 ? 86  GLU A OE1   1 
ATOM   653  O OE2   . GLU A 1 85  ? 12.945  -11.098 -0.955  1.00 26.75 ? 86  GLU A OE2   1 
ATOM   654  N N     . THR A 1 86  ? 10.368  -12.865 3.534   1.00 24.88 ? 87  THR A N     1 
ATOM   655  C CA    . THR A 1 86  ? 10.861  -13.749 4.604   1.00 27.39 ? 87  THR A CA    1 
ATOM   656  C C     . THR A 1 86  ? 12.380  -13.684 4.651   1.00 28.89 ? 87  THR A C     1 
ATOM   657  O O     . THR A 1 86  ? 13.084  -13.353 3.680   1.00 29.32 ? 87  THR A O     1 
ATOM   658  C CB    . THR A 1 86  ? 10.299  -15.205 4.410   1.00 27.71 ? 87  THR A CB    1 
ATOM   659  O OG1   . THR A 1 86  ? 10.953  -15.666 3.167   1.00 28.63 ? 87  THR A OG1   1 
ATOM   660  C CG2   . THR A 1 86  ? 8.772   -15.237 4.307   1.00 27.85 ? 87  THR A CG2   1 
ATOM   661  N N     . GLY A 1 87  ? 12.924  -13.974 5.809   1.00 30.81 ? 88  GLY A N     1 
ATOM   662  C CA    . GLY A 1 87  ? 14.373  -13.924 6.036   1.00 33.58 ? 88  GLY A CA    1 
ATOM   663  C C     . GLY A 1 87  ? 15.131  -14.768 5.026   1.00 35.41 ? 88  GLY A C     1 
ATOM   664  O O     . GLY A 1 87  ? 16.302  -14.477 4.718   1.00 36.51 ? 88  GLY A O     1 
ATOM   665  N N     . SER A 1 88  ? 14.499  -15.794 4.536   1.00 36.81 ? 89  SER A N     1 
ATOM   666  C CA    . SER A 1 88  ? 15.033  -16.750 3.577   1.00 38.44 ? 89  SER A CA    1 
ATOM   667  C C     . SER A 1 88  ? 14.768  -16.411 2.124   1.00 39.26 ? 89  SER A C     1 
ATOM   668  O O     . SER A 1 88  ? 15.418  -17.076 1.276   1.00 40.08 ? 89  SER A O     1 
ATOM   669  C CB    . SER A 1 88  ? 14.463  -18.130 3.911   1.00 39.13 ? 89  SER A CB    1 
ATOM   670  O OG    . SER A 1 88  ? 13.851  -18.797 2.821   1.00 40.19 ? 89  SER A OG    1 
ATOM   671  N N     . SER A 1 89  ? 13.906  -15.459 1.826   1.00 39.31 ? 90  SER A N     1 
ATOM   672  C CA    . SER A 1 89  ? 13.609  -15.124 0.417   1.00 39.86 ? 90  SER A CA    1 
ATOM   673  C C     . SER A 1 89  ? 14.816  -14.702 -0.430  1.00 40.77 ? 90  SER A C     1 
ATOM   674  O O     . SER A 1 89  ? 15.762  -14.025 0.009   1.00 41.11 ? 90  SER A O     1 
ATOM   675  C CB    . SER A 1 89  ? 12.468  -14.107 0.398   1.00 38.61 ? 90  SER A CB    1 
ATOM   676  O OG    . SER A 1 89  ? 12.125  -13.783 -0.933  1.00 37.65 ? 90  SER A OG    1 
ATOM   677  N N     . LYS A 1 90  ? 14.776  -15.092 -1.703  1.00 41.81 ? 91  LYS A N     1 
ATOM   678  C CA    . LYS A 1 90  ? 15.839  -14.769 -2.678  1.00 42.88 ? 91  LYS A CA    1 
ATOM   679  C C     . LYS A 1 90  ? 15.331  -14.806 -4.127  1.00 42.67 ? 91  LYS A C     1 
ATOM   680  O O     . LYS A 1 90  ? 14.658  -15.785 -4.532  1.00 42.58 ? 91  LYS A O     1 
ATOM   681  C CB    . LYS A 1 90  ? 17.035  -15.711 -2.477  1.00 43.75 ? 91  LYS A CB    1 
ATOM   682  C CG    . LYS A 1 90  ? 18.358  -14.980 -2.239  1.00 44.74 ? 91  LYS A CG    1 
ATOM   683  C CD    . LYS A 1 90  ? 19.592  -15.827 -2.506  1.00 45.46 ? 91  LYS A CD    1 
ATOM   684  C CE    . LYS A 1 90  ? 19.842  -16.009 -3.997  1.00 46.07 ? 91  LYS A CE    1 
ATOM   685  N NZ    . LYS A 1 90  ? 21.290  -15.904 -4.315  1.00 46.17 ? 91  LYS A NZ    1 
ATOM   686  N N     . TYR A 1 91  ? 15.641  -13.749 -4.891  1.00 42.18 ? 92  TYR A N     1 
ATOM   687  C CA    . TYR A 1 91  ? 15.205  -13.642 -6.295  1.00 41.79 ? 92  TYR A CA    1 
ATOM   688  C C     . TYR A 1 91  ? 15.786  -14.790 -7.125  1.00 41.55 ? 92  TYR A C     1 
ATOM   689  O O     . TYR A 1 91  ? 16.970  -15.139 -6.950  1.00 41.91 ? 92  TYR A O     1 
ATOM   690  C CB    . TYR A 1 91  ? 15.539  -12.290 -6.947  1.00 41.96 ? 92  TYR A CB    1 
ATOM   691  C CG    . TYR A 1 91  ? 14.903  -12.122 -8.309  1.00 42.21 ? 92  TYR A CG    1 
ATOM   692  C CD1   . TYR A 1 91  ? 13.626  -11.591 -8.486  1.00 42.35 ? 92  TYR A CD1   1 
ATOM   693  C CD2   . TYR A 1 91  ? 15.595  -12.527 -9.452  1.00 42.58 ? 92  TYR A CD2   1 
ATOM   694  C CE1   . TYR A 1 91  ? 13.037  -11.440 -9.739  1.00 42.38 ? 92  TYR A CE1   1 
ATOM   695  C CE2   . TYR A 1 91  ? 15.026  -12.397 -10.718 1.00 42.70 ? 92  TYR A CE2   1 
ATOM   696  C CZ    . TYR A 1 91  ? 13.753  -11.856 -10.857 1.00 42.69 ? 92  TYR A CZ    1 
ATOM   697  O OH    . TYR A 1 91  ? 13.264  -11.761 -12.131 1.00 43.00 ? 92  TYR A OH    1 
ATOM   698  N N     . PRO A 1 92  ? 14.992  -15.373 -8.012  1.00 41.00 ? 93  PRO A N     1 
ATOM   699  C CA    . PRO A 1 92  ? 13.611  -15.045 -8.333  1.00 40.19 ? 93  PRO A CA    1 
ATOM   700  C C     . PRO A 1 92  ? 12.515  -15.713 -7.535  1.00 39.43 ? 93  PRO A C     1 
ATOM   701  O O     . PRO A 1 92  ? 11.323  -15.508 -7.898  1.00 39.84 ? 93  PRO A O     1 
ATOM   702  C CB    . PRO A 1 92  ? 13.529  -15.528 -9.805  1.00 40.27 ? 93  PRO A CB    1 
ATOM   703  C CG    . PRO A 1 92  ? 14.250  -16.859 -9.678  1.00 40.37 ? 93  PRO A CG    1 
ATOM   704  C CD    . PRO A 1 92  ? 15.480  -16.492 -8.847  1.00 40.62 ? 93  PRO A CD    1 
ATOM   705  N N     . ASN A 1 93  ? 12.910  -16.471 -6.532  1.00 38.10 ? 94  ASN A N     1 
ATOM   706  C CA    . ASN A 1 93  ? 11.926  -17.179 -5.684  1.00 36.98 ? 94  ASN A CA    1 
ATOM   707  C C     . ASN A 1 93  ? 11.572  -16.262 -4.495  1.00 35.17 ? 94  ASN A C     1 
ATOM   708  O O     . ASN A 1 93  ? 12.107  -16.479 -3.388  1.00 35.08 ? 94  ASN A O     1 
ATOM   709  C CB    . ASN A 1 93  ? 12.451  -18.528 -5.240  1.00 38.05 ? 94  ASN A CB    1 
ATOM   710  C CG    . ASN A 1 93  ? 12.614  -19.650 -6.237  1.00 38.72 ? 94  ASN A CG    1 
ATOM   711  O OD1   . ASN A 1 93  ? 13.693  -19.858 -6.817  1.00 39.11 ? 94  ASN A OD1   1 
ATOM   712  N ND2   . ASN A 1 93  ? 11.555  -20.435 -6.435  1.00 39.01 ? 94  ASN A ND2   1 
ATOM   713  N N     . CYS A 1 94  ? 10.722  -15.292 -4.776  1.00 32.62 ? 95  CYS A N     1 
ATOM   714  C CA    . CYS A 1 94  ? 10.302  -14.314 -3.743  1.00 30.42 ? 95  CYS A CA    1 
ATOM   715  C C     . CYS A 1 94  ? 9.232   -14.924 -2.851  1.00 29.12 ? 95  CYS A C     1 
ATOM   716  O O     . CYS A 1 94  ? 8.198   -15.387 -3.364  1.00 30.06 ? 95  CYS A O     1 
ATOM   717  C CB    . CYS A 1 94  ? 9.792   -13.050 -4.416  1.00 29.70 ? 95  CYS A CB    1 
ATOM   718  S SG    . CYS A 1 94  ? 10.978  -12.259 -5.547  1.00 29.01 ? 95  CYS A SG    1 
ATOM   719  N N     . ALA A 1 95  ? 9.443   -14.920 -1.553  1.00 26.80 ? 96  ALA A N     1 
ATOM   720  C CA    . ALA A 1 95  ? 8.493   -15.477 -0.569  1.00 24.25 ? 96  ALA A CA    1 
ATOM   721  C C     . ALA A 1 95  ? 8.076   -14.386 0.420   1.00 22.19 ? 96  ALA A C     1 
ATOM   722  O O     . ALA A 1 95  ? 8.948   -13.623 0.875   1.00 22.12 ? 96  ALA A O     1 
ATOM   723  C CB    . ALA A 1 95  ? 9.140   -16.672 0.115   1.00 24.20 ? 96  ALA A CB    1 
ATOM   724  N N     . TYR A 1 96  ? 6.803   -14.311 0.741   1.00 19.09 ? 97  TYR A N     1 
ATOM   725  C CA    . TYR A 1 96  ? 6.334   -13.259 1.641   1.00 17.61 ? 97  TYR A CA    1 
ATOM   726  C C     . TYR A 1 96  ? 5.477   -13.752 2.787   1.00 17.20 ? 97  TYR A C     1 
ATOM   727  O O     . TYR A 1 96  ? 4.807   -14.772 2.633   1.00 17.56 ? 97  TYR A O     1 
ATOM   728  C CB    . TYR A 1 96  ? 5.418   -12.284 0.811   1.00 17.01 ? 97  TYR A CB    1 
ATOM   729  C CG    . TYR A 1 96  ? 6.255   -11.457 -0.140  1.00 15.86 ? 97  TYR A CG    1 
ATOM   730  C CD1   . TYR A 1 96  ? 6.571   -11.961 -1.397  1.00 16.16 ? 97  TYR A CD1   1 
ATOM   731  C CD2   . TYR A 1 96  ? 6.753   -10.216 0.262   1.00 15.66 ? 97  TYR A CD2   1 
ATOM   732  C CE1   . TYR A 1 96  ? 7.387   -11.239 -2.276  1.00 16.48 ? 97  TYR A CE1   1 
ATOM   733  C CE2   . TYR A 1 96  ? 7.549   -9.475  -0.614  1.00 15.79 ? 97  TYR A CE2   1 
ATOM   734  C CZ    . TYR A 1 96  ? 7.870   -9.990  -1.865  1.00 16.20 ? 97  TYR A CZ    1 
ATOM   735  O OH    . TYR A 1 96  ? 8.659   -9.253  -2.716  1.00 17.06 ? 97  TYR A OH    1 
ATOM   736  N N     . LYS A 1 97  ? 5.519   -12.981 3.844   1.00 16.84 ? 98  LYS A N     1 
ATOM   737  C CA    . LYS A 1 97  ? 4.698   -13.223 5.052   1.00 16.64 ? 98  LYS A CA    1 
ATOM   738  C C     . LYS A 1 97  ? 3.529   -12.220 4.926   1.00 16.13 ? 98  LYS A C     1 
ATOM   739  O O     . LYS A 1 97  ? 3.760   -11.034 4.579   1.00 16.07 ? 98  LYS A O     1 
ATOM   740  C CB    . LYS A 1 97  ? 5.446   -12.997 6.351   1.00 16.84 ? 98  LYS A CB    1 
ATOM   741  C CG    . LYS A 1 97  ? 4.615   -12.948 7.609   1.00 17.58 ? 98  LYS A CG    1 
ATOM   742  C CD    . LYS A 1 97  ? 5.526   -12.674 8.792   1.00 19.24 ? 98  LYS A CD    1 
ATOM   743  C CE    . LYS A 1 97  ? 4.821   -12.174 10.023  1.00 20.08 ? 98  LYS A CE    1 
ATOM   744  N NZ    . LYS A 1 97  ? 3.803   -13.135 10.506  1.00 21.16 ? 98  LYS A NZ    1 
ATOM   745  N N     . THR A 1 98  ? 2.333   -12.704 5.184   1.00 14.65 ? 99  THR A N     1 
ATOM   746  C CA    . THR A 1 98  ? 1.138   -11.901 5.080   1.00 14.40 ? 99  THR A CA    1 
ATOM   747  C C     . THR A 1 98  ? 0.614   -11.490 6.450   1.00 14.58 ? 99  THR A C     1 
ATOM   748  O O     . THR A 1 98  ? 0.441   -12.443 7.251   1.00 14.46 ? 99  THR A O     1 
ATOM   749  C CB    . THR A 1 98  ? -0.047  -12.701 4.348   1.00 13.68 ? 99  THR A CB    1 
ATOM   750  O OG1   . THR A 1 98  ? 0.466   -13.106 3.073   1.00 13.44 ? 99  THR A OG1   1 
ATOM   751  C CG2   . THR A 1 98  ? -1.352  -11.920 4.260   1.00 13.97 ? 99  THR A CG2   1 
ATOM   752  N N     . THR A 1 99  ? 0.346   -10.211 6.621   1.00 13.91 ? 100 THR A N     1 
ATOM   753  C CA    . THR A 1 99  ? -0.251  -9.788  7.892   1.00 14.80 ? 100 THR A CA    1 
ATOM   754  C C     . THR A 1 99  ? -1.442  -8.849  7.622   1.00 15.67 ? 100 THR A C     1 
ATOM   755  O O     . THR A 1 99  ? -1.222  -7.718  7.094   1.00 15.38 ? 100 THR A O     1 
ATOM   756  C CB    . THR A 1 99  ? 0.762   -9.103  8.896   1.00 14.77 ? 100 THR A CB    1 
ATOM   757  O OG1   . THR A 1 99  ? 1.906   -10.011 8.970   1.00 15.69 ? 100 THR A OG1   1 
ATOM   758  C CG2   . THR A 1 99  ? 0.085   -8.860  10.247  1.00 14.97 ? 100 THR A CG2   1 
ATOM   759  N N     . GLN A 1 100 ? -2.624  -9.311  7.988   1.00 15.93 ? 101 GLN A N     1 
ATOM   760  C CA    . GLN A 1 100 ? -3.896  -8.537  7.829   1.00 16.89 ? 101 GLN A CA    1 
ATOM   761  C C     . GLN A 1 100 ? -4.125  -7.716  9.099   1.00 17.95 ? 101 GLN A C     1 
ATOM   762  O O     . GLN A 1 100 ? -3.727  -8.203  10.201  1.00 17.81 ? 101 GLN A O     1 
ATOM   763  C CB    . GLN A 1 100 ? -5.043  -9.512  7.582   1.00 16.98 ? 101 GLN A CB    1 
ATOM   764  C CG    . GLN A 1 100 ? -6.412  -8.918  7.506   1.00 18.28 ? 101 GLN A CG    1 
ATOM   765  C CD    . GLN A 1 100 ? -6.626  -7.935  6.368   1.00 18.46 ? 101 GLN A CD    1 
ATOM   766  O OE1   . GLN A 1 100 ? -6.117  -8.162  5.278   1.00 18.79 ? 101 GLN A OE1   1 
ATOM   767  N NE2   . GLN A 1 100 ? -7.367  -6.835  6.578   1.00 18.71 ? 101 GLN A NE2   1 
ATOM   768  N N     . ALA A 1 101 ? -4.690  -6.537  9.000   1.00 17.44 ? 102 ALA A N     1 
ATOM   769  C CA    . ALA A 1 101 ? -4.938  -5.651  10.135  1.00 18.14 ? 102 ALA A CA    1 
ATOM   770  C C     . ALA A 1 101 ? -5.848  -4.514  9.686   1.00 19.43 ? 102 ALA A C     1 
ATOM   771  O O     . ALA A 1 101 ? -6.040  -4.327  8.480   1.00 19.12 ? 102 ALA A O     1 
ATOM   772  C CB    . ALA A 1 101 ? -3.637  -5.061  10.666  1.00 18.04 ? 102 ALA A CB    1 
ATOM   773  N N     . ASN A 1 102 ? -6.383  -3.765  10.622  1.00 20.48 ? 103 ASN A N     1 
ATOM   774  C CA    . ASN A 1 102 ? -7.246  -2.604  10.368  1.00 22.42 ? 103 ASN A CA    1 
ATOM   775  C C     . ASN A 1 102 ? -6.493  -1.412  10.982  1.00 22.52 ? 103 ASN A C     1 
ATOM   776  O O     . ASN A 1 102 ? -6.518  -1.412  12.244  1.00 23.55 ? 103 ASN A O     1 
ATOM   777  C CB    . ASN A 1 102 ? -8.593  -2.624  11.069  1.00 24.73 ? 103 ASN A CB    1 
ATOM   778  C CG    . ASN A 1 102 ? -9.581  -3.460  10.318  1.00 26.91 ? 103 ASN A CG    1 
ATOM   779  O OD1   . ASN A 1 102 ? -10.139 -3.137  9.262   1.00 28.25 ? 103 ASN A OD1   1 
ATOM   780  N ND2   . ASN A 1 102 ? -9.805  -4.611  10.953  1.00 29.30 ? 103 ASN A ND2   1 
ATOM   781  N N     . LYS A 1 103 ? -5.928  -0.553  10.191  1.00 21.11 ? 104 LYS A N     1 
ATOM   782  C CA    . LYS A 1 103 ? -5.186  0.564   10.766  1.00 20.80 ? 104 LYS A CA    1 
ATOM   783  C C     . LYS A 1 103 ? -5.471  1.853   10.005  1.00 19.65 ? 104 LYS A C     1 
ATOM   784  O O     . LYS A 1 103 ? -6.093  1.841   8.951   1.00 19.51 ? 104 LYS A O     1 
ATOM   785  C CB    . LYS A 1 103 ? -3.672  0.317   10.635  1.00 21.83 ? 104 LYS A CB    1 
ATOM   786  C CG    . LYS A 1 103 ? -3.160  -0.963  11.311  1.00 23.81 ? 104 LYS A CG    1 
ATOM   787  C CD    . LYS A 1 103 ? -1.739  -1.304  10.920  1.00 25.50 ? 104 LYS A CD    1 
ATOM   788  C CE    . LYS A 1 103 ? -0.599  -0.589  11.659  1.00 26.31 ? 104 LYS A CE    1 
ATOM   789  N NZ    . LYS A 1 103 ? 0.523   -0.536  10.660  1.00 27.44 ? 104 LYS A NZ    1 
ATOM   790  N N     . HIS A 1 104 ? -4.974  2.947   10.546  1.00 18.52 ? 105 HIS A N     1 
ATOM   791  C CA    . HIS A 1 104 ? -5.122  4.247   9.866   1.00 18.77 ? 105 HIS A CA    1 
ATOM   792  C C     . HIS A 1 104 ? -3.978  4.230   8.816   1.00 18.55 ? 105 HIS A C     1 
ATOM   793  O O     . HIS A 1 104 ? -2.891  3.652   9.129   1.00 19.36 ? 105 HIS A O     1 
ATOM   794  C CB    . HIS A 1 104 ? -4.939  5.455   10.800  1.00 18.65 ? 105 HIS A CB    1 
ATOM   795  C CG    . HIS A 1 104 ? -5.808  5.430   12.020  1.00 19.05 ? 105 HIS A CG    1 
ATOM   796  N ND1   . HIS A 1 104 ? -7.038  6.017   12.109  1.00 19.64 ? 105 HIS A ND1   1 
ATOM   797  C CD2   . HIS A 1 104 ? -5.601  4.900   13.256  1.00 19.60 ? 105 HIS A CD2   1 
ATOM   798  C CE1   . HIS A 1 104 ? -7.583  5.847   13.289  1.00 19.13 ? 105 HIS A CE1   1 
ATOM   799  N NE2   . HIS A 1 104 ? -6.740  5.194   14.019  1.00 19.84 ? 105 HIS A NE2   1 
ATOM   800  N N     . ILE A 1 105 ? -4.211  4.821   7.677   1.00 17.39 ? 106 ILE A N     1 
ATOM   801  C CA    . ILE A 1 105 ? -3.140  4.884   6.661   1.00 16.67 ? 106 ILE A CA    1 
ATOM   802  C C     . ILE A 1 105 ? -2.647  6.330   6.538   1.00 16.48 ? 106 ILE A C     1 
ATOM   803  O O     . ILE A 1 105 ? -3.367  7.295   6.847   1.00 15.88 ? 106 ILE A O     1 
ATOM   804  C CB    . ILE A 1 105 ? -3.590  4.290   5.277   1.00 15.66 ? 106 ILE A CB    1 
ATOM   805  C CG1   . ILE A 1 105 ? -4.630  5.243   4.634   1.00 15.59 ? 106 ILE A CG1   1 
ATOM   806  C CG2   . ILE A 1 105 ? -4.082  2.853   5.500   1.00 15.67 ? 106 ILE A CG2   1 
ATOM   807  C CD1   . ILE A 1 105 ? -4.875  5.028   3.117   1.00 15.34 ? 106 ILE A CD1   1 
ATOM   808  N N     . ILE A 1 106 ? -1.390  6.430   6.090   1.00 16.26 ? 107 ILE A N     1 
ATOM   809  C CA    . ILE A 1 106 ? -0.789  7.754   5.876   1.00 17.04 ? 107 ILE A CA    1 
ATOM   810  C C     . ILE A 1 106 ? -0.276  7.775   4.415   1.00 16.73 ? 107 ILE A C     1 
ATOM   811  O O     . ILE A 1 106 ? 0.547   6.888   4.104   1.00 16.17 ? 107 ILE A O     1 
ATOM   812  C CB    . ILE A 1 106 ? 0.299   8.187   6.911   1.00 17.29 ? 107 ILE A CB    1 
ATOM   813  C CG1   . ILE A 1 106 ? -0.250  8.245   8.357   1.00 17.81 ? 107 ILE A CG1   1 
ATOM   814  C CG2   . ILE A 1 106 ? 0.952   9.535   6.475   1.00 17.13 ? 107 ILE A CG2   1 
ATOM   815  C CD1   . ILE A 1 106 ? -0.176  6.879   9.059   1.00 18.35 ? 107 ILE A CD1   1 
ATOM   816  N N     . VAL A 1 107 ? -0.767  8.734   3.635   1.00 16.41 ? 108 VAL A N     1 
ATOM   817  C CA    . VAL A 1 107 ? -0.334  8.799   2.229   1.00 15.71 ? 108 VAL A CA    1 
ATOM   818  C C     . VAL A 1 107 ? 0.158   10.183  1.886   1.00 15.87 ? 108 VAL A C     1 
ATOM   819  O O     . VAL A 1 107 ? -0.262  11.135  2.559   1.00 16.86 ? 108 VAL A O     1 
ATOM   820  C CB    . VAL A 1 107 ? -1.494  8.358   1.300   1.00 15.64 ? 108 VAL A CB    1 
ATOM   821  C CG1   . VAL A 1 107 ? -1.910  6.893   1.376   1.00 15.96 ? 108 VAL A CG1   1 
ATOM   822  C CG2   . VAL A 1 107 ? -2.721  9.253   1.509   1.00 15.89 ? 108 VAL A CG2   1 
ATOM   823  N N     . ALA A 1 108 ? 0.992   10.287  0.863   1.00 15.87 ? 109 ALA A N     1 
ATOM   824  C CA    . ALA A 1 108 ? 1.527   11.558  0.368   1.00 15.96 ? 109 ALA A CA    1 
ATOM   825  C C     . ALA A 1 108 ? 0.656   11.890  -0.849  1.00 16.24 ? 109 ALA A C     1 
ATOM   826  O O     . ALA A 1 108 ? 0.403   10.972  -1.653  1.00 15.67 ? 109 ALA A O     1 
ATOM   827  C CB    . ALA A 1 108 ? 2.986   11.525  -0.075  1.00 15.87 ? 109 ALA A CB    1 
ATOM   828  N N     . CYS A 1 109 ? 0.224   13.126  -0.915  1.00 16.90 ? 110 CYS A N     1 
ATOM   829  C CA    . CYS A 1 109 ? -0.646  13.528  -2.021  1.00 18.74 ? 110 CYS A CA    1 
ATOM   830  C C     . CYS A 1 109 ? -0.001  14.615  -2.878  1.00 20.34 ? 110 CYS A C     1 
ATOM   831  O O     . CYS A 1 109 ? 0.716   15.480  -2.389  1.00 20.40 ? 110 CYS A O     1 
ATOM   832  C CB    . CYS A 1 109 ? -2.042  13.962  -1.554  1.00 18.47 ? 110 CYS A CB    1 
ATOM   833  S SG    . CYS A 1 109 ? -2.871  12.754  -0.467  1.00 18.30 ? 110 CYS A SG    1 
ATOM   834  N N     . GLU A 1 110 ? -0.385  14.550  -4.136  1.00 22.28 ? 111 GLU A N     1 
ATOM   835  C CA    . GLU A 1 110 ? 0.101   15.485  -5.148  1.00 24.72 ? 111 GLU A CA    1 
ATOM   836  C C     . GLU A 1 110 ? -0.811  15.534  -6.372  1.00 25.65 ? 111 GLU A C     1 
ATOM   837  O O     . GLU A 1 110 ? -1.686  14.702  -6.672  1.00 25.07 ? 111 GLU A O     1 
ATOM   838  C CB    . GLU A 1 110 ? 1.471   14.947  -5.557  1.00 25.72 ? 111 GLU A CB    1 
ATOM   839  C CG    . GLU A 1 110 ? 2.614   15.836  -6.014  1.00 28.00 ? 111 GLU A CG    1 
ATOM   840  C CD    . GLU A 1 110 ? 3.786   14.984  -6.467  1.00 29.00 ? 111 GLU A CD    1 
ATOM   841  O OE1   . GLU A 1 110 ? 4.617   14.475  -5.739  1.00 29.39 ? 111 GLU A OE1   1 
ATOM   842  O OE2   . GLU A 1 110 ? 3.744   14.832  -7.710  1.00 30.31 ? 111 GLU A OE2   1 
ATOM   843  N N     . GLY A 1 111 ? -0.573  16.615  -7.113  1.00 26.99 ? 112 GLY A N     1 
ATOM   844  C CA    . GLY A 1 111 ? -1.185  16.982  -8.368  1.00 28.17 ? 112 GLY A CA    1 
ATOM   845  C C     . GLY A 1 111 ? -2.533  17.651  -8.315  1.00 29.49 ? 112 GLY A C     1 
ATOM   846  O O     . GLY A 1 111 ? -2.991  18.197  -7.292  1.00 29.80 ? 112 GLY A O     1 
ATOM   847  N N     . ASN A 1 112 ? -3.182  17.540  -9.471  1.00 30.37 ? 113 ASN A N     1 
ATOM   848  C CA    . ASN A 1 112 ? -4.541  18.137  -9.564  1.00 31.68 ? 113 ASN A CA    1 
ATOM   849  C C     . ASN A 1 112 ? -5.320  17.407  -10.639 1.00 31.13 ? 113 ASN A C     1 
ATOM   850  O O     . ASN A 1 112 ? -5.044  17.571  -11.842 1.00 32.19 ? 113 ASN A O     1 
ATOM   851  C CB    . ASN A 1 112 ? -4.260  19.625  -9.777  1.00 33.79 ? 113 ASN A CB    1 
ATOM   852  C CG    . ASN A 1 112 ? -5.350  20.132  -10.709 1.00 35.57 ? 113 ASN A CG    1 
ATOM   853  O OD1   . ASN A 1 112 ? -6.411  20.448  -10.148 1.00 37.28 ? 113 ASN A OD1   1 
ATOM   854  N ND2   . ASN A 1 112 ? -5.038  20.114  -12.004 1.00 36.21 ? 113 ASN A ND2   1 
ATOM   855  N N     . PRO A 1 113 ? -6.270  16.562  -10.276 1.00 30.05 ? 114 PRO A N     1 
ATOM   856  C CA    . PRO A 1 113 ? -6.710  16.198  -8.925  1.00 28.45 ? 114 PRO A CA    1 
ATOM   857  C C     . PRO A 1 113 ? -5.624  15.806  -7.927  1.00 26.57 ? 114 PRO A C     1 
ATOM   858  O O     . PRO A 1 113 ? -4.621  15.174  -8.284  1.00 26.31 ? 114 PRO A O     1 
ATOM   859  C CB    . PRO A 1 113 ? -7.606  14.978  -9.211  1.00 29.46 ? 114 PRO A CB    1 
ATOM   860  C CG    . PRO A 1 113 ? -7.155  14.488  -10.586 1.00 29.51 ? 114 PRO A CG    1 
ATOM   861  C CD    . PRO A 1 113 ? -7.002  15.813  -11.332 1.00 29.45 ? 114 PRO A CD    1 
ATOM   862  N N     . TYR A 1 114 ? -5.805  16.179  -6.676  1.00 24.42 ? 115 TYR A N     1 
ATOM   863  C CA    . TYR A 1 114 ? -4.861  15.911  -5.574  1.00 22.54 ? 115 TYR A CA    1 
ATOM   864  C C     . TYR A 1 114 ? -5.136  14.498  -5.076  1.00 21.49 ? 115 TYR A C     1 
ATOM   865  O O     . TYR A 1 114 ? -6.103  14.363  -4.326  1.00 21.02 ? 115 TYR A O     1 
ATOM   866  C CB    . TYR A 1 114 ? -5.118  16.901  -4.445  1.00 21.71 ? 115 TYR A CB    1 
ATOM   867  C CG    . TYR A 1 114 ? -4.080  17.165  -3.411  1.00 21.26 ? 115 TYR A CG    1 
ATOM   868  C CD1   . TYR A 1 114 ? -2.775  17.562  -3.780  1.00 21.29 ? 115 TYR A CD1   1 
ATOM   869  C CD2   . TYR A 1 114 ? -4.399  17.091  -2.049  1.00 20.52 ? 115 TYR A CD2   1 
ATOM   870  C CE1   . TYR A 1 114 ? -1.827  17.840  -2.786  1.00 21.39 ? 115 TYR A CE1   1 
ATOM   871  C CE2   . TYR A 1 114 ? -3.462  17.365  -1.070  1.00 20.60 ? 115 TYR A CE2   1 
ATOM   872  C CZ    . TYR A 1 114 ? -2.170  17.735  -1.432  1.00 20.92 ? 115 TYR A CZ    1 
ATOM   873  O OH    . TYR A 1 114 ? -1.256  17.986  -0.445  1.00 21.05 ? 115 TYR A OH    1 
ATOM   874  N N     . VAL A 1 115 ? -4.313  13.573  -5.502  1.00 20.68 ? 116 VAL A N     1 
ATOM   875  C CA    . VAL A 1 115 ? -4.457  12.155  -5.157  1.00 19.93 ? 116 VAL A CA    1 
ATOM   876  C C     . VAL A 1 115 ? -3.187  11.561  -4.547  1.00 19.12 ? 116 VAL A C     1 
ATOM   877  O O     . VAL A 1 115 ? -2.122  12.170  -4.631  1.00 18.06 ? 116 VAL A O     1 
ATOM   878  C CB    . VAL A 1 115 ? -4.848  11.386  -6.444  1.00 20.04 ? 116 VAL A CB    1 
ATOM   879  C CG1   . VAL A 1 115 ? -6.143  11.942  -7.043  1.00 21.37 ? 116 VAL A CG1   1 
ATOM   880  C CG2   . VAL A 1 115 ? -3.741  11.439  -7.483  1.00 20.19 ? 116 VAL A CG2   1 
ATOM   881  N N     . PRO A 1 116 ? -3.371  10.377  -3.954  1.00 18.87 ? 117 PRO A N     1 
ATOM   882  C CA    . PRO A 1 116 ? -2.263  9.665   -3.306  1.00 18.08 ? 117 PRO A CA    1 
ATOM   883  C C     . PRO A 1 116 ? -1.232  9.221   -4.335  1.00 17.20 ? 117 PRO A C     1 
ATOM   884  O O     . PRO A 1 116 ? -1.630  8.685   -5.389  1.00 16.38 ? 117 PRO A O     1 
ATOM   885  C CB    . PRO A 1 116 ? -2.897  8.463   -2.615  1.00 18.36 ? 117 PRO A CB    1 
ATOM   886  C CG    . PRO A 1 116 ? -4.378  8.745   -2.602  1.00 18.69 ? 117 PRO A CG    1 
ATOM   887  C CD    . PRO A 1 116 ? -4.632  9.643   -3.802  1.00 18.70 ? 117 PRO A CD    1 
ATOM   888  N N     . VAL A 1 117 ? 0.039   9.436   -3.996  1.00 16.13 ? 118 VAL A N     1 
ATOM   889  C CA    . VAL A 1 117 ? 1.137   9.039   -4.894  1.00 15.59 ? 118 VAL A CA    1 
ATOM   890  C C     . VAL A 1 117 ? 2.142   8.117   -4.172  1.00 15.59 ? 118 VAL A C     1 
ATOM   891  O O     . VAL A 1 117 ? 2.921   7.441   -4.862  1.00 15.39 ? 118 VAL A O     1 
ATOM   892  C CB    . VAL A 1 117 ? 1.818   10.222  -5.590  1.00 15.53 ? 118 VAL A CB    1 
ATOM   893  C CG1   . VAL A 1 117 ? 0.929   10.933  -6.613  1.00 15.63 ? 118 VAL A CG1   1 
ATOM   894  C CG2   . VAL A 1 117 ? 2.472   11.186  -4.617  1.00 15.23 ? 118 VAL A CG2   1 
ATOM   895  N N     . HIS A 1 118 ? 2.055   8.102   -2.848  1.00 15.43 ? 119 HIS A N     1 
ATOM   896  C CA    . HIS A 1 118 ? 2.985   7.260   -2.075  1.00 15.67 ? 119 HIS A CA    1 
ATOM   897  C C     . HIS A 1 118 ? 2.332   6.777   -0.782  1.00 15.71 ? 119 HIS A C     1 
ATOM   898  O O     . HIS A 1 118 ? 1.662   7.605   -0.136  1.00 15.59 ? 119 HIS A O     1 
ATOM   899  C CB    . HIS A 1 118 ? 4.259   8.061   -1.663  1.00 16.18 ? 119 HIS A CB    1 
ATOM   900  C CG    . HIS A 1 118 ? 5.321   7.277   -0.921  1.00 16.50 ? 119 HIS A CG    1 
ATOM   901  N ND1   . HIS A 1 118 ? 5.831   6.056   -1.296  1.00 17.11 ? 119 HIS A ND1   1 
ATOM   902  C CD2   . HIS A 1 118 ? 5.985   7.599   0.198   1.00 16.19 ? 119 HIS A CD2   1 
ATOM   903  C CE1   . HIS A 1 118 ? 6.771   5.643   -0.464  1.00 16.13 ? 119 HIS A CE1   1 
ATOM   904  N NE2   . HIS A 1 118 ? 6.867   6.584   0.445   1.00 17.29 ? 119 HIS A NE2   1 
ATOM   905  N N     . PHE A 1 119 ? 2.565   5.529   -0.453  1.00 15.13 ? 120 PHE A N     1 
ATOM   906  C CA    . PHE A 1 119 ? 2.047   4.973   0.805   1.00 16.28 ? 120 PHE A CA    1 
ATOM   907  C C     . PHE A 1 119 ? 3.168   5.242   1.825   1.00 17.10 ? 120 PHE A C     1 
ATOM   908  O O     . PHE A 1 119 ? 4.231   4.609   1.704   1.00 16.30 ? 120 PHE A O     1 
ATOM   909  C CB    . PHE A 1 119 ? 1.712   3.500   0.736   1.00 17.05 ? 120 PHE A CB    1 
ATOM   910  C CG    . PHE A 1 119 ? 0.944   2.953   1.898   1.00 17.29 ? 120 PHE A CG    1 
ATOM   911  C CD1   . PHE A 1 119 ? -0.466  3.032   1.888   1.00 18.17 ? 120 PHE A CD1   1 
ATOM   912  C CD2   . PHE A 1 119 ? 1.617   2.408   2.991   1.00 17.76 ? 120 PHE A CD2   1 
ATOM   913  C CE1   . PHE A 1 119 ? -1.219  2.536   2.960   1.00 18.03 ? 120 PHE A CE1   1 
ATOM   914  C CE2   . PHE A 1 119 ? 0.881   1.900   4.093   1.00 17.93 ? 120 PHE A CE2   1 
ATOM   915  C CZ    . PHE A 1 119 ? -0.529  1.951   4.040   1.00 18.01 ? 120 PHE A CZ    1 
ATOM   916  N N     . ASP A 1 120 ? 2.897   6.131   2.754   1.00 18.49 ? 121 ASP A N     1 
ATOM   917  C CA    . ASP A 1 120 ? 3.923   6.438   3.764   1.00 20.91 ? 121 ASP A CA    1 
ATOM   918  C C     . ASP A 1 120 ? 3.979   5.379   4.854   1.00 20.49 ? 121 ASP A C     1 
ATOM   919  O O     . ASP A 1 120 ? 5.052   4.820   5.147   1.00 20.59 ? 121 ASP A O     1 
ATOM   920  C CB    . ASP A 1 120 ? 3.709   7.828   4.352   1.00 24.18 ? 121 ASP A CB    1 
ATOM   921  C CG    . ASP A 1 120 ? 3.963   8.915   3.346   1.00 27.98 ? 121 ASP A CG    1 
ATOM   922  O OD1   . ASP A 1 120 ? 3.374   8.841   2.229   1.00 30.07 ? 121 ASP A OD1   1 
ATOM   923  O OD2   . ASP A 1 120 ? 4.753   9.849   3.579   1.00 30.19 ? 121 ASP A OD2   1 
ATOM   924  N N     . ALA A 1 121 ? 2.876   5.089   5.504   1.00 19.66 ? 122 ALA A N     1 
ATOM   925  C CA    . ALA A 1 121 ? 2.913   4.095   6.581   1.00 19.47 ? 122 ALA A CA    1 
ATOM   926  C C     . ALA A 1 121 ? 1.486   3.907   7.063   1.00 19.84 ? 122 ALA A C     1 
ATOM   927  O O     . ALA A 1 121 ? 0.619   4.547   6.464   1.00 19.21 ? 122 ALA A O     1 
ATOM   928  C CB    . ALA A 1 121 ? 3.703   4.748   7.714   1.00 19.78 ? 122 ALA A CB    1 
ATOM   929  N N     . SER A 1 122 ? 1.350   3.105   8.095   1.00 20.25 ? 123 SER A N     1 
ATOM   930  C CA    . SER A 1 122 ? 0.011   2.900   8.688   1.00 20.20 ? 123 SER A CA    1 
ATOM   931  C C     . SER A 1 122 ? 0.250   2.902   10.195  1.00 19.43 ? 123 SER A C     1 
ATOM   932  O O     . SER A 1 122 ? 1.395   2.707   10.645  1.00 18.09 ? 123 SER A O     1 
ATOM   933  C CB    . SER A 1 122 ? -0.636  1.664   8.106   1.00 21.35 ? 123 SER A CB    1 
ATOM   934  O OG    . SER A 1 122 ? 0.011   0.473   8.453   1.00 23.07 ? 123 SER A OG    1 
ATOM   935  N N     . VAL A 1 123 ? -0.799  3.149   10.943  1.00 19.47 ? 124 VAL A N     1 
ATOM   936  C CA    . VAL A 1 123 ? -0.729  3.108   12.419  1.00 19.90 ? 124 VAL A CA    1 
ATOM   937  C C     . VAL A 1 123 ? -2.038  2.535   12.991  1.00 19.14 ? 124 VAL A C     1 
ATOM   938  O O     . VAL A 1 123 ? -3.099  3.139   12.762  1.00 18.67 ? 124 VAL A O     1 
ATOM   939  C CB    . VAL A 1 123 ? -0.271  4.422   13.043  1.00 20.72 ? 124 VAL A CB    1 
ATOM   940  C CG1   . VAL A 1 123 ? -0.945  5.620   12.447  1.00 21.28 ? 124 VAL A CG1   1 
ATOM   941  C CG2   . VAL A 1 123 ? -0.292  4.317   14.589  1.00 21.67 ? 124 VAL A CG2   1 
ATOM   942  O OXT   . VAL A 1 123 ? -1.960  1.461   13.615  1.00 18.92 ? 124 VAL A OXT   1 
HETATM 943  C C1    . AEN B 2 .   ? 9.257   8.103   -1.977  1.00 33.26 ? 125 AEN A C1    1 
HETATM 944  C C2    . AEN B 2 .   ? 10.018  7.007   -1.563  1.00 33.34 ? 125 AEN A C2    1 
HETATM 945  C C3    . AEN B 2 .   ? 9.829   5.745   -2.141  1.00 32.97 ? 125 AEN A C3    1 
HETATM 946  C C4    . AEN B 2 .   ? 8.853   5.580   -3.127  1.00 33.05 ? 125 AEN A C4    1 
HETATM 947  C C5    . AEN B 2 .   ? 7.104   6.465   -4.523  1.00 29.14 ? 125 AEN A C5    1 
HETATM 948  C C6    . AEN B 2 .   ? 6.341   7.538   -4.951  1.00 29.50 ? 125 AEN A C6    1 
HETATM 949  C C7    . AEN B 2 .   ? 6.528   8.813   -4.420  1.00 30.58 ? 125 AEN A C7    1 
HETATM 950  C C8    . AEN B 2 .   ? 7.488   9.009   -3.435  1.00 31.35 ? 125 AEN A C8    1 
HETATM 951  C C9    . AEN B 2 .   ? 8.280   7.941   -2.990  1.00 32.12 ? 125 AEN A C9    1 
HETATM 952  C C10   . AEN B 2 .   ? 8.085   6.676   -3.547  1.00 31.09 ? 125 AEN A C10   1 
HETATM 953  C "C1'" . AEN B 2 .   ? 4.066   1.915   -2.811  1.00 17.40 ? 125 AEN A "C1'" 1 
HETATM 954  C "C2'" . AEN B 2 .   ? 4.082   3.230   -3.557  1.00 19.77 ? 125 AEN A "C2'" 1 
HETATM 955  O "O2'" . AEN B 2 .   ? 3.611   4.131   -2.870  1.00 20.10 ? 125 AEN A "O2'" 1 
HETATM 956  N "N3'" . AEN B 2 .   ? 4.466   3.414   -4.830  1.00 20.61 ? 125 AEN A "N3'" 1 
HETATM 957  C "C4'" . AEN B 2 .   ? 4.420   4.742   -5.429  1.00 22.18 ? 125 AEN A "C4'" 1 
HETATM 958  C "C5'" . AEN B 2 .   ? 5.826   4.966   -6.013  1.00 24.80 ? 125 AEN A "C5'" 1 
HETATM 959  N "N6'" . AEN B 2 .   ? 6.914   5.180   -5.053  1.00 26.65 ? 125 AEN A "N6'" 1 
HETATM 960  S S     . AEN B 2 .   ? 9.616   9.683   -1.212  1.00 35.39 ? 125 AEN A S     1 
HETATM 961  O O1S   . AEN B 2 .   ? 8.509   10.658  -0.948  1.00 35.44 ? 125 AEN A O1S   1 
HETATM 962  O O2S   . AEN B 2 .   ? 10.626  10.366  -2.112  1.00 35.35 ? 125 AEN A O2S   1 
HETATM 963  O O3S   . AEN B 2 .   ? 10.381  9.379   0.048   1.00 35.73 ? 125 AEN A O3S   1 
HETATM 964  O O     . HOH C 3 .   ? 2.774   12.397  -13.214 1.00 19.43 ? 126 HOH A O     1 
HETATM 965  O O     . HOH C 3 .   ? -10.896 17.095  6.919   1.00 24.54 ? 127 HOH A O     1 
HETATM 966  O O     . HOH C 3 .   ? -3.460  7.361   -6.899  1.00 17.47 ? 128 HOH A O     1 
HETATM 967  O O     . HOH C 3 .   ? -14.163 1.410   1.429   1.00 22.23 ? 129 HOH A O     1 
HETATM 968  O O     . HOH C 3 .   ? 2.168   -14.820 1.400   1.00 16.31 ? 130 HOH A O     1 
HETATM 969  O O     . HOH C 3 .   ? -0.614  13.038  -9.075  1.00 30.84 ? 131 HOH A O     1 
HETATM 970  O O     . HOH C 3 .   ? -8.734  -2.956  -6.657  1.00 29.67 ? 132 HOH A O     1 
HETATM 971  O O     . HOH C 3 .   ? -3.052  -7.764  12.812  1.00 38.77 ? 133 HOH A O     1 
HETATM 972  O O     . HOH C 3 .   ? 3.730   7.086   -7.374  1.00 15.78 ? 134 HOH A O     1 
HETATM 973  O O     . HOH C 3 .   ? -6.131  14.775  15.285  1.00 44.15 ? 135 HOH A O     1 
HETATM 974  O O     . HOH C 3 .   ? -11.580 7.840   3.735   1.00 17.18 ? 136 HOH A O     1 
HETATM 975  O O     . HOH C 3 .   ? -13.964 4.028   -5.759  1.00 25.05 ? 137 HOH A O     1 
HETATM 976  O O     . HOH C 3 .   ? 2.019   -15.566 5.375   1.00 15.69 ? 138 HOH A O     1 
HETATM 977  O O     . HOH C 3 .   ? -10.793 7.942   7.237   1.00 22.25 ? 139 HOH A O     1 
HETATM 978  O O     . HOH C 3 .   ? -12.640 1.011   -6.022  1.00 19.09 ? 140 HOH A O     1 
HETATM 979  O O     . HOH C 3 .   ? -2.643  -11.955 9.508   1.00 27.96 ? 141 HOH A O     1 
HETATM 980  O O     . HOH C 3 .   ? 1.601   -13.966 8.996   1.00 26.39 ? 142 HOH A O     1 
HETATM 981  O O     . HOH C 3 .   ? -6.972  18.875  5.895   1.00 34.19 ? 143 HOH A O     1 
HETATM 982  O O     . HOH C 3 .   ? -5.819  7.992   -7.729  1.00 24.47 ? 144 HOH A O     1 
HETATM 983  O O     . HOH C 3 .   ? -0.009  5.577   -16.436 1.00 22.32 ? 145 HOH A O     1 
HETATM 984  O O     . HOH C 3 .   ? -12.755 3.798   4.171   1.00 34.31 ? 146 HOH A O     1 
HETATM 985  O O     . HOH C 3 .   ? 5.741   -10.103 -11.060 1.00 28.31 ? 147 HOH A O     1 
HETATM 986  O O     . HOH C 3 .   ? -5.492  9.385   13.032  1.00 41.42 ? 148 HOH A O     1 
HETATM 987  O O     . HOH C 3 .   ? -1.534  -5.630  14.474  1.00 34.97 ? 149 HOH A O     1 
HETATM 988  O O     . HOH C 3 .   ? -8.616  -6.648  9.315   1.00 31.95 ? 150 HOH A O     1 
HETATM 989  O O     . HOH C 3 .   ? -6.978  -9.828  -4.773  1.00 42.41 ? 151 HOH A O     1 
HETATM 990  O O     . HOH C 3 .   ? -3.453  14.122  -10.392 1.00 25.63 ? 152 HOH A O     1 
HETATM 991  O O     . HOH C 3 .   ? -0.839  2.828   -16.339 1.00 26.73 ? 153 HOH A O     1 
HETATM 992  O O     . HOH C 3 .   ? -7.221  -6.756  -6.926  1.00 29.13 ? 154 HOH A O     1 
HETATM 993  O O     . HOH C 3 .   ? -12.655 6.248   5.859   1.00 25.32 ? 155 HOH A O     1 
HETATM 994  O O     . HOH C 3 .   ? -0.428  11.203  -11.484 1.00 19.61 ? 156 HOH A O     1 
HETATM 995  O O     . HOH C 3 .   ? -5.221  19.009  8.669   1.00 37.89 ? 157 HOH A O     1 
HETATM 996  O O     . HOH C 3 .   ? -6.255  -5.564  13.577  1.00 32.13 ? 158 HOH A O     1 
HETATM 997  O O     . HOH C 3 .   ? -9.760  14.217  -1.055  1.00 43.18 ? 159 HOH A O     1 
HETATM 998  O O     . HOH C 3 .   ? -6.164  18.823  1.351   1.00 33.52 ? 160 HOH A O     1 
HETATM 999  O O     . HOH C 3 .   ? 7.065   11.751  0.994   1.00 35.09 ? 161 HOH A O     1 
HETATM 1000 O O     . HOH C 3 .   ? -13.052 10.304  -2.529  1.00 31.67 ? 162 HOH A O     1 
HETATM 1001 O O     . HOH C 3 .   ? 5.783   8.100   -8.974  1.00 40.06 ? 163 HOH A O     1 
HETATM 1002 O O     . HOH C 3 .   ? -10.226 5.338   14.683  1.00 28.56 ? 164 HOH A O     1 
HETATM 1003 O O     . HOH C 3 .   ? -2.529  1.534   -12.674 1.00 24.67 ? 165 HOH A O     1 
HETATM 1004 O O     . HOH C 3 .   ? -0.106  -14.371 -8.828  1.00 30.24 ? 166 HOH A O     1 
HETATM 1005 O O     . HOH C 3 .   ? 0.984   19.035  -5.494  1.00 35.11 ? 167 HOH A O     1 
HETATM 1006 O O     . HOH C 3 .   ? -1.782  20.110  9.265   1.00 49.18 ? 168 HOH A O     1 
HETATM 1007 O O     . HOH C 3 .   ? 0.689   19.566  -0.863  1.00 35.48 ? 169 HOH A O     1 
HETATM 1008 O O     . HOH C 3 .   ? 8.584   7.272   -8.921  1.00 50.78 ? 170 HOH A O     1 
HETATM 1009 O O     . HOH C 3 .   ? 4.822   -2.605  -14.037 1.00 42.94 ? 171 HOH A O     1 
HETATM 1010 O O     . HOH C 3 .   ? -8.815  15.416  -2.516  1.00 56.67 ? 172 HOH A O     1 
HETATM 1011 O O     . HOH C 3 .   ? 7.681   2.210   -1.677  1.00 25.92 ? 173 HOH A O     1 
HETATM 1012 O O     . HOH C 3 .   ? 5.218   -3.021  7.588   1.00 45.51 ? 174 HOH A O     1 
HETATM 1013 O O     . HOH C 3 .   ? -4.933  12.288  -10.950 1.00 51.28 ? 175 HOH A O     1 
HETATM 1014 O O     . HOH C 3 .   ? -13.180 -3.057  -0.866  1.00 46.45 ? 176 HOH A O     1 
HETATM 1015 O O     . HOH C 3 .   ? -13.943 1.754   7.334   1.00 38.57 ? 177 HOH A O     1 
HETATM 1016 O O     . HOH C 3 .   ? 6.154   13.577  0.076   1.00 41.02 ? 178 HOH A O     1 
HETATM 1017 O O     . HOH C 3 .   ? -15.590 -0.012  7.898   1.00 39.09 ? 179 HOH A O     1 
HETATM 1018 O O     . HOH C 3 .   ? 5.752   -1.375  5.487   1.00 78.86 ? 180 HOH A O     1 
HETATM 1019 O O     . HOH C 3 .   ? -14.973 -0.406  -4.962  1.00 46.64 ? 181 HOH A O     1 
HETATM 1020 O O     . HOH C 3 .   ? 7.186   -2.172  -9.965  1.00 35.81 ? 182 HOH A O     1 
HETATM 1021 O O     . HOH C 3 .   ? -12.308 6.458   -7.528  1.00 38.60 ? 183 HOH A O     1 
HETATM 1022 O O     . HOH C 3 .   ? 5.688   -13.648 -4.568  1.00 31.88 ? 184 HOH A O     1 
HETATM 1023 O O     . HOH C 3 .   ? 2.479   -3.818  -14.654 1.00 39.67 ? 185 HOH A O     1 
HETATM 1024 O O     . HOH C 3 .   ? 4.006   -0.065  1.348   1.00 20.02 ? 186 HOH A O     1 
HETATM 1025 O O     . HOH C 3 .   ? -3.433  8.819   -13.730 1.00 28.24 ? 187 HOH A O     1 
HETATM 1026 O O     . HOH C 3 .   ? -1.761  21.788  7.921   1.00 41.61 ? 188 HOH A O     1 
HETATM 1027 O O     . HOH C 3 .   ? 4.593   9.169   -20.201 1.00 51.37 ? 189 HOH A O     1 
HETATM 1028 O O     . HOH C 3 .   ? 5.065   14.034  -2.732  1.00 50.63 ? 190 HOH A O     1 
HETATM 1029 O O     . HOH C 3 .   ? -5.882  20.014  3.857   1.00 35.21 ? 191 HOH A O     1 
HETATM 1030 O O     . HOH C 3 .   ? -13.039 -1.044  6.869   1.00 40.78 ? 192 HOH A O     1 
HETATM 1031 O O     . HOH C 3 .   ? 6.429   -1.001  -2.049  1.00 43.87 ? 193 HOH A O     1 
HETATM 1032 O O     . HOH C 3 .   ? -12.709 3.340   6.949   1.00 29.69 ? 194 HOH A O     1 
HETATM 1033 O O     . HOH C 3 .   ? -0.479  19.704  1.280   1.00 45.13 ? 195 HOH A O     1 
HETATM 1034 O O     . HOH C 3 .   ? -3.119  -12.076 -7.573  1.00 32.94 ? 196 HOH A O     1 
HETATM 1035 O O     . HOH C 3 .   ? 1.326   15.818  -14.222 1.00 55.08 ? 197 HOH A O     1 
HETATM 1036 O O     . HOH C 3 .   ? -4.536  -15.407 -1.797  1.00 37.26 ? 198 HOH A O     1 
HETATM 1037 O O     . HOH C 3 .   ? -9.757  9.521   -11.513 1.00 47.66 ? 199 HOH A O     1 
HETATM 1038 O O     . HOH C 3 .   ? 9.575   4.617   1.315   1.00 40.47 ? 200 HOH A O     1 
HETATM 1039 O O     . HOH C 3 .   ? -0.611  -12.516 -13.133 1.00 34.81 ? 201 HOH A O     1 
HETATM 1040 O O     . HOH C 3 .   ? -9.996  17.374  -4.136  1.00 53.58 ? 202 HOH A O     1 
HETATM 1041 O O     . HOH C 3 .   ? -13.368 11.431  -7.071  1.00 49.18 ? 203 HOH A O     1 
HETATM 1042 O O     . HOH C 3 .   ? -1.342  16.537  14.101  1.00 44.07 ? 204 HOH A O     1 
HETATM 1043 O O     . HOH C 3 .   ? -6.243  18.310  16.235  1.00 56.61 ? 205 HOH A O     1 
HETATM 1044 O O     . HOH C 3 .   ? 2.170   18.166  -3.038  1.00 51.37 ? 206 HOH A O     1 
HETATM 1045 O O     . HOH C 3 .   ? 13.439  12.310  7.937   1.00 58.31 ? 207 HOH A O     1 
HETATM 1046 O O     . HOH C 3 .   ? 5.690   9.524   -13.846 1.00 41.46 ? 208 HOH A O     1 
HETATM 1047 O O     . HOH C 3 .   ? -3.093  17.124  15.666  1.00 34.07 ? 209 HOH A O     1 
HETATM 1048 O O     . HOH C 3 .   ? 5.830   9.485   1.738   1.00 27.11 ? 210 HOH A O     1 
HETATM 1049 O O     . HOH C 3 .   ? -10.892 -0.852  13.923  1.00 39.54 ? 211 HOH A O     1 
HETATM 1050 O O     . HOH C 3 .   ? -4.600  -11.788 11.518  1.00 46.00 ? 212 HOH A O     1 
HETATM 1051 O O     . HOH C 3 .   ? 4.913   8.413   6.249   1.00 24.06 ? 213 HOH A O     1 
HETATM 1052 O O     . HOH C 3 .   ? -16.650 4.824   -2.211  1.00 46.25 ? 214 HOH A O     1 
HETATM 1053 O O     . HOH C 3 .   ? -3.692  -8.256  -9.129  1.00 21.12 ? 215 HOH A O     1 
HETATM 1054 O O     . HOH C 3 .   ? -9.120  8.942   14.490  1.00 25.39 ? 216 HOH A O     1 
HETATM 1055 O O     . HOH C 3 .   ? -7.679  12.202  13.477  1.00 28.31 ? 217 HOH A O     1 
HETATM 1056 O O     . HOH C 3 .   ? 2.269   8.602   -18.795 1.00 39.44 ? 218 HOH A O     1 
HETATM 1057 O O     . HOH C 3 .   ? 4.946   2.104   0.355   1.00 44.00 ? 219 HOH A O     1 
HETATM 1058 O O     . HOH C 3 .   ? -14.127 -10.452 0.371   1.00 44.94 ? 220 HOH A O     1 
HETATM 1059 O O     . HOH C 3 .   ? 0.994   8.780   12.976  1.00 36.46 ? 221 HOH A O     1 
HETATM 1060 O O     . HOH C 3 .   ? 10.754  -5.181  -7.478  1.00 37.69 ? 222 HOH A O     1 
HETATM 1061 O O     . HOH C 3 .   ? 3.955   -9.407  7.062   1.00 20.24 ? 223 HOH A O     1 
HETATM 1062 O O     . HOH C 3 .   ? 8.387   10.411  3.570   1.00 44.26 ? 224 HOH A O     1 
HETATM 1063 O O     . HOH C 3 .   ? -15.508 7.729   -0.972  1.00 49.32 ? 225 HOH A O     1 
# 
